data_6IKT
# 
_entry.id   6IKT 
# 
_audit_conform.dict_name       mmcif_pdbx.dic 
_audit_conform.dict_version    5.398 
_audit_conform.dict_location   http://mmcif.pdb.org/dictionaries/ascii/mmcif_pdbx.dic 
# 
loop_
_database_2.database_id 
_database_2.database_code 
_database_2.pdbx_database_accession 
_database_2.pdbx_DOI 
PDB   6IKT         pdb_00006ikt 10.2210/pdb6ikt/pdb 
WWPDB D_1300009179 ?            ?                   
# 
loop_
_pdbx_audit_revision_history.ordinal 
_pdbx_audit_revision_history.data_content_type 
_pdbx_audit_revision_history.major_revision 
_pdbx_audit_revision_history.minor_revision 
_pdbx_audit_revision_history.revision_date 
1 'Structure model' 1 0 2019-10-23 
2 'Structure model' 1 1 2023-11-22 
3 'Structure model' 1 2 2024-11-06 
# 
_pdbx_audit_revision_details.ordinal             1 
_pdbx_audit_revision_details.revision_ordinal    1 
_pdbx_audit_revision_details.data_content_type   'Structure model' 
_pdbx_audit_revision_details.provider            repository 
_pdbx_audit_revision_details.type                'Initial release' 
_pdbx_audit_revision_details.description         ? 
_pdbx_audit_revision_details.details             ? 
# 
loop_
_pdbx_audit_revision_group.ordinal 
_pdbx_audit_revision_group.revision_ordinal 
_pdbx_audit_revision_group.data_content_type 
_pdbx_audit_revision_group.group 
1 2 'Structure model' 'Data collection'        
2 2 'Structure model' 'Database references'    
3 2 'Structure model' 'Derived calculations'   
4 2 'Structure model' 'Refinement description' 
5 3 'Structure model' 'Structure summary'      
# 
loop_
_pdbx_audit_revision_category.ordinal 
_pdbx_audit_revision_category.revision_ordinal 
_pdbx_audit_revision_category.data_content_type 
_pdbx_audit_revision_category.category 
1 2 'Structure model' chem_comp_atom                
2 2 'Structure model' chem_comp_bond                
3 2 'Structure model' database_2                    
4 2 'Structure model' pdbx_initial_refinement_model 
5 2 'Structure model' struct_conn                   
6 2 'Structure model' struct_conn_type              
7 3 'Structure model' pdbx_entry_details            
8 3 'Structure model' pdbx_modification_feature     
# 
loop_
_pdbx_audit_revision_item.ordinal 
_pdbx_audit_revision_item.revision_ordinal 
_pdbx_audit_revision_item.data_content_type 
_pdbx_audit_revision_item.item 
1  2 'Structure model' '_database_2.pdbx_DOI'                
2  2 'Structure model' '_database_2.pdbx_database_accession' 
3  2 'Structure model' '_struct_conn.conn_type_id'           
4  2 'Structure model' '_struct_conn.id'                     
5  2 'Structure model' '_struct_conn.pdbx_dist_value'        
6  2 'Structure model' '_struct_conn.pdbx_leaving_atom_flag' 
7  2 'Structure model' '_struct_conn.ptnr1_auth_comp_id'     
8  2 'Structure model' '_struct_conn.ptnr1_auth_seq_id'      
9  2 'Structure model' '_struct_conn.ptnr1_label_asym_id'    
10 2 'Structure model' '_struct_conn.ptnr1_label_atom_id'    
11 2 'Structure model' '_struct_conn.ptnr1_label_comp_id'    
12 2 'Structure model' '_struct_conn.ptnr1_label_seq_id'     
13 2 'Structure model' '_struct_conn.ptnr2_auth_comp_id'     
14 2 'Structure model' '_struct_conn.ptnr2_auth_seq_id'      
15 2 'Structure model' '_struct_conn.ptnr2_label_asym_id'    
16 2 'Structure model' '_struct_conn.ptnr2_label_atom_id'    
17 2 'Structure model' '_struct_conn.ptnr2_label_comp_id'    
18 2 'Structure model' '_struct_conn.ptnr2_label_seq_id'     
19 2 'Structure model' '_struct_conn.ptnr2_symmetry'         
20 2 'Structure model' '_struct_conn_type.id'                
# 
_pdbx_database_status.status_code                     REL 
_pdbx_database_status.status_code_sf                  REL 
_pdbx_database_status.status_code_mr                  ? 
_pdbx_database_status.entry_id                        6IKT 
_pdbx_database_status.recvd_initial_deposition_date   2018-10-16 
_pdbx_database_status.SG_entry                        N 
_pdbx_database_status.deposit_site                    PDBJ 
_pdbx_database_status.process_site                    PDBJ 
_pdbx_database_status.status_code_cs                  ? 
_pdbx_database_status.methods_development_category    ? 
_pdbx_database_status.pdb_format_compatible           Y 
_pdbx_database_status.status_code_nmr_data            ? 
# 
loop_
_audit_author.name 
_audit_author.pdbx_ordinal 
_audit_author.identifier_ORCID 
'Lee, I.H.'  1 ? 
'Kang, L.W.' 2 ? 
# 
_citation.abstract                  ? 
_citation.abstract_id_CAS           ? 
_citation.book_id_ISBN              ? 
_citation.book_publisher            ? 
_citation.book_publisher_city       ? 
_citation.book_title                ? 
_citation.coordinate_linkage        ? 
_citation.country                   ? 
_citation.database_id_Medline       ? 
_citation.details                   ? 
_citation.id                        primary 
_citation.journal_abbrev            'To be published' 
_citation.journal_id_ASTM           ? 
_citation.journal_id_CSD            0353 
_citation.journal_id_ISSN           ? 
_citation.journal_full              ? 
_citation.journal_issue             ? 
_citation.journal_volume            ? 
_citation.language                  ? 
_citation.page_first                ? 
_citation.page_last                 ? 
_citation.title                     'K1U complex structure of peptide deformylase from Xanthomonas oryzae pv. oryzae' 
_citation.year                      ? 
_citation.database_id_CSD           ? 
_citation.pdbx_database_id_DOI      ? 
_citation.pdbx_database_id_PubMed   ? 
_citation.unpublished_flag          ? 
# 
loop_
_citation_author.citation_id 
_citation_author.name 
_citation_author.ordinal 
_citation_author.identifier_ORCID 
primary 'Lee, I.H.'  1 ? 
primary 'Kang, L.W.' 2 ? 
# 
loop_
_entity.id 
_entity.type 
_entity.src_method 
_entity.pdbx_description 
_entity.formula_weight 
_entity.pdbx_number_of_molecules 
_entity.pdbx_ec 
_entity.pdbx_mutation 
_entity.pdbx_fragment 
_entity.details 
1 polymer     man 'Peptide deformylase'                                                18901.410 1  3.5.1.88 ? ? ? 
2 non-polymer syn 'CADMIUM ION'                                                        112.411   2  ?        ? ? ? 
3 non-polymer syn 'NICKEL (II) ION'                                                    58.693    2  ?        ? ? ? 
4 non-polymer syn '(3R)-3-benzyl-4-oxo-4-[(2-oxo-2-phenylethyl)sulfanyl]butanoic acid' 342.409   1  ?        ? ? ? 
5 water       nat water                                                                18.015    38 ?        ? ? ? 
# 
_entity_name_com.entity_id   1 
_entity_name_com.name        'PDF,Polypeptide deformylase' 
# 
_entity_poly.entity_id                      1 
_entity_poly.type                           'polypeptide(L)' 
_entity_poly.nstd_linkage                   no 
_entity_poly.nstd_monomer                   yes 
_entity_poly.pdbx_seq_one_letter_code       
;MIRDIIRMGDKRLLRVAPQVTNLGSAELHALVSDMFETMGAAHGVGLAAPQIAVDLQLMVFGFEASERYPEAPAVPLTAL
ANAQIEPLSDEMENGWEG(CSD)LSIPGLRAVIPRYRYIRYRGFAPDGSPIEREAEGFHARVVQHEYDHLVGRLYPSRIE
NFDTFGFDDVLSY
;
_entity_poly.pdbx_seq_one_letter_code_can   
;MIRDIIRMGDKRLLRVAPQVTNLGSAELHALVSDMFETMGAAHGVGLAAPQIAVDLQLMVFGFEASERYPEAPAVPLTAL
ANAQIEPLSDEMENGWEGCLSIPGLRAVIPRYRYIRYRGFAPDGSPIEREAEGFHARVVQHEYDHLVGRLYPSRIENFDT
FGFDDVLSY
;
_entity_poly.pdbx_strand_id                 A 
_entity_poly.pdbx_target_identifier         ? 
# 
loop_
_pdbx_entity_nonpoly.entity_id 
_pdbx_entity_nonpoly.name 
_pdbx_entity_nonpoly.comp_id 
2 'CADMIUM ION'                                                        CD  
3 'NICKEL (II) ION'                                                    NI  
4 '(3R)-3-benzyl-4-oxo-4-[(2-oxo-2-phenylethyl)sulfanyl]butanoic acid' K1U 
5 water                                                                HOH 
# 
loop_
_entity_poly_seq.entity_id 
_entity_poly_seq.num 
_entity_poly_seq.mon_id 
_entity_poly_seq.hetero 
1 1   MET n 
1 2   ILE n 
1 3   ARG n 
1 4   ASP n 
1 5   ILE n 
1 6   ILE n 
1 7   ARG n 
1 8   MET n 
1 9   GLY n 
1 10  ASP n 
1 11  LYS n 
1 12  ARG n 
1 13  LEU n 
1 14  LEU n 
1 15  ARG n 
1 16  VAL n 
1 17  ALA n 
1 18  PRO n 
1 19  GLN n 
1 20  VAL n 
1 21  THR n 
1 22  ASN n 
1 23  LEU n 
1 24  GLY n 
1 25  SER n 
1 26  ALA n 
1 27  GLU n 
1 28  LEU n 
1 29  HIS n 
1 30  ALA n 
1 31  LEU n 
1 32  VAL n 
1 33  SER n 
1 34  ASP n 
1 35  MET n 
1 36  PHE n 
1 37  GLU n 
1 38  THR n 
1 39  MET n 
1 40  GLY n 
1 41  ALA n 
1 42  ALA n 
1 43  HIS n 
1 44  GLY n 
1 45  VAL n 
1 46  GLY n 
1 47  LEU n 
1 48  ALA n 
1 49  ALA n 
1 50  PRO n 
1 51  GLN n 
1 52  ILE n 
1 53  ALA n 
1 54  VAL n 
1 55  ASP n 
1 56  LEU n 
1 57  GLN n 
1 58  LEU n 
1 59  MET n 
1 60  VAL n 
1 61  PHE n 
1 62  GLY n 
1 63  PHE n 
1 64  GLU n 
1 65  ALA n 
1 66  SER n 
1 67  GLU n 
1 68  ARG n 
1 69  TYR n 
1 70  PRO n 
1 71  GLU n 
1 72  ALA n 
1 73  PRO n 
1 74  ALA n 
1 75  VAL n 
1 76  PRO n 
1 77  LEU n 
1 78  THR n 
1 79  ALA n 
1 80  LEU n 
1 81  ALA n 
1 82  ASN n 
1 83  ALA n 
1 84  GLN n 
1 85  ILE n 
1 86  GLU n 
1 87  PRO n 
1 88  LEU n 
1 89  SER n 
1 90  ASP n 
1 91  GLU n 
1 92  MET n 
1 93  GLU n 
1 94  ASN n 
1 95  GLY n 
1 96  TRP n 
1 97  GLU n 
1 98  GLY n 
1 99  CSD n 
1 100 LEU n 
1 101 SER n 
1 102 ILE n 
1 103 PRO n 
1 104 GLY n 
1 105 LEU n 
1 106 ARG n 
1 107 ALA n 
1 108 VAL n 
1 109 ILE n 
1 110 PRO n 
1 111 ARG n 
1 112 TYR n 
1 113 ARG n 
1 114 TYR n 
1 115 ILE n 
1 116 ARG n 
1 117 TYR n 
1 118 ARG n 
1 119 GLY n 
1 120 PHE n 
1 121 ALA n 
1 122 PRO n 
1 123 ASP n 
1 124 GLY n 
1 125 SER n 
1 126 PRO n 
1 127 ILE n 
1 128 GLU n 
1 129 ARG n 
1 130 GLU n 
1 131 ALA n 
1 132 GLU n 
1 133 GLY n 
1 134 PHE n 
1 135 HIS n 
1 136 ALA n 
1 137 ARG n 
1 138 VAL n 
1 139 VAL n 
1 140 GLN n 
1 141 HIS n 
1 142 GLU n 
1 143 TYR n 
1 144 ASP n 
1 145 HIS n 
1 146 LEU n 
1 147 VAL n 
1 148 GLY n 
1 149 ARG n 
1 150 LEU n 
1 151 TYR n 
1 152 PRO n 
1 153 SER n 
1 154 ARG n 
1 155 ILE n 
1 156 GLU n 
1 157 ASN n 
1 158 PHE n 
1 159 ASP n 
1 160 THR n 
1 161 PHE n 
1 162 GLY n 
1 163 PHE n 
1 164 ASP n 
1 165 ASP n 
1 166 VAL n 
1 167 LEU n 
1 168 SER n 
1 169 TYR n 
# 
_entity_src_gen.entity_id                          1 
_entity_src_gen.pdbx_src_id                        1 
_entity_src_gen.pdbx_alt_source_flag               sample 
_entity_src_gen.pdbx_seq_type                      'Biological sequence' 
_entity_src_gen.pdbx_beg_seq_num                   1 
_entity_src_gen.pdbx_end_seq_num                   169 
_entity_src_gen.gene_src_common_name               ? 
_entity_src_gen.gene_src_genus                     ? 
_entity_src_gen.pdbx_gene_src_gene                 'def, XOO1075' 
_entity_src_gen.gene_src_species                   ? 
_entity_src_gen.gene_src_strain                    'KACC10331 / KXO85' 
_entity_src_gen.gene_src_tissue                    ? 
_entity_src_gen.gene_src_tissue_fraction           ? 
_entity_src_gen.gene_src_details                   ? 
_entity_src_gen.pdbx_gene_src_fragment             ? 
_entity_src_gen.pdbx_gene_src_scientific_name      'Xanthomonas oryzae pv. oryzae' 
_entity_src_gen.pdbx_gene_src_ncbi_taxonomy_id     291331 
_entity_src_gen.pdbx_gene_src_variant              ? 
_entity_src_gen.pdbx_gene_src_cell_line            ? 
_entity_src_gen.pdbx_gene_src_atcc                 ? 
_entity_src_gen.pdbx_gene_src_organ                ? 
_entity_src_gen.pdbx_gene_src_organelle            ? 
_entity_src_gen.pdbx_gene_src_cell                 ? 
_entity_src_gen.pdbx_gene_src_cellular_location    ? 
_entity_src_gen.host_org_common_name               ? 
_entity_src_gen.pdbx_host_org_scientific_name      'Escherichia coli BL21(DE3)' 
_entity_src_gen.pdbx_host_org_ncbi_taxonomy_id     469008 
_entity_src_gen.host_org_genus                     ? 
_entity_src_gen.pdbx_host_org_gene                 ? 
_entity_src_gen.pdbx_host_org_organ                ? 
_entity_src_gen.host_org_species                   ? 
_entity_src_gen.pdbx_host_org_tissue               ? 
_entity_src_gen.pdbx_host_org_tissue_fraction      ? 
_entity_src_gen.pdbx_host_org_strain               'BL21(DE3)' 
_entity_src_gen.pdbx_host_org_variant              ? 
_entity_src_gen.pdbx_host_org_cell_line            ? 
_entity_src_gen.pdbx_host_org_atcc                 ? 
_entity_src_gen.pdbx_host_org_culture_collection   ? 
_entity_src_gen.pdbx_host_org_cell                 ? 
_entity_src_gen.pdbx_host_org_organelle            ? 
_entity_src_gen.pdbx_host_org_cellular_location    ? 
_entity_src_gen.pdbx_host_org_vector_type          plasmid 
_entity_src_gen.pdbx_host_org_vector               ? 
_entity_src_gen.host_org_details                   ? 
_entity_src_gen.expression_system_id               ? 
_entity_src_gen.plasmid_name                       pET11a 
_entity_src_gen.plasmid_details                    ? 
_entity_src_gen.pdbx_description                   ? 
# 
loop_
_chem_comp.id 
_chem_comp.type 
_chem_comp.mon_nstd_flag 
_chem_comp.name 
_chem_comp.pdbx_synonyms 
_chem_comp.formula 
_chem_comp.formula_weight 
ALA 'L-peptide linking' y ALANINE                                                              ? 'C3 H7 N O2'     89.093  
ARG 'L-peptide linking' y ARGININE                                                             ? 'C6 H15 N4 O2 1' 175.209 
ASN 'L-peptide linking' y ASPARAGINE                                                           ? 'C4 H8 N2 O3'    132.118 
ASP 'L-peptide linking' y 'ASPARTIC ACID'                                                      ? 'C4 H7 N O4'     133.103 
CD  non-polymer         . 'CADMIUM ION'                                                        ? 'Cd 2'           112.411 
CSD 'L-peptide linking' n 3-SULFINOALANINE                                                     
'S-CYSTEINESULFINIC ACID; S-SULFINOCYSTEINE' 'C3 H7 N O4 S'   153.157 
GLN 'L-peptide linking' y GLUTAMINE                                                            ? 'C5 H10 N2 O3'   146.144 
GLU 'L-peptide linking' y 'GLUTAMIC ACID'                                                      ? 'C5 H9 N O4'     147.129 
GLY 'peptide linking'   y GLYCINE                                                              ? 'C2 H5 N O2'     75.067  
HIS 'L-peptide linking' y HISTIDINE                                                            ? 'C6 H10 N3 O2 1' 156.162 
HOH non-polymer         . WATER                                                                ? 'H2 O'           18.015  
ILE 'L-peptide linking' y ISOLEUCINE                                                           ? 'C6 H13 N O2'    131.173 
K1U non-polymer         . '(3R)-3-benzyl-4-oxo-4-[(2-oxo-2-phenylethyl)sulfanyl]butanoic acid' ? 'C19 H18 O4 S'   342.409 
LEU 'L-peptide linking' y LEUCINE                                                              ? 'C6 H13 N O2'    131.173 
LYS 'L-peptide linking' y LYSINE                                                               ? 'C6 H15 N2 O2 1' 147.195 
MET 'L-peptide linking' y METHIONINE                                                           ? 'C5 H11 N O2 S'  149.211 
NI  non-polymer         . 'NICKEL (II) ION'                                                    ? 'Ni 2'           58.693  
PHE 'L-peptide linking' y PHENYLALANINE                                                        ? 'C9 H11 N O2'    165.189 
PRO 'L-peptide linking' y PROLINE                                                              ? 'C5 H9 N O2'     115.130 
SER 'L-peptide linking' y SERINE                                                               ? 'C3 H7 N O3'     105.093 
THR 'L-peptide linking' y THREONINE                                                            ? 'C4 H9 N O3'     119.119 
TRP 'L-peptide linking' y TRYPTOPHAN                                                           ? 'C11 H12 N2 O2'  204.225 
TYR 'L-peptide linking' y TYROSINE                                                             ? 'C9 H11 N O3'    181.189 
VAL 'L-peptide linking' y VALINE                                                               ? 'C5 H11 N O2'    117.146 
# 
loop_
_pdbx_poly_seq_scheme.asym_id 
_pdbx_poly_seq_scheme.entity_id 
_pdbx_poly_seq_scheme.seq_id 
_pdbx_poly_seq_scheme.mon_id 
_pdbx_poly_seq_scheme.ndb_seq_num 
_pdbx_poly_seq_scheme.pdb_seq_num 
_pdbx_poly_seq_scheme.auth_seq_num 
_pdbx_poly_seq_scheme.pdb_mon_id 
_pdbx_poly_seq_scheme.auth_mon_id 
_pdbx_poly_seq_scheme.pdb_strand_id 
_pdbx_poly_seq_scheme.pdb_ins_code 
_pdbx_poly_seq_scheme.hetero 
A 1 1   MET 1   1   1   MET MET A . n 
A 1 2   ILE 2   2   2   ILE ILE A . n 
A 1 3   ARG 3   3   3   ARG ARG A . n 
A 1 4   ASP 4   4   4   ASP ASP A . n 
A 1 5   ILE 5   5   5   ILE ILE A . n 
A 1 6   ILE 6   6   6   ILE ILE A . n 
A 1 7   ARG 7   7   7   ARG ARG A . n 
A 1 8   MET 8   8   8   MET MET A . n 
A 1 9   GLY 9   9   9   GLY GLY A . n 
A 1 10  ASP 10  10  10  ASP ASP A . n 
A 1 11  LYS 11  11  11  LYS LYS A . n 
A 1 12  ARG 12  12  12  ARG ARG A . n 
A 1 13  LEU 13  13  13  LEU LEU A . n 
A 1 14  LEU 14  14  14  LEU LEU A . n 
A 1 15  ARG 15  15  15  ARG ARG A . n 
A 1 16  VAL 16  16  16  VAL VAL A . n 
A 1 17  ALA 17  17  17  ALA ALA A . n 
A 1 18  PRO 18  18  18  PRO PRO A . n 
A 1 19  GLN 19  19  19  GLN GLN A . n 
A 1 20  VAL 20  20  20  VAL VAL A . n 
A 1 21  THR 21  21  21  THR THR A . n 
A 1 22  ASN 22  22  22  ASN ASN A . n 
A 1 23  LEU 23  23  23  LEU LEU A . n 
A 1 24  GLY 24  24  24  GLY GLY A . n 
A 1 25  SER 25  25  25  SER SER A . n 
A 1 26  ALA 26  26  26  ALA ALA A . n 
A 1 27  GLU 27  27  27  GLU GLU A . n 
A 1 28  LEU 28  28  28  LEU LEU A . n 
A 1 29  HIS 29  29  29  HIS HIS A . n 
A 1 30  ALA 30  30  30  ALA ALA A . n 
A 1 31  LEU 31  31  31  LEU LEU A . n 
A 1 32  VAL 32  32  32  VAL VAL A . n 
A 1 33  SER 33  33  33  SER SER A . n 
A 1 34  ASP 34  34  34  ASP ASP A . n 
A 1 35  MET 35  35  35  MET MET A . n 
A 1 36  PHE 36  36  36  PHE PHE A . n 
A 1 37  GLU 37  37  37  GLU GLU A . n 
A 1 38  THR 38  38  38  THR THR A . n 
A 1 39  MET 39  39  39  MET MET A . n 
A 1 40  GLY 40  40  40  GLY GLY A . n 
A 1 41  ALA 41  41  41  ALA ALA A . n 
A 1 42  ALA 42  42  42  ALA ALA A . n 
A 1 43  HIS 43  43  43  HIS HIS A . n 
A 1 44  GLY 44  44  44  GLY GLY A . n 
A 1 45  VAL 45  45  45  VAL VAL A . n 
A 1 46  GLY 46  46  46  GLY GLY A . n 
A 1 47  LEU 47  47  47  LEU LEU A . n 
A 1 48  ALA 48  48  48  ALA ALA A . n 
A 1 49  ALA 49  49  49  ALA ALA A . n 
A 1 50  PRO 50  50  50  PRO PRO A . n 
A 1 51  GLN 51  51  51  GLN GLN A . n 
A 1 52  ILE 52  52  52  ILE ILE A . n 
A 1 53  ALA 53  53  53  ALA ALA A . n 
A 1 54  VAL 54  54  54  VAL VAL A . n 
A 1 55  ASP 55  55  55  ASP ASP A . n 
A 1 56  LEU 56  56  56  LEU LEU A . n 
A 1 57  GLN 57  57  57  GLN GLN A . n 
A 1 58  LEU 58  58  58  LEU LEU A . n 
A 1 59  MET 59  59  59  MET MET A . n 
A 1 60  VAL 60  60  60  VAL VAL A . n 
A 1 61  PHE 61  61  61  PHE PHE A . n 
A 1 62  GLY 62  62  62  GLY GLY A . n 
A 1 63  PHE 63  63  63  PHE PHE A . n 
A 1 64  GLU 64  64  ?   ?   ?   A . n 
A 1 65  ALA 65  65  ?   ?   ?   A . n 
A 1 66  SER 66  66  ?   ?   ?   A . n 
A 1 67  GLU 67  67  ?   ?   ?   A . n 
A 1 68  ARG 68  68  ?   ?   ?   A . n 
A 1 69  TYR 69  69  ?   ?   ?   A . n 
A 1 70  PRO 70  70  ?   ?   ?   A . n 
A 1 71  GLU 71  71  ?   ?   ?   A . n 
A 1 72  ALA 72  72  ?   ?   ?   A . n 
A 1 73  PRO 73  73  ?   ?   ?   A . n 
A 1 74  ALA 74  74  74  ALA ALA A . n 
A 1 75  VAL 75  75  75  VAL VAL A . n 
A 1 76  PRO 76  76  76  PRO PRO A . n 
A 1 77  LEU 77  77  77  LEU LEU A . n 
A 1 78  THR 78  78  78  THR THR A . n 
A 1 79  ALA 79  79  79  ALA ALA A . n 
A 1 80  LEU 80  80  80  LEU LEU A . n 
A 1 81  ALA 81  81  81  ALA ALA A . n 
A 1 82  ASN 82  82  82  ASN ASN A . n 
A 1 83  ALA 83  83  83  ALA ALA A . n 
A 1 84  GLN 84  84  84  GLN GLN A . n 
A 1 85  ILE 85  85  85  ILE ILE A . n 
A 1 86  GLU 86  86  86  GLU GLU A . n 
A 1 87  PRO 87  87  87  PRO PRO A . n 
A 1 88  LEU 88  88  88  LEU LEU A . n 
A 1 89  SER 89  89  89  SER SER A . n 
A 1 90  ASP 90  90  90  ASP ASP A . n 
A 1 91  GLU 91  91  91  GLU GLU A . n 
A 1 92  MET 92  92  92  MET MET A . n 
A 1 93  GLU 93  93  93  GLU GLU A . n 
A 1 94  ASN 94  94  94  ASN ASN A . n 
A 1 95  GLY 95  95  95  GLY GLY A . n 
A 1 96  TRP 96  96  96  TRP TRP A . n 
A 1 97  GLU 97  97  97  GLU GLU A . n 
A 1 98  GLY 98  98  98  GLY GLY A . n 
A 1 99  CSD 99  99  99  CSD CSD A . n 
A 1 100 LEU 100 100 100 LEU LEU A . n 
A 1 101 SER 101 101 101 SER SER A . n 
A 1 102 ILE 102 102 102 ILE ILE A . n 
A 1 103 PRO 103 103 103 PRO PRO A . n 
A 1 104 GLY 104 104 104 GLY GLY A . n 
A 1 105 LEU 105 105 105 LEU LEU A . n 
A 1 106 ARG 106 106 106 ARG ARG A . n 
A 1 107 ALA 107 107 107 ALA ALA A . n 
A 1 108 VAL 108 108 108 VAL VAL A . n 
A 1 109 ILE 109 109 109 ILE ILE A . n 
A 1 110 PRO 110 110 110 PRO PRO A . n 
A 1 111 ARG 111 111 111 ARG ARG A . n 
A 1 112 TYR 112 112 112 TYR TYR A . n 
A 1 113 ARG 113 113 113 ARG ARG A . n 
A 1 114 TYR 114 114 114 TYR TYR A . n 
A 1 115 ILE 115 115 115 ILE ILE A . n 
A 1 116 ARG 116 116 116 ARG ARG A . n 
A 1 117 TYR 117 117 117 TYR TYR A . n 
A 1 118 ARG 118 118 118 ARG ARG A . n 
A 1 119 GLY 119 119 119 GLY GLY A . n 
A 1 120 PHE 120 120 120 PHE PHE A . n 
A 1 121 ALA 121 121 121 ALA ALA A . n 
A 1 122 PRO 122 122 122 PRO PRO A . n 
A 1 123 ASP 123 123 123 ASP ASP A . n 
A 1 124 GLY 124 124 124 GLY GLY A . n 
A 1 125 SER 125 125 125 SER SER A . n 
A 1 126 PRO 126 126 126 PRO PRO A . n 
A 1 127 ILE 127 127 127 ILE ILE A . n 
A 1 128 GLU 128 128 128 GLU GLU A . n 
A 1 129 ARG 129 129 129 ARG ARG A . n 
A 1 130 GLU 130 130 130 GLU GLU A . n 
A 1 131 ALA 131 131 131 ALA ALA A . n 
A 1 132 GLU 132 132 132 GLU GLU A . n 
A 1 133 GLY 133 133 133 GLY GLY A . n 
A 1 134 PHE 134 134 134 PHE PHE A . n 
A 1 135 HIS 135 135 135 HIS HIS A . n 
A 1 136 ALA 136 136 136 ALA ALA A . n 
A 1 137 ARG 137 137 137 ARG ARG A . n 
A 1 138 VAL 138 138 138 VAL VAL A . n 
A 1 139 VAL 139 139 139 VAL VAL A . n 
A 1 140 GLN 140 140 140 GLN GLN A . n 
A 1 141 HIS 141 141 141 HIS HIS A . n 
A 1 142 GLU 142 142 142 GLU GLU A . n 
A 1 143 TYR 143 143 143 TYR TYR A . n 
A 1 144 ASP 144 144 144 ASP ASP A . n 
A 1 145 HIS 145 145 145 HIS HIS A . n 
A 1 146 LEU 146 146 146 LEU LEU A . n 
A 1 147 VAL 147 147 147 VAL VAL A . n 
A 1 148 GLY 148 148 148 GLY GLY A . n 
A 1 149 ARG 149 149 149 ARG ARG A . n 
A 1 150 LEU 150 150 150 LEU LEU A . n 
A 1 151 TYR 151 151 151 TYR TYR A . n 
A 1 152 PRO 152 152 152 PRO PRO A . n 
A 1 153 SER 153 153 153 SER SER A . n 
A 1 154 ARG 154 154 154 ARG ARG A . n 
A 1 155 ILE 155 155 155 ILE ILE A . n 
A 1 156 GLU 156 156 156 GLU GLU A . n 
A 1 157 ASN 157 157 157 ASN ASN A . n 
A 1 158 PHE 158 158 158 PHE PHE A . n 
A 1 159 ASP 159 159 159 ASP ASP A . n 
A 1 160 THR 160 160 160 THR THR A . n 
A 1 161 PHE 161 161 161 PHE PHE A . n 
A 1 162 GLY 162 162 162 GLY GLY A . n 
A 1 163 PHE 163 163 163 PHE PHE A . n 
A 1 164 ASP 164 164 164 ASP ASP A . n 
A 1 165 ASP 165 165 165 ASP ASP A . n 
A 1 166 VAL 166 166 166 VAL VAL A . n 
A 1 167 LEU 167 167 167 LEU LEU A . n 
A 1 168 SER 168 168 168 SER SER A . n 
A 1 169 TYR 169 169 169 TYR TYR A . n 
# 
_pdbx_entity_instance_feature.ordinal        1 
_pdbx_entity_instance_feature.comp_id        K1U 
_pdbx_entity_instance_feature.asym_id        ? 
_pdbx_entity_instance_feature.seq_num        ? 
_pdbx_entity_instance_feature.auth_comp_id   K1U 
_pdbx_entity_instance_feature.auth_asym_id   ? 
_pdbx_entity_instance_feature.auth_seq_num   ? 
_pdbx_entity_instance_feature.feature_type   'SUBJECT OF INVESTIGATION' 
_pdbx_entity_instance_feature.details        ? 
# 
loop_
_pdbx_nonpoly_scheme.asym_id 
_pdbx_nonpoly_scheme.entity_id 
_pdbx_nonpoly_scheme.mon_id 
_pdbx_nonpoly_scheme.ndb_seq_num 
_pdbx_nonpoly_scheme.pdb_seq_num 
_pdbx_nonpoly_scheme.auth_seq_num 
_pdbx_nonpoly_scheme.pdb_mon_id 
_pdbx_nonpoly_scheme.auth_mon_id 
_pdbx_nonpoly_scheme.pdb_strand_id 
_pdbx_nonpoly_scheme.pdb_ins_code 
B 2 CD  1  201 1  CD  CD  A . 
C 2 CD  1  202 2  CD  CD  A . 
D 3 NI  1  203 1  NI  NI  A . 
E 3 NI  1  204 2  NI  NI  A . 
F 4 K1U 1  205 1  K1U K1U A . 
G 5 HOH 1  301 38 HOH HOH A . 
G 5 HOH 2  302 24 HOH HOH A . 
G 5 HOH 3  303 16 HOH HOH A . 
G 5 HOH 4  304 26 HOH HOH A . 
G 5 HOH 5  305 22 HOH HOH A . 
G 5 HOH 6  306 20 HOH HOH A . 
G 5 HOH 7  307 14 HOH HOH A . 
G 5 HOH 8  308 2  HOH HOH A . 
G 5 HOH 9  309 5  HOH HOH A . 
G 5 HOH 10 310 8  HOH HOH A . 
G 5 HOH 11 311 23 HOH HOH A . 
G 5 HOH 12 312 9  HOH HOH A . 
G 5 HOH 13 313 10 HOH HOH A . 
G 5 HOH 14 314 12 HOH HOH A . 
G 5 HOH 15 315 35 HOH HOH A . 
G 5 HOH 16 316 31 HOH HOH A . 
G 5 HOH 17 317 15 HOH HOH A . 
G 5 HOH 18 318 27 HOH HOH A . 
G 5 HOH 19 319 17 HOH HOH A . 
G 5 HOH 20 320 29 HOH HOH A . 
G 5 HOH 21 321 34 HOH HOH A . 
G 5 HOH 22 322 1  HOH HOH A . 
G 5 HOH 23 323 21 HOH HOH A . 
G 5 HOH 24 324 32 HOH HOH A . 
G 5 HOH 25 325 6  HOH HOH A . 
G 5 HOH 26 326 11 HOH HOH A . 
G 5 HOH 27 327 4  HOH HOH A . 
G 5 HOH 28 328 39 HOH HOH A . 
G 5 HOH 29 329 37 HOH HOH A . 
G 5 HOH 30 330 30 HOH HOH A . 
G 5 HOH 31 331 33 HOH HOH A . 
G 5 HOH 32 332 13 HOH HOH A . 
G 5 HOH 33 333 7  HOH HOH A . 
G 5 HOH 34 334 28 HOH HOH A . 
G 5 HOH 35 335 25 HOH HOH A . 
G 5 HOH 36 336 3  HOH HOH A . 
G 5 HOH 37 337 41 HOH HOH A . 
G 5 HOH 38 338 40 HOH HOH A . 
# 
loop_
_pdbx_unobs_or_zero_occ_atoms.id 
_pdbx_unobs_or_zero_occ_atoms.PDB_model_num 
_pdbx_unobs_or_zero_occ_atoms.polymer_flag 
_pdbx_unobs_or_zero_occ_atoms.occupancy_flag 
_pdbx_unobs_or_zero_occ_atoms.auth_asym_id 
_pdbx_unobs_or_zero_occ_atoms.auth_comp_id 
_pdbx_unobs_or_zero_occ_atoms.auth_seq_id 
_pdbx_unobs_or_zero_occ_atoms.PDB_ins_code 
_pdbx_unobs_or_zero_occ_atoms.auth_atom_id 
_pdbx_unobs_or_zero_occ_atoms.label_alt_id 
_pdbx_unobs_or_zero_occ_atoms.label_asym_id 
_pdbx_unobs_or_zero_occ_atoms.label_comp_id 
_pdbx_unobs_or_zero_occ_atoms.label_seq_id 
_pdbx_unobs_or_zero_occ_atoms.label_atom_id 
1  1 Y 1 A GLU 27 ? CG  ? A GLU 27 CG  
2  1 Y 1 A GLU 27 ? CD  ? A GLU 27 CD  
3  1 Y 1 A GLU 27 ? OE1 ? A GLU 27 OE1 
4  1 Y 1 A GLU 27 ? OE2 ? A GLU 27 OE2 
5  1 Y 1 A PHE 63 ? CG  ? A PHE 63 CG  
6  1 Y 1 A PHE 63 ? CD1 ? A PHE 63 CD1 
7  1 Y 1 A PHE 63 ? CD2 ? A PHE 63 CD2 
8  1 Y 1 A PHE 63 ? CE1 ? A PHE 63 CE1 
9  1 Y 1 A PHE 63 ? CE2 ? A PHE 63 CE2 
10 1 Y 1 A PHE 63 ? CZ  ? A PHE 63 CZ  
# 
loop_
_software.citation_id 
_software.classification 
_software.compiler_name 
_software.compiler_version 
_software.contact_author 
_software.contact_author_email 
_software.date 
_software.description 
_software.dependencies 
_software.hardware 
_software.language 
_software.location 
_software.mods 
_software.name 
_software.os 
_software.os_version 
_software.type 
_software.version 
_software.pdbx_ordinal 
? refinement        ? ? ? ? ? ? ? ? ? ? ? REFMAC   ? ? ? 5.8.0158 1 
? 'data scaling'    ? ? ? ? ? ? ? ? ? ? ? HKL-2000 ? ? ? .        2 
? 'data collection' ? ? ? ? ? ? ? ? ? ? ? HKL-2000 ? ? ? .        3 
? 'data reduction'  ? ? ? ? ? ? ? ? ? ? ? HKL-2000 ? ? ? .        4 
# 
_cell.angle_alpha                  90.000 
_cell.angle_alpha_esd              ? 
_cell.angle_beta                   90.000 
_cell.angle_beta_esd               ? 
_cell.angle_gamma                  120.000 
_cell.angle_gamma_esd              ? 
_cell.entry_id                     6IKT 
_cell.details                      ? 
_cell.formula_units_Z              ? 
_cell.length_a                     58.880 
_cell.length_a_esd                 ? 
_cell.length_b                     58.880 
_cell.length_b_esd                 ? 
_cell.length_c                     265.292 
_cell.length_c_esd                 ? 
_cell.volume                       ? 
_cell.volume_esd                   ? 
_cell.Z_PDB                        12 
_cell.reciprocal_angle_alpha       ? 
_cell.reciprocal_angle_beta        ? 
_cell.reciprocal_angle_gamma       ? 
_cell.reciprocal_angle_alpha_esd   ? 
_cell.reciprocal_angle_beta_esd    ? 
_cell.reciprocal_angle_gamma_esd   ? 
_cell.reciprocal_length_a          ? 
_cell.reciprocal_length_b          ? 
_cell.reciprocal_length_c          ? 
_cell.reciprocal_length_a_esd      ? 
_cell.reciprocal_length_b_esd      ? 
_cell.reciprocal_length_c_esd      ? 
_cell.pdbx_unique_axis             ? 
# 
_symmetry.entry_id                         6IKT 
_symmetry.cell_setting                     ? 
_symmetry.Int_Tables_number                178 
_symmetry.space_group_name_Hall            ? 
_symmetry.space_group_name_H-M             'P 61 2 2' 
_symmetry.pdbx_full_space_group_name_H-M   ? 
# 
_exptl.absorpt_coefficient_mu     ? 
_exptl.absorpt_correction_T_max   ? 
_exptl.absorpt_correction_T_min   ? 
_exptl.absorpt_correction_type    ? 
_exptl.absorpt_process_details    ? 
_exptl.entry_id                   6IKT 
_exptl.crystals_number            1 
_exptl.details                    ? 
_exptl.method                     'X-RAY DIFFRACTION' 
_exptl.method_details             ? 
# 
_exptl_crystal.colour                      ? 
_exptl_crystal.density_diffrn              ? 
_exptl_crystal.density_Matthews            3.74 
_exptl_crystal.density_method              ? 
_exptl_crystal.density_percent_sol         67.07 
_exptl_crystal.description                 ? 
_exptl_crystal.F_000                       ? 
_exptl_crystal.id                          1 
_exptl_crystal.preparation                 ? 
_exptl_crystal.size_max                    ? 
_exptl_crystal.size_mid                    ? 
_exptl_crystal.size_min                    ? 
_exptl_crystal.size_rad                    ? 
_exptl_crystal.colour_lustre               ? 
_exptl_crystal.colour_modifier             ? 
_exptl_crystal.colour_primary              ? 
_exptl_crystal.density_meas                ? 
_exptl_crystal.density_meas_esd            ? 
_exptl_crystal.density_meas_gt             ? 
_exptl_crystal.density_meas_lt             ? 
_exptl_crystal.density_meas_temp           ? 
_exptl_crystal.density_meas_temp_esd       ? 
_exptl_crystal.density_meas_temp_gt        ? 
_exptl_crystal.density_meas_temp_lt        ? 
_exptl_crystal.pdbx_crystal_image_url      ? 
_exptl_crystal.pdbx_crystal_image_format   ? 
_exptl_crystal.pdbx_mosaicity              ? 
_exptl_crystal.pdbx_mosaicity_esd          ? 
# 
_exptl_crystal_grow.apparatus       ? 
_exptl_crystal_grow.atmosphere      ? 
_exptl_crystal_grow.crystal_id      1 
_exptl_crystal_grow.details         ? 
_exptl_crystal_grow.method          EVAPORATION 
_exptl_crystal_grow.method_ref      ? 
_exptl_crystal_grow.pH              7.5 
_exptl_crystal_grow.pressure        ? 
_exptl_crystal_grow.pressure_esd    ? 
_exptl_crystal_grow.seeding         ? 
_exptl_crystal_grow.seeding_ref     ? 
_exptl_crystal_grow.temp            287 
_exptl_crystal_grow.temp_details    ? 
_exptl_crystal_grow.temp_esd        ? 
_exptl_crystal_grow.time            ? 
_exptl_crystal_grow.pdbx_details    '0.05M cadmium sulfate, 0.1M HEPES pH 7.5, 2.0M sodium acetate trihydrate' 
_exptl_crystal_grow.pdbx_pH_range   ? 
# 
_diffrn.ambient_environment              ? 
_diffrn.ambient_temp                     100 
_diffrn.ambient_temp_details             ? 
_diffrn.ambient_temp_esd                 ? 
_diffrn.crystal_id                       1 
_diffrn.crystal_support                  ? 
_diffrn.crystal_treatment                ? 
_diffrn.details                          ? 
_diffrn.id                               1 
_diffrn.ambient_pressure                 ? 
_diffrn.ambient_pressure_esd             ? 
_diffrn.ambient_pressure_gt              ? 
_diffrn.ambient_pressure_lt              ? 
_diffrn.ambient_temp_gt                  ? 
_diffrn.ambient_temp_lt                  ? 
_diffrn.pdbx_serial_crystal_experiment   N 
# 
_diffrn_detector.details                      ? 
_diffrn_detector.detector                     CCD 
_diffrn_detector.diffrn_id                    1 
_diffrn_detector.type                         'ADSC QUANTUM 315r' 
_diffrn_detector.area_resol_mean              ? 
_diffrn_detector.dtime                        ? 
_diffrn_detector.pdbx_frames_total            ? 
_diffrn_detector.pdbx_collection_time_total   ? 
_diffrn_detector.pdbx_collection_date         2018-03-09 
_diffrn_detector.pdbx_frequency               ? 
# 
_diffrn_radiation.collimation                      ? 
_diffrn_radiation.diffrn_id                        1 
_diffrn_radiation.filter_edge                      ? 
_diffrn_radiation.inhomogeneity                    ? 
_diffrn_radiation.monochromator                    ? 
_diffrn_radiation.polarisn_norm                    ? 
_diffrn_radiation.polarisn_ratio                   ? 
_diffrn_radiation.probe                            ? 
_diffrn_radiation.type                             ? 
_diffrn_radiation.xray_symbol                      ? 
_diffrn_radiation.wavelength_id                    1 
_diffrn_radiation.pdbx_monochromatic_or_laue_m_l   M 
_diffrn_radiation.pdbx_wavelength_list             ? 
_diffrn_radiation.pdbx_wavelength                  ? 
_diffrn_radiation.pdbx_diffrn_protocol             'SINGLE WAVELENGTH' 
_diffrn_radiation.pdbx_analyzer                    ? 
_diffrn_radiation.pdbx_scattering_type             x-ray 
# 
_diffrn_radiation_wavelength.id           1 
_diffrn_radiation_wavelength.wavelength   0.97940 
_diffrn_radiation_wavelength.wt           1.0 
# 
_diffrn_source.current                     ? 
_diffrn_source.details                     ? 
_diffrn_source.diffrn_id                   1 
_diffrn_source.power                       ? 
_diffrn_source.size                        ? 
_diffrn_source.source                      SYNCHROTRON 
_diffrn_source.target                      ? 
_diffrn_source.type                        'PAL/PLS BEAMLINE 5C (4A)' 
_diffrn_source.voltage                     ? 
_diffrn_source.take-off_angle              ? 
_diffrn_source.pdbx_wavelength_list        0.97940 
_diffrn_source.pdbx_wavelength             ? 
_diffrn_source.pdbx_synchrotron_beamline   '5C (4A)' 
_diffrn_source.pdbx_synchrotron_site       PAL/PLS 
# 
_reflns.B_iso_Wilson_estimate            ? 
_reflns.entry_id                         6IKT 
_reflns.data_reduction_details           ? 
_reflns.data_reduction_method            ? 
_reflns.d_resolution_high                1.900 
_reflns.d_resolution_low                 50.000 
_reflns.details                          ? 
_reflns.limit_h_max                      ? 
_reflns.limit_h_min                      ? 
_reflns.limit_k_max                      ? 
_reflns.limit_k_min                      ? 
_reflns.limit_l_max                      ? 
_reflns.limit_l_min                      ? 
_reflns.number_all                       ? 
_reflns.number_obs                       21949 
_reflns.observed_criterion               ? 
_reflns.observed_criterion_F_max         ? 
_reflns.observed_criterion_F_min         ? 
_reflns.observed_criterion_I_max         ? 
_reflns.observed_criterion_I_min         ? 
_reflns.observed_criterion_sigma_F       ? 
_reflns.observed_criterion_sigma_I       ? 
_reflns.percent_possible_obs             96.600 
_reflns.R_free_details                   ? 
_reflns.Rmerge_F_all                     ? 
_reflns.Rmerge_F_obs                     ? 
_reflns.Friedel_coverage                 ? 
_reflns.number_gt                        ? 
_reflns.threshold_expression             ? 
_reflns.pdbx_redundancy                  8.700 
_reflns.pdbx_Rmerge_I_obs                0.161 
_reflns.pdbx_Rmerge_I_all                ? 
_reflns.pdbx_Rsym_value                  ? 
_reflns.pdbx_netI_over_av_sigmaI         ? 
_reflns.pdbx_netI_over_sigmaI            16.600 
_reflns.pdbx_res_netI_over_av_sigmaI_2   ? 
_reflns.pdbx_res_netI_over_sigmaI_2      ? 
_reflns.pdbx_chi_squared                 9.744 
_reflns.pdbx_scaling_rejects             ? 
_reflns.pdbx_d_res_high_opt              ? 
_reflns.pdbx_d_res_low_opt               ? 
_reflns.pdbx_d_res_opt_method            ? 
_reflns.phase_calculation_details        ? 
_reflns.pdbx_Rrim_I_all                  0.169 
_reflns.pdbx_Rpim_I_all                  0.049 
_reflns.pdbx_d_opt                       ? 
_reflns.pdbx_number_measured_all         ? 
_reflns.pdbx_diffrn_id                   1 
_reflns.pdbx_ordinal                     1 
_reflns.pdbx_CC_half                     ? 
_reflns.pdbx_R_split                     ? 
# 
loop_
_reflns_shell.d_res_high 
_reflns_shell.d_res_low 
_reflns_shell.meanI_over_sigI_all 
_reflns_shell.meanI_over_sigI_obs 
_reflns_shell.number_measured_all 
_reflns_shell.number_measured_obs 
_reflns_shell.number_possible 
_reflns_shell.number_unique_all 
_reflns_shell.number_unique_obs 
_reflns_shell.percent_possible_all 
_reflns_shell.percent_possible_obs 
_reflns_shell.Rmerge_F_all 
_reflns_shell.Rmerge_F_obs 
_reflns_shell.Rmerge_I_all 
_reflns_shell.Rmerge_I_obs 
_reflns_shell.meanI_over_sigI_gt 
_reflns_shell.meanI_over_uI_all 
_reflns_shell.meanI_over_uI_gt 
_reflns_shell.number_measured_gt 
_reflns_shell.number_unique_gt 
_reflns_shell.percent_possible_gt 
_reflns_shell.Rmerge_F_gt 
_reflns_shell.Rmerge_I_gt 
_reflns_shell.pdbx_redundancy 
_reflns_shell.pdbx_Rsym_value 
_reflns_shell.pdbx_chi_squared 
_reflns_shell.pdbx_netI_over_sigmaI_all 
_reflns_shell.pdbx_netI_over_sigmaI_obs 
_reflns_shell.pdbx_Rrim_I_all 
_reflns_shell.pdbx_Rpim_I_all 
_reflns_shell.pdbx_rejects 
_reflns_shell.pdbx_ordinal 
_reflns_shell.pdbx_diffrn_id 
_reflns_shell.pdbx_CC_half 
_reflns_shell.pdbx_R_split 
1.900 1.930  ? ? ? ? ? ? 982  91.600 ? ? ? ? 0.516 ? ? ? ? ? ? ? ? 4.000  ? 2.249  ? ? 0.588 0.269 ? 1  1 0.057 ? 
1.930 1.970  ? ? ? ? ? ? 1027 91.900 ? ? ? ? 0.477 ? ? ? ? ? ? ? ? 4.500  ? 2.277  ? ? 0.533 0.228 ? 2  1 0.290 ? 
1.970 2.010  ? ? ? ? ? ? 1011 94.400 ? ? ? ? 0.431 ? ? ? ? ? ? ? ? 4.900  ? 2.344  ? ? 0.476 0.195 ? 3  1 0.433 ? 
2.010 2.050  ? ? ? ? ? ? 1057 95.100 ? ? ? ? 0.421 ? ? ? ? ? ? ? ? 5.400  ? 2.544  ? ? 0.462 0.181 ? 4  1 0.450 ? 
2.050 2.090  ? ? ? ? ? ? 1056 95.900 ? ? ? ? 0.396 ? ? ? ? ? ? ? ? 5.900  ? 2.599  ? ? 0.431 0.163 ? 5  1 0.693 ? 
2.090 2.140  ? ? ? ? ? ? 1064 96.100 ? ? ? ? 0.348 ? ? ? ? ? ? ? ? 6.200  ? 2.780  ? ? 0.376 0.136 ? 6  1 0.804 ? 
2.140 2.190  ? ? ? ? ? ? 1062 96.400 ? ? ? ? 0.321 ? ? ? ? ? ? ? ? 6.500  ? 2.912  ? ? 0.345 0.122 ? 7  1 0.849 ? 
2.190 2.250  ? ? ? ? ? ? 1078 96.500 ? ? ? ? 0.286 ? ? ? ? ? ? ? ? 6.800  ? 3.261  ? ? 0.306 0.104 ? 8  1 0.916 ? 
2.250 2.320  ? ? ? ? ? ? 1067 96.500 ? ? ? ? 0.267 ? ? ? ? ? ? ? ? 7.400  ? 3.434  ? ? 0.285 0.095 ? 9  1 0.910 ? 
2.320 2.390  ? ? ? ? ? ? 1080 97.600 ? ? ? ? 0.259 ? ? ? ? ? ? ? ? 7.600  ? 3.388  ? ? 0.276 0.091 ? 10 1 0.931 ? 
2.390 2.480  ? ? ? ? ? ? 1097 97.000 ? ? ? ? 0.232 ? ? ? ? ? ? ? ? 8.000  ? 3.897  ? ? 0.246 0.079 ? 11 1 0.963 ? 
2.480 2.580  ? ? ? ? ? ? 1074 97.000 ? ? ? ? 0.219 ? ? ? ? ? ? ? ? 8.700  ? 4.492  ? ? 0.231 0.071 ? 12 1 0.970 ? 
2.580 2.700  ? ? ? ? ? ? 1112 97.500 ? ? ? ? 0.193 ? ? ? ? ? ? ? ? 9.100  ? 5.284  ? ? 0.203 0.061 ? 13 1 0.978 ? 
2.700 2.840  ? ? ? ? ? ? 1103 98.200 ? ? ? ? 0.183 ? ? ? ? ? ? ? ? 9.900  ? 6.520  ? ? 0.191 0.055 ? 14 1 0.979 ? 
2.840 3.020  ? ? ? ? ? ? 1112 98.100 ? ? ? ? 0.176 ? ? ? ? ? ? ? ? 10.600 ? 8.549  ? ? 0.183 0.051 ? 15 1 0.984 ? 
3.020 3.250  ? ? ? ? ? ? 1146 98.700 ? ? ? ? 0.161 ? ? ? ? ? ? ? ? 11.600 ? 10.186 ? ? 0.167 0.045 ? 16 1 0.991 ? 
3.250 3.580  ? ? ? ? ? ? 1138 99.000 ? ? ? ? 0.164 ? ? ? ? ? ? ? ? 12.800 ? 17.156 ? ? 0.170 0.044 ? 17 1 0.986 ? 
3.580 4.090  ? ? ? ? ? ? 1177 99.200 ? ? ? ? 0.150 ? ? ? ? ? ? ? ? 13.600 ? 20.755 ? ? 0.155 0.039 ? 18 1 0.993 ? 
4.090 5.160  ? ? ? ? ? ? 1196 99.000 ? ? ? ? 0.117 ? ? ? ? ? ? ? ? 13.400 ? 20.128 ? ? 0.121 0.031 ? 19 1 0.994 ? 
5.160 50.000 ? ? ? ? ? ? 1310 96.100 ? ? ? ? 0.099 ? ? ? ? ? ? ? ? 12.800 ? 16.613 ? ? 0.103 0.027 ? 20 1 0.996 ? 
# 
_refine.aniso_B[1][1]                            0.0000 
_refine.aniso_B[1][2]                            0.0000 
_refine.aniso_B[1][3]                            0.0000 
_refine.aniso_B[2][2]                            0.0000 
_refine.aniso_B[2][3]                            -0.0000 
_refine.aniso_B[3][3]                            -0.0000 
_refine.B_iso_max                                77.710 
_refine.B_iso_mean                               22.0410 
_refine.B_iso_min                                11.200 
_refine.correlation_coeff_Fo_to_Fc               0.9400 
_refine.correlation_coeff_Fo_to_Fc_free          0.9210 
_refine.details                                  
'HYDROGENS HAVE BEEN ADDED IN THE RIDING POSITIONS U VALUES      : REFINED INDIVIDUALLY' 
_refine.diff_density_max                         ? 
_refine.diff_density_max_esd                     ? 
_refine.diff_density_min                         ? 
_refine.diff_density_min_esd                     ? 
_refine.diff_density_rms                         ? 
_refine.diff_density_rms_esd                     ? 
_refine.entry_id                                 6IKT 
_refine.pdbx_refine_id                           'X-RAY DIFFRACTION' 
_refine.ls_abs_structure_details                 ? 
_refine.ls_abs_structure_Flack                   ? 
_refine.ls_abs_structure_Flack_esd               ? 
_refine.ls_abs_structure_Rogers                  ? 
_refine.ls_abs_structure_Rogers_esd              ? 
_refine.ls_d_res_high                            1.9000 
_refine.ls_d_res_low                             49.9000 
_refine.ls_extinction_coef                       ? 
_refine.ls_extinction_coef_esd                   ? 
_refine.ls_extinction_expression                 ? 
_refine.ls_extinction_method                     ? 
_refine.ls_goodness_of_fit_all                   ? 
_refine.ls_goodness_of_fit_all_esd               ? 
_refine.ls_goodness_of_fit_obs                   ? 
_refine.ls_goodness_of_fit_obs_esd               ? 
_refine.ls_hydrogen_treatment                    ? 
_refine.ls_matrix_type                           ? 
_refine.ls_number_constraints                    ? 
_refine.ls_number_parameters                     ? 
_refine.ls_number_reflns_all                     ? 
_refine.ls_number_reflns_obs                     20787 
_refine.ls_number_reflns_R_free                  1144 
_refine.ls_number_reflns_R_work                  ? 
_refine.ls_number_restraints                     ? 
_refine.ls_percent_reflns_obs                    97.0100 
_refine.ls_percent_reflns_R_free                 5.2000 
_refine.ls_R_factor_all                          ? 
_refine.ls_R_factor_obs                          0.2048 
_refine.ls_R_factor_R_free                       0.2392 
_refine.ls_R_factor_R_free_error                 ? 
_refine.ls_R_factor_R_free_error_details         ? 
_refine.ls_R_factor_R_work                       0.2029 
_refine.ls_R_Fsqd_factor_obs                     ? 
_refine.ls_R_I_factor_obs                        ? 
_refine.ls_redundancy_reflns_all                 ? 
_refine.ls_redundancy_reflns_obs                 ? 
_refine.ls_restrained_S_all                      ? 
_refine.ls_restrained_S_obs                      ? 
_refine.ls_shift_over_esd_max                    ? 
_refine.ls_shift_over_esd_mean                   ? 
_refine.ls_structure_factor_coef                 ? 
_refine.ls_weighting_details                     ? 
_refine.ls_weighting_scheme                      ? 
_refine.ls_wR_factor_all                         ? 
_refine.ls_wR_factor_obs                         ? 
_refine.ls_wR_factor_R_free                      ? 
_refine.ls_wR_factor_R_work                      ? 
_refine.occupancy_max                            ? 
_refine.occupancy_min                            ? 
_refine.solvent_model_details                    ? 
_refine.solvent_model_param_bsol                 ? 
_refine.solvent_model_param_ksol                 ? 
_refine.ls_R_factor_gt                           ? 
_refine.ls_goodness_of_fit_gt                    ? 
_refine.ls_goodness_of_fit_ref                   ? 
_refine.ls_shift_over_su_max                     ? 
_refine.ls_shift_over_su_max_lt                  ? 
_refine.ls_shift_over_su_mean                    ? 
_refine.ls_shift_over_su_mean_lt                 ? 
_refine.pdbx_ls_sigma_I                          ? 
_refine.pdbx_ls_sigma_F                          0.000 
_refine.pdbx_ls_sigma_Fsqd                       ? 
_refine.pdbx_data_cutoff_high_absF               ? 
_refine.pdbx_data_cutoff_high_rms_absF           ? 
_refine.pdbx_data_cutoff_low_absF                ? 
_refine.pdbx_isotropic_thermal_model             ? 
_refine.pdbx_ls_cross_valid_method               THROUGHOUT 
_refine.pdbx_method_to_determine_struct          'MOLECULAR REPLACEMENT' 
_refine.pdbx_starting_model                      5E5D 
_refine.pdbx_stereochemistry_target_values       ? 
_refine.pdbx_R_Free_selection_details            RANDOM 
_refine.pdbx_stereochem_target_val_spec_case     ? 
_refine.pdbx_overall_ESU_R                       0.1150 
_refine.pdbx_overall_ESU_R_Free                  0.1170 
_refine.pdbx_solvent_vdw_probe_radii             1.2000 
_refine.pdbx_solvent_ion_probe_radii             0.8000 
_refine.pdbx_solvent_shrinkage_radii             0.8000 
_refine.pdbx_real_space_R                        ? 
_refine.pdbx_density_correlation                 ? 
_refine.pdbx_pd_number_of_powder_patterns        ? 
_refine.pdbx_pd_number_of_points                 ? 
_refine.pdbx_pd_meas_number_of_points            ? 
_refine.pdbx_pd_proc_ls_prof_R_factor            ? 
_refine.pdbx_pd_proc_ls_prof_wR_factor           ? 
_refine.pdbx_pd_Marquardt_correlation_coeff      ? 
_refine.pdbx_pd_Fsqrd_R_factor                   ? 
_refine.pdbx_pd_ls_matrix_band_width             ? 
_refine.pdbx_overall_phase_error                 ? 
_refine.pdbx_overall_SU_R_free_Cruickshank_DPI   ? 
_refine.pdbx_overall_SU_R_free_Blow_DPI          ? 
_refine.pdbx_overall_SU_R_Blow_DPI               ? 
_refine.pdbx_TLS_residual_ADP_flag               ? 
_refine.pdbx_diffrn_id                           1 
_refine.overall_SU_B                             3.1650 
_refine.overall_SU_ML                            0.0880 
_refine.overall_SU_R_Cruickshank_DPI             0.1148 
_refine.overall_SU_R_free                        ? 
_refine.overall_FOM_free_R_set                   ? 
_refine.overall_FOM_work_R_set                   ? 
_refine.pdbx_average_fsc_overall                 ? 
_refine.pdbx_average_fsc_work                    ? 
_refine.pdbx_average_fsc_free                    ? 
# 
_refine_hist.cycle_id                         final 
_refine_hist.pdbx_refine_id                   'X-RAY DIFFRACTION' 
_refine_hist.d_res_high                       1.9000 
_refine_hist.d_res_low                        49.9000 
_refine_hist.pdbx_number_atoms_ligand         27 
_refine_hist.number_atoms_solvent             38 
_refine_hist.number_atoms_total               1304 
_refine_hist.pdbx_number_residues_total       160 
_refine_hist.pdbx_B_iso_mean_ligand           45.40 
_refine_hist.pdbx_B_iso_mean_solvent          22.72 
_refine_hist.pdbx_number_atoms_protein        1239 
_refine_hist.pdbx_number_atoms_nucleic_acid   0 
# 
loop_
_refine_ls_restr.pdbx_refine_id 
_refine_ls_restr.criterion 
_refine_ls_restr.dev_ideal 
_refine_ls_restr.dev_ideal_target 
_refine_ls_restr.number 
_refine_ls_restr.rejects 
_refine_ls_restr.type 
_refine_ls_restr.weight 
_refine_ls_restr.pdbx_restraint_function 
'X-RAY DIFFRACTION' ? 0.019  0.019  1291 ? r_bond_refined_d       ? ? 
'X-RAY DIFFRACTION' ? 0.002  0.020  1193 ? r_bond_other_d         ? ? 
'X-RAY DIFFRACTION' ? 2.187  1.986  1748 ? r_angle_refined_deg    ? ? 
'X-RAY DIFFRACTION' ? 1.105  3.000  2741 ? r_angle_other_deg      ? ? 
'X-RAY DIFFRACTION' ? 7.236  5.000  157  ? r_dihedral_angle_1_deg ? ? 
'X-RAY DIFFRACTION' ? 30.929 22.623 61   ? r_dihedral_angle_2_deg ? ? 
'X-RAY DIFFRACTION' ? 13.306 15.000 199  ? r_dihedral_angle_3_deg ? ? 
'X-RAY DIFFRACTION' ? 17.669 15.000 13   ? r_dihedral_angle_4_deg ? ? 
'X-RAY DIFFRACTION' ? 0.142  0.200  189  ? r_chiral_restr         ? ? 
'X-RAY DIFFRACTION' ? 0.011  0.021  1452 ? r_gen_planes_refined   ? ? 
'X-RAY DIFFRACTION' ? 0.001  0.020  285  ? r_gen_planes_other     ? ? 
# 
_refine_ls_shell.pdbx_refine_id                   'X-RAY DIFFRACTION' 
_refine_ls_shell.d_res_high                       1.9010 
_refine_ls_shell.d_res_low                        1.9500 
_refine_ls_shell.number_reflns_all                1457 
_refine_ls_shell.number_reflns_obs                ? 
_refine_ls_shell.number_reflns_R_free             75 
_refine_ls_shell.number_reflns_R_work             1382 
_refine_ls_shell.percent_reflns_obs               91.4100 
_refine_ls_shell.percent_reflns_R_free            ? 
_refine_ls_shell.R_factor_all                     ? 
_refine_ls_shell.R_factor_obs                     ? 
_refine_ls_shell.R_factor_R_free                  0.3660 
_refine_ls_shell.R_factor_R_free_error            0.0000 
_refine_ls_shell.R_factor_R_work                  0.3230 
_refine_ls_shell.redundancy_reflns_all            ? 
_refine_ls_shell.redundancy_reflns_obs            ? 
_refine_ls_shell.wR_factor_all                    ? 
_refine_ls_shell.wR_factor_obs                    ? 
_refine_ls_shell.wR_factor_R_free                 ? 
_refine_ls_shell.wR_factor_R_work                 ? 
_refine_ls_shell.pdbx_total_number_of_bins_used   20 
_refine_ls_shell.pdbx_phase_error                 ? 
_refine_ls_shell.pdbx_fsc_work                    ? 
_refine_ls_shell.pdbx_fsc_free                    ? 
# 
_struct.entry_id                     6IKT 
_struct.title                        'K1U complex structure of peptide deformylase from Xanthomonas oryzae pv. oryzae' 
_struct.pdbx_model_details           ? 
_struct.pdbx_formula_weight          ? 
_struct.pdbx_formula_weight_method   ? 
_struct.pdbx_model_type_details      ? 
_struct.pdbx_CASP_flag               N 
# 
_struct_keywords.entry_id        6IKT 
_struct_keywords.text            'peptide deformylase, hydrolase' 
_struct_keywords.pdbx_keywords   HYDROLASE 
# 
loop_
_struct_asym.id 
_struct_asym.pdbx_blank_PDB_chainid_flag 
_struct_asym.pdbx_modified 
_struct_asym.entity_id 
_struct_asym.details 
A N N 1 ? 
B N N 2 ? 
C N N 2 ? 
D N N 3 ? 
E N N 3 ? 
F N N 4 ? 
G N N 5 ? 
# 
_struct_ref.id                         1 
_struct_ref.db_name                    UNP 
_struct_ref.db_code                    Q5H3Z2_XANOR 
_struct_ref.pdbx_db_accession          Q5H3Z2 
_struct_ref.pdbx_db_isoform            ? 
_struct_ref.entity_id                  1 
_struct_ref.pdbx_seq_one_letter_code   
;MIRDIIRMGDKRLLRVAPQVTNLGSAELHALVSDMFETMGAAHGVGLAAPQIAVDLQLMVFGFEASERYPEAPAVPLTAL
ANAQIEPLSDEMENGWEGCLSIPGLRAVIPRYRYIRYRGFAPDGSPIEREAEGFHARVVQHEYDHLVGRLYPSRIENFDT
FGFDDVLSY
;
_struct_ref.pdbx_align_begin           42 
# 
_struct_ref_seq.align_id                      1 
_struct_ref_seq.ref_id                        1 
_struct_ref_seq.pdbx_PDB_id_code              6IKT 
_struct_ref_seq.pdbx_strand_id                A 
_struct_ref_seq.seq_align_beg                 1 
_struct_ref_seq.pdbx_seq_align_beg_ins_code   ? 
_struct_ref_seq.seq_align_end                 169 
_struct_ref_seq.pdbx_seq_align_end_ins_code   ? 
_struct_ref_seq.pdbx_db_accession             Q5H3Z2 
_struct_ref_seq.db_align_beg                  42 
_struct_ref_seq.pdbx_db_align_beg_ins_code    ? 
_struct_ref_seq.db_align_end                  210 
_struct_ref_seq.pdbx_db_align_end_ins_code    ? 
_struct_ref_seq.pdbx_auth_seq_align_beg       1 
_struct_ref_seq.pdbx_auth_seq_align_end       169 
# 
_pdbx_struct_assembly.id                   1 
_pdbx_struct_assembly.details              author_defined_assembly 
_pdbx_struct_assembly.method_details       ? 
_pdbx_struct_assembly.oligomeric_details   monomeric 
_pdbx_struct_assembly.oligomeric_count     1 
# 
loop_
_pdbx_struct_assembly_prop.biol_id 
_pdbx_struct_assembly_prop.type 
_pdbx_struct_assembly_prop.value 
_pdbx_struct_assembly_prop.details 
1 'ABSA (A^2)' 270  ? 
1 MORE         -15  ? 
1 'SSA (A^2)'  8100 ? 
# 
_pdbx_struct_assembly_gen.assembly_id       1 
_pdbx_struct_assembly_gen.oper_expression   1 
_pdbx_struct_assembly_gen.asym_id_list      A,B,C,D,E,F,G 
# 
_pdbx_struct_assembly_auth_evidence.id                     1 
_pdbx_struct_assembly_auth_evidence.assembly_id            1 
_pdbx_struct_assembly_auth_evidence.experimental_support   none 
_pdbx_struct_assembly_auth_evidence.details                ? 
# 
_pdbx_struct_oper_list.id                   1 
_pdbx_struct_oper_list.type                 'identity operation' 
_pdbx_struct_oper_list.name                 1_555 
_pdbx_struct_oper_list.symmetry_operation   x,y,z 
_pdbx_struct_oper_list.matrix[1][1]         1.0000000000 
_pdbx_struct_oper_list.matrix[1][2]         0.0000000000 
_pdbx_struct_oper_list.matrix[1][3]         0.0000000000 
_pdbx_struct_oper_list.vector[1]            0.0000000000 
_pdbx_struct_oper_list.matrix[2][1]         0.0000000000 
_pdbx_struct_oper_list.matrix[2][2]         1.0000000000 
_pdbx_struct_oper_list.matrix[2][3]         0.0000000000 
_pdbx_struct_oper_list.vector[2]            0.0000000000 
_pdbx_struct_oper_list.matrix[3][1]         0.0000000000 
_pdbx_struct_oper_list.matrix[3][2]         0.0000000000 
_pdbx_struct_oper_list.matrix[3][3]         1.0000000000 
_pdbx_struct_oper_list.vector[3]            0.0000000000 
# 
loop_
_struct_conf.conf_type_id 
_struct_conf.id 
_struct_conf.pdbx_PDB_helix_id 
_struct_conf.beg_label_comp_id 
_struct_conf.beg_label_asym_id 
_struct_conf.beg_label_seq_id 
_struct_conf.pdbx_beg_PDB_ins_code 
_struct_conf.end_label_comp_id 
_struct_conf.end_label_asym_id 
_struct_conf.end_label_seq_id 
_struct_conf.pdbx_end_PDB_ins_code 
_struct_conf.beg_auth_comp_id 
_struct_conf.beg_auth_asym_id 
_struct_conf.beg_auth_seq_id 
_struct_conf.end_auth_comp_id 
_struct_conf.end_auth_asym_id 
_struct_conf.end_auth_seq_id 
_struct_conf.pdbx_PDB_helix_class 
_struct_conf.details 
_struct_conf.pdbx_PDB_helix_length 
HELX_P HELX_P1 AA1 ASP A 10  ? ARG A 15  ? ASP A 10  ARG A 15  5 ? 6  
HELX_P HELX_P2 AA2 SER A 25  ? ALA A 42  ? SER A 25  ALA A 42  1 ? 18 
HELX_P HELX_P3 AA3 PRO A 50  ? ALA A 53  ? PRO A 50  ALA A 53  5 ? 4  
HELX_P HELX_P4 AA4 GLY A 133 ? VAL A 147 ? GLY A 133 VAL A 147 1 ? 15 
HELX_P HELX_P5 AA5 LEU A 150 ? ILE A 155 ? LEU A 150 ILE A 155 5 ? 6  
HELX_P HELX_P6 AA6 ASN A 157 ? PHE A 161 ? ASN A 157 PHE A 161 5 ? 5  
# 
_struct_conf_type.id          HELX_P 
_struct_conf_type.criteria    ? 
_struct_conf_type.reference   ? 
# 
loop_
_struct_conn.id 
_struct_conn.conn_type_id 
_struct_conn.pdbx_leaving_atom_flag 
_struct_conn.pdbx_PDB_id 
_struct_conn.ptnr1_label_asym_id 
_struct_conn.ptnr1_label_comp_id 
_struct_conn.ptnr1_label_seq_id 
_struct_conn.ptnr1_label_atom_id 
_struct_conn.pdbx_ptnr1_label_alt_id 
_struct_conn.pdbx_ptnr1_PDB_ins_code 
_struct_conn.pdbx_ptnr1_standard_comp_id 
_struct_conn.ptnr1_symmetry 
_struct_conn.ptnr2_label_asym_id 
_struct_conn.ptnr2_label_comp_id 
_struct_conn.ptnr2_label_seq_id 
_struct_conn.ptnr2_label_atom_id 
_struct_conn.pdbx_ptnr2_label_alt_id 
_struct_conn.pdbx_ptnr2_PDB_ins_code 
_struct_conn.ptnr1_auth_asym_id 
_struct_conn.ptnr1_auth_comp_id 
_struct_conn.ptnr1_auth_seq_id 
_struct_conn.ptnr2_auth_asym_id 
_struct_conn.ptnr2_auth_comp_id 
_struct_conn.ptnr2_auth_seq_id 
_struct_conn.ptnr2_symmetry 
_struct_conn.pdbx_ptnr3_label_atom_id 
_struct_conn.pdbx_ptnr3_label_seq_id 
_struct_conn.pdbx_ptnr3_label_comp_id 
_struct_conn.pdbx_ptnr3_label_asym_id 
_struct_conn.pdbx_ptnr3_label_alt_id 
_struct_conn.pdbx_ptnr3_PDB_ins_code 
_struct_conn.details 
_struct_conn.pdbx_dist_value 
_struct_conn.pdbx_value_order 
_struct_conn.pdbx_role 
covale1  covale both ? A GLY 98  C   ? ? ? 1_555 A CSD 99  N  ? ? A GLY 98  A CSD 99  1_555 ? ? ? ? ? ? ? 1.318 ? ? 
covale2  covale both ? A CSD 99  C   ? ? ? 1_555 A LEU 100 N  ? ? A CSD 99  A LEU 100 1_555 ? ? ? ? ? ? ? 1.326 ? ? 
metalc1  metalc ?    ? A GLU 37  OE2 ? ? ? 1_555 E NI  .   NI ? ? A GLU 37  A NI  204 1_555 ? ? ? ? ? ? ? 2.346 ? ? 
metalc2  metalc ?    ? A HIS 43  NE2 ? ? ? 1_555 C CD  .   CD ? ? A HIS 43  A CD  202 1_555 ? ? ? ? ? ? ? 2.269 ? ? 
metalc3  metalc ?    ? A GLU 91  OE1 ? ? ? 1_555 D NI  .   NI ? ? A GLU 91  A NI  203 1_555 ? ? ? ? ? ? ? 2.097 ? ? 
metalc4  metalc ?    ? A CSD 99  SG  ? ? ? 1_555 B CD  .   CD ? ? A CSD 99  A CD  201 1_555 ? ? ? ? ? ? ? 2.548 ? ? 
metalc5  metalc ?    ? A GLU 128 OE1 ? ? ? 1_555 C CD  .   CD ? ? A GLU 128 A CD  202 8_665 ? ? ? ? ? ? ? 2.488 ? ? 
metalc6  metalc ?    ? A GLU 128 OE2 ? ? ? 1_555 C CD  .   CD ? ? A GLU 128 A CD  202 8_665 ? ? ? ? ? ? ? 2.539 ? ? 
metalc7  metalc ?    ? A GLU 130 OE1 ? ? ? 1_555 C CD  .   CD ? ? A GLU 130 A CD  202 8_665 ? ? ? ? ? ? ? 2.438 ? ? 
metalc8  metalc ?    ? A GLU 132 OE1 ? ? ? 1_555 E NI  .   NI ? ? A GLU 132 A NI  204 8_665 ? ? ? ? ? ? ? 2.523 ? ? 
metalc9  metalc ?    ? A GLU 132 OE2 ? ? ? 1_555 E NI  .   NI ? ? A GLU 132 A NI  204 8_665 ? ? ? ? ? ? ? 2.352 ? ? 
metalc10 metalc ?    ? A HIS 141 NE2 ? ? ? 1_555 B CD  .   CD ? ? A HIS 141 A CD  201 1_555 ? ? ? ? ? ? ? 2.349 ? ? 
metalc11 metalc ?    ? A HIS 145 NE2 ? ? ? 1_555 B CD  .   CD ? ? A HIS 145 A CD  201 1_555 ? ? ? ? ? ? ? 2.346 ? ? 
metalc12 metalc ?    ? B CD  .   CD  ? ? ? 1_555 F K1U .   O1 ? ? A CD  201 A K1U 205 1_555 ? ? ? ? ? ? ? 2.462 ? ? 
metalc13 metalc ?    ? B CD  .   CD  ? ? ? 1_555 F K1U .   O2 ? ? A CD  201 A K1U 205 1_555 ? ? ? ? ? ? ? 1.764 ? ? 
metalc14 metalc ?    ? C CD  .   CD  ? ? ? 1_555 G HOH .   O  ? ? A CD  202 A HOH 308 8_565 ? ? ? ? ? ? ? 2.249 ? ? 
metalc15 metalc ?    ? C CD  .   CD  ? ? ? 1_555 G HOH .   O  ? ? A CD  202 A HOH 336 8_565 ? ? ? ? ? ? ? 2.408 ? ? 
# 
loop_
_struct_conn_type.id 
_struct_conn_type.criteria 
_struct_conn_type.reference 
covale ? ? 
metalc ? ? 
# 
loop_
_pdbx_struct_conn_angle.id 
_pdbx_struct_conn_angle.ptnr1_label_atom_id 
_pdbx_struct_conn_angle.ptnr1_label_alt_id 
_pdbx_struct_conn_angle.ptnr1_label_asym_id 
_pdbx_struct_conn_angle.ptnr1_label_comp_id 
_pdbx_struct_conn_angle.ptnr1_label_seq_id 
_pdbx_struct_conn_angle.ptnr1_auth_atom_id 
_pdbx_struct_conn_angle.ptnr1_auth_asym_id 
_pdbx_struct_conn_angle.ptnr1_auth_comp_id 
_pdbx_struct_conn_angle.ptnr1_auth_seq_id 
_pdbx_struct_conn_angle.ptnr1_PDB_ins_code 
_pdbx_struct_conn_angle.ptnr1_symmetry 
_pdbx_struct_conn_angle.ptnr2_label_atom_id 
_pdbx_struct_conn_angle.ptnr2_label_alt_id 
_pdbx_struct_conn_angle.ptnr2_label_asym_id 
_pdbx_struct_conn_angle.ptnr2_label_comp_id 
_pdbx_struct_conn_angle.ptnr2_label_seq_id 
_pdbx_struct_conn_angle.ptnr2_auth_atom_id 
_pdbx_struct_conn_angle.ptnr2_auth_asym_id 
_pdbx_struct_conn_angle.ptnr2_auth_comp_id 
_pdbx_struct_conn_angle.ptnr2_auth_seq_id 
_pdbx_struct_conn_angle.ptnr2_PDB_ins_code 
_pdbx_struct_conn_angle.ptnr2_symmetry 
_pdbx_struct_conn_angle.ptnr3_label_atom_id 
_pdbx_struct_conn_angle.ptnr3_label_alt_id 
_pdbx_struct_conn_angle.ptnr3_label_asym_id 
_pdbx_struct_conn_angle.ptnr3_label_comp_id 
_pdbx_struct_conn_angle.ptnr3_label_seq_id 
_pdbx_struct_conn_angle.ptnr3_auth_atom_id 
_pdbx_struct_conn_angle.ptnr3_auth_asym_id 
_pdbx_struct_conn_angle.ptnr3_auth_comp_id 
_pdbx_struct_conn_angle.ptnr3_auth_seq_id 
_pdbx_struct_conn_angle.ptnr3_PDB_ins_code 
_pdbx_struct_conn_angle.ptnr3_symmetry 
_pdbx_struct_conn_angle.value 
_pdbx_struct_conn_angle.value_esd 
1  OE2 ? A GLU 37  ? A GLU 37  ? 1_555 NI ? E NI . ? A NI 204 ? 1_555 OE1 ? A GLU 132 ? A GLU 132 ? 1_555 30.0  ? 
2  OE2 ? A GLU 37  ? A GLU 37  ? 1_555 NI ? E NI . ? A NI 204 ? 1_555 OE2 ? A GLU 132 ? A GLU 132 ? 1_555 32.3  ? 
3  OE1 ? A GLU 132 ? A GLU 132 ? 1_555 NI ? E NI . ? A NI 204 ? 1_555 OE2 ? A GLU 132 ? A GLU 132 ? 1_555 2.9   ? 
4  NE2 ? A HIS 43  ? A HIS 43  ? 1_555 CD ? C CD . ? A CD 202 ? 1_555 OE1 ? A GLU 128 ? A GLU 128 ? 1_555 51.8  ? 
5  NE2 ? A HIS 43  ? A HIS 43  ? 1_555 CD ? C CD . ? A CD 202 ? 1_555 OE2 ? A GLU 128 ? A GLU 128 ? 1_555 54.8  ? 
6  OE1 ? A GLU 128 ? A GLU 128 ? 1_555 CD ? C CD . ? A CD 202 ? 1_555 OE2 ? A GLU 128 ? A GLU 128 ? 1_555 3.5   ? 
7  NE2 ? A HIS 43  ? A HIS 43  ? 1_555 CD ? C CD . ? A CD 202 ? 1_555 OE1 ? A GLU 130 ? A GLU 130 ? 1_555 47.1  ? 
8  OE1 ? A GLU 128 ? A GLU 128 ? 1_555 CD ? C CD . ? A CD 202 ? 1_555 OE1 ? A GLU 130 ? A GLU 130 ? 1_555 5.5   ? 
9  OE2 ? A GLU 128 ? A GLU 128 ? 1_555 CD ? C CD . ? A CD 202 ? 1_555 OE1 ? A GLU 130 ? A GLU 130 ? 1_555 7.7   ? 
10 NE2 ? A HIS 43  ? A HIS 43  ? 1_555 CD ? C CD . ? A CD 202 ? 1_555 O   ? G HOH .   ? A HOH 308 ? 8_565 94.4  ? 
11 OE1 ? A GLU 128 ? A GLU 128 ? 1_555 CD ? C CD . ? A CD 202 ? 1_555 O   ? G HOH .   ? A HOH 308 ? 8_565 93.7  ? 
12 OE2 ? A GLU 128 ? A GLU 128 ? 1_555 CD ? C CD . ? A CD 202 ? 1_555 O   ? G HOH .   ? A HOH 308 ? 8_565 95.5  ? 
13 OE1 ? A GLU 130 ? A GLU 130 ? 1_555 CD ? C CD . ? A CD 202 ? 1_555 O   ? G HOH .   ? A HOH 308 ? 8_565 96.6  ? 
14 NE2 ? A HIS 43  ? A HIS 43  ? 1_555 CD ? C CD . ? A CD 202 ? 1_555 O   ? G HOH .   ? A HOH 336 ? 8_565 158.9 ? 
15 OE1 ? A GLU 128 ? A GLU 128 ? 1_555 CD ? C CD . ? A CD 202 ? 1_555 O   ? G HOH .   ? A HOH 336 ? 8_565 147.9 ? 
16 OE2 ? A GLU 128 ? A GLU 128 ? 1_555 CD ? C CD . ? A CD 202 ? 1_555 O   ? G HOH .   ? A HOH 336 ? 8_565 145.3 ? 
17 OE1 ? A GLU 130 ? A GLU 130 ? 1_555 CD ? C CD . ? A CD 202 ? 1_555 O   ? G HOH .   ? A HOH 336 ? 8_565 153.1 ? 
18 O   ? G HOH .   ? A HOH 308 ? 8_565 CD ? C CD . ? A CD 202 ? 1_555 O   ? G HOH .   ? A HOH 336 ? 8_565 79.4  ? 
19 SG  ? A CSD 99  ? A CSD 99  ? 1_555 CD ? B CD . ? A CD 201 ? 1_555 NE2 ? A HIS 141 ? A HIS 141 ? 1_555 101.6 ? 
20 SG  ? A CSD 99  ? A CSD 99  ? 1_555 CD ? B CD . ? A CD 201 ? 1_555 NE2 ? A HIS 145 ? A HIS 145 ? 1_555 100.7 ? 
21 NE2 ? A HIS 141 ? A HIS 141 ? 1_555 CD ? B CD . ? A CD 201 ? 1_555 NE2 ? A HIS 145 ? A HIS 145 ? 1_555 105.0 ? 
22 SG  ? A CSD 99  ? A CSD 99  ? 1_555 CD ? B CD . ? A CD 201 ? 1_555 O1  ? F K1U .   ? A K1U 205 ? 1_555 95.6  ? 
23 NE2 ? A HIS 141 ? A HIS 141 ? 1_555 CD ? B CD . ? A CD 201 ? 1_555 O1  ? F K1U .   ? A K1U 205 ? 1_555 109.0 ? 
24 NE2 ? A HIS 145 ? A HIS 145 ? 1_555 CD ? B CD . ? A CD 201 ? 1_555 O1  ? F K1U .   ? A K1U 205 ? 1_555 138.2 ? 
25 SG  ? A CSD 99  ? A CSD 99  ? 1_555 CD ? B CD . ? A CD 201 ? 1_555 O2  ? F K1U .   ? A K1U 205 ? 1_555 159.9 ? 
26 NE2 ? A HIS 141 ? A HIS 141 ? 1_555 CD ? B CD . ? A CD 201 ? 1_555 O2  ? F K1U .   ? A K1U 205 ? 1_555 93.8  ? 
27 NE2 ? A HIS 145 ? A HIS 145 ? 1_555 CD ? B CD . ? A CD 201 ? 1_555 O2  ? F K1U .   ? A K1U 205 ? 1_555 87.5  ? 
28 O1  ? F K1U .   ? A K1U 205 ? 1_555 CD ? B CD . ? A CD 201 ? 1_555 O2  ? F K1U .   ? A K1U 205 ? 1_555 67.0  ? 
# 
loop_
_pdbx_modification_feature.ordinal 
_pdbx_modification_feature.label_comp_id 
_pdbx_modification_feature.label_asym_id 
_pdbx_modification_feature.label_seq_id 
_pdbx_modification_feature.label_alt_id 
_pdbx_modification_feature.modified_residue_label_comp_id 
_pdbx_modification_feature.modified_residue_label_asym_id 
_pdbx_modification_feature.modified_residue_label_seq_id 
_pdbx_modification_feature.modified_residue_label_alt_id 
_pdbx_modification_feature.auth_comp_id 
_pdbx_modification_feature.auth_asym_id 
_pdbx_modification_feature.auth_seq_id 
_pdbx_modification_feature.PDB_ins_code 
_pdbx_modification_feature.symmetry 
_pdbx_modification_feature.modified_residue_auth_comp_id 
_pdbx_modification_feature.modified_residue_auth_asym_id 
_pdbx_modification_feature.modified_residue_auth_seq_id 
_pdbx_modification_feature.modified_residue_PDB_ins_code 
_pdbx_modification_feature.modified_residue_symmetry 
_pdbx_modification_feature.comp_id_linking_atom 
_pdbx_modification_feature.modified_residue_id_linking_atom 
_pdbx_modification_feature.modified_residue_id 
_pdbx_modification_feature.ref_pcm_id 
_pdbx_modification_feature.ref_comp_id 
_pdbx_modification_feature.type 
_pdbx_modification_feature.category 
1 CSD A 99 ? . . . . CSD A 99 ? 1_555 . . . . . . . CYS 1 CSD Oxidation     'Named protein modification' 
2 CSD A 99 ? . . . . CSD A 99 ? 1_555 . . . . . . . CYS 2 CSD Hydroxylation 'Named protein modification' 
# 
loop_
_struct_sheet.id 
_struct_sheet.type 
_struct_sheet.number_strands 
_struct_sheet.details 
AA1 ? 5 ? 
AA2 ? 3 ? 
# 
loop_
_struct_sheet_order.sheet_id 
_struct_sheet_order.range_id_1 
_struct_sheet_order.range_id_2 
_struct_sheet_order.offset 
_struct_sheet_order.sense 
AA1 1 2 ? anti-parallel 
AA1 2 3 ? anti-parallel 
AA1 3 4 ? anti-parallel 
AA1 4 5 ? anti-parallel 
AA2 1 2 ? anti-parallel 
AA2 2 3 ? anti-parallel 
# 
loop_
_struct_sheet_range.sheet_id 
_struct_sheet_range.id 
_struct_sheet_range.beg_label_comp_id 
_struct_sheet_range.beg_label_asym_id 
_struct_sheet_range.beg_label_seq_id 
_struct_sheet_range.pdbx_beg_PDB_ins_code 
_struct_sheet_range.end_label_comp_id 
_struct_sheet_range.end_label_asym_id 
_struct_sheet_range.end_label_seq_id 
_struct_sheet_range.pdbx_end_PDB_ins_code 
_struct_sheet_range.beg_auth_comp_id 
_struct_sheet_range.beg_auth_asym_id 
_struct_sheet_range.beg_auth_seq_id 
_struct_sheet_range.end_auth_comp_id 
_struct_sheet_range.end_auth_asym_id 
_struct_sheet_range.end_auth_seq_id 
AA1 1 GLY A 46  ? ALA A 48  ? GLY A 46  ALA A 48  
AA1 2 LEU A 58  ? PHE A 61  ? LEU A 58  PHE A 61  
AA1 3 THR A 78  ? PRO A 87  ? THR A 78  PRO A 87  
AA1 4 TYR A 114 ? PHE A 120 ? TYR A 114 PHE A 120 
AA1 5 PRO A 126 ? GLU A 132 ? PRO A 126 GLU A 132 
AA2 1 MET A 92  ? GLU A 97  ? MET A 92  GLU A 97  
AA2 2 LEU A 105 ? TYR A 112 ? LEU A 105 TYR A 112 
AA2 3 GLY A 162 ? PHE A 163 ? GLY A 162 PHE A 163 
# 
loop_
_pdbx_struct_sheet_hbond.sheet_id 
_pdbx_struct_sheet_hbond.range_id_1 
_pdbx_struct_sheet_hbond.range_id_2 
_pdbx_struct_sheet_hbond.range_1_label_atom_id 
_pdbx_struct_sheet_hbond.range_1_label_comp_id 
_pdbx_struct_sheet_hbond.range_1_label_asym_id 
_pdbx_struct_sheet_hbond.range_1_label_seq_id 
_pdbx_struct_sheet_hbond.range_1_PDB_ins_code 
_pdbx_struct_sheet_hbond.range_1_auth_atom_id 
_pdbx_struct_sheet_hbond.range_1_auth_comp_id 
_pdbx_struct_sheet_hbond.range_1_auth_asym_id 
_pdbx_struct_sheet_hbond.range_1_auth_seq_id 
_pdbx_struct_sheet_hbond.range_2_label_atom_id 
_pdbx_struct_sheet_hbond.range_2_label_comp_id 
_pdbx_struct_sheet_hbond.range_2_label_asym_id 
_pdbx_struct_sheet_hbond.range_2_label_seq_id 
_pdbx_struct_sheet_hbond.range_2_PDB_ins_code 
_pdbx_struct_sheet_hbond.range_2_auth_atom_id 
_pdbx_struct_sheet_hbond.range_2_auth_comp_id 
_pdbx_struct_sheet_hbond.range_2_auth_asym_id 
_pdbx_struct_sheet_hbond.range_2_auth_seq_id 
AA1 1 2 N LEU A 47  ? N LEU A 47  O VAL A 60  ? O VAL A 60  
AA1 2 3 N MET A 59  ? N MET A 59  O LEU A 80  ? O LEU A 80  
AA1 3 4 N ALA A 81  ? N ALA A 81  O PHE A 120 ? O PHE A 120 
AA1 4 5 N ILE A 115 ? N ILE A 115 O ALA A 131 ? O ALA A 131 
AA2 1 2 N GLU A 97  ? N GLU A 97  O ALA A 107 ? O ALA A 107 
AA2 2 3 N ARG A 106 ? N ARG A 106 O GLY A 162 ? O GLY A 162 
# 
loop_
_struct_site.id 
_struct_site.pdbx_evidence_code 
_struct_site.pdbx_auth_asym_id 
_struct_site.pdbx_auth_comp_id 
_struct_site.pdbx_auth_seq_id 
_struct_site.pdbx_auth_ins_code 
_struct_site.pdbx_num_residues 
_struct_site.details 
AC1 Software A CD  201 ? 5  'binding site for residue CD A 201'  
AC2 Software A CD  202 ? 5  'binding site for residue CD A 202'  
AC3 Software A NI  203 ? 2  'binding site for residue NI A 203'  
AC4 Software A NI  204 ? 2  'binding site for residue NI A 204'  
AC5 Software A K1U 205 ? 14 'binding site for residue K1U A 205' 
# 
loop_
_struct_site_gen.id 
_struct_site_gen.site_id 
_struct_site_gen.pdbx_num_res 
_struct_site_gen.label_comp_id 
_struct_site_gen.label_asym_id 
_struct_site_gen.label_seq_id 
_struct_site_gen.pdbx_auth_ins_code 
_struct_site_gen.auth_comp_id 
_struct_site_gen.auth_asym_id 
_struct_site_gen.auth_seq_id 
_struct_site_gen.label_atom_id 
_struct_site_gen.label_alt_id 
_struct_site_gen.symmetry 
_struct_site_gen.details 
1  AC1 5  GLN A 51  ? GLN A 51  . ? 1_555 ? 
2  AC1 5  CSD A 99  ? CSD A 99  . ? 1_555 ? 
3  AC1 5  HIS A 141 ? HIS A 141 . ? 1_555 ? 
4  AC1 5  HIS A 145 ? HIS A 145 . ? 1_555 ? 
5  AC1 5  K1U F .   ? K1U A 205 . ? 1_555 ? 
6  AC2 5  HIS A 43  ? HIS A 43  . ? 1_555 ? 
7  AC2 5  GLU A 128 ? GLU A 128 . ? 8_565 ? 
8  AC2 5  GLU A 130 ? GLU A 130 . ? 8_565 ? 
9  AC2 5  HOH G .   ? HOH A 308 . ? 8_565 ? 
10 AC2 5  HOH G .   ? HOH A 336 . ? 8_565 ? 
11 AC3 2  GLU A 91  ? GLU A 91  . ? 1_555 ? 
12 AC3 2  ARG A 113 ? ARG A 113 . ? 1_555 ? 
13 AC4 2  GLU A 37  ? GLU A 37  . ? 1_555 ? 
14 AC4 2  GLU A 132 ? GLU A 132 . ? 8_565 ? 
15 AC5 14 HIS A 43  ? HIS A 43  . ? 1_555 ? 
16 AC5 14 GLY A 44  ? GLY A 44  . ? 1_555 ? 
17 AC5 14 VAL A 45  ? VAL A 45  . ? 1_555 ? 
18 AC5 14 GLY A 46  ? GLY A 46  . ? 1_555 ? 
19 AC5 14 GLN A 51  ? GLN A 51  . ? 1_555 ? 
20 AC5 14 TRP A 96  ? TRP A 96  . ? 1_555 ? 
21 AC5 14 GLU A 97  ? GLU A 97  . ? 1_555 ? 
22 AC5 14 GLY A 98  ? GLY A 98  . ? 1_555 ? 
23 AC5 14 CSD A 99  ? CSD A 99  . ? 1_555 ? 
24 AC5 14 LEU A 100 ? LEU A 100 . ? 1_555 ? 
25 AC5 14 HIS A 141 ? HIS A 141 . ? 1_555 ? 
26 AC5 14 GLU A 142 ? GLU A 142 . ? 1_555 ? 
27 AC5 14 HIS A 145 ? HIS A 145 . ? 1_555 ? 
28 AC5 14 CD  B .   ? CD  A 201 . ? 1_555 ? 
# 
_pdbx_entry_details.entry_id                   6IKT 
_pdbx_entry_details.compound_details           ? 
_pdbx_entry_details.source_details             ? 
_pdbx_entry_details.nonpolymer_details         ? 
_pdbx_entry_details.sequence_details           ? 
_pdbx_entry_details.has_ligand_of_interest     ? 
_pdbx_entry_details.has_protein_modification   Y 
# 
loop_
_pdbx_validate_rmsd_angle.id 
_pdbx_validate_rmsd_angle.PDB_model_num 
_pdbx_validate_rmsd_angle.auth_atom_id_1 
_pdbx_validate_rmsd_angle.auth_asym_id_1 
_pdbx_validate_rmsd_angle.auth_comp_id_1 
_pdbx_validate_rmsd_angle.auth_seq_id_1 
_pdbx_validate_rmsd_angle.PDB_ins_code_1 
_pdbx_validate_rmsd_angle.label_alt_id_1 
_pdbx_validate_rmsd_angle.auth_atom_id_2 
_pdbx_validate_rmsd_angle.auth_asym_id_2 
_pdbx_validate_rmsd_angle.auth_comp_id_2 
_pdbx_validate_rmsd_angle.auth_seq_id_2 
_pdbx_validate_rmsd_angle.PDB_ins_code_2 
_pdbx_validate_rmsd_angle.label_alt_id_2 
_pdbx_validate_rmsd_angle.auth_atom_id_3 
_pdbx_validate_rmsd_angle.auth_asym_id_3 
_pdbx_validate_rmsd_angle.auth_comp_id_3 
_pdbx_validate_rmsd_angle.auth_seq_id_3 
_pdbx_validate_rmsd_angle.PDB_ins_code_3 
_pdbx_validate_rmsd_angle.label_alt_id_3 
_pdbx_validate_rmsd_angle.angle_value 
_pdbx_validate_rmsd_angle.angle_target_value 
_pdbx_validate_rmsd_angle.angle_deviation 
_pdbx_validate_rmsd_angle.angle_standard_deviation 
_pdbx_validate_rmsd_angle.linker_flag 
1 1 NE A ARG 3   ? ? CZ A ARG 3   ? ? NH1 A ARG 3   ? ? 123.38 120.30 3.08  0.50 N 
2 1 NE A ARG 3   ? ? CZ A ARG 3   ? ? NH2 A ARG 3   ? ? 116.49 120.30 -3.81 0.50 N 
3 1 NE A ARG 7   ? ? CZ A ARG 7   ? ? NH2 A ARG 7   ? ? 117.07 120.30 -3.23 0.50 N 
4 1 NE A ARG 106 ? ? CZ A ARG 106 ? ? NH1 A ARG 106 ? ? 116.67 120.30 -3.63 0.50 N 
5 1 NE A ARG 106 ? ? CZ A ARG 106 ? ? NH2 A ARG 106 ? ? 124.88 120.30 4.58  0.50 N 
6 1 CB A ASP 123 ? ? CG A ASP 123 ? ? OD1 A ASP 123 ? ? 123.84 118.30 5.54  0.90 N 
# 
_pdbx_struct_mod_residue.id               1 
_pdbx_struct_mod_residue.label_asym_id    A 
_pdbx_struct_mod_residue.label_comp_id    CSD 
_pdbx_struct_mod_residue.label_seq_id     99 
_pdbx_struct_mod_residue.auth_asym_id     A 
_pdbx_struct_mod_residue.auth_comp_id     CSD 
_pdbx_struct_mod_residue.auth_seq_id      99 
_pdbx_struct_mod_residue.PDB_ins_code     ? 
_pdbx_struct_mod_residue.parent_comp_id   CYS 
_pdbx_struct_mod_residue.details          'modified residue' 
# 
loop_
_pdbx_unobs_or_zero_occ_residues.id 
_pdbx_unobs_or_zero_occ_residues.PDB_model_num 
_pdbx_unobs_or_zero_occ_residues.polymer_flag 
_pdbx_unobs_or_zero_occ_residues.occupancy_flag 
_pdbx_unobs_or_zero_occ_residues.auth_asym_id 
_pdbx_unobs_or_zero_occ_residues.auth_comp_id 
_pdbx_unobs_or_zero_occ_residues.auth_seq_id 
_pdbx_unobs_or_zero_occ_residues.PDB_ins_code 
_pdbx_unobs_or_zero_occ_residues.label_asym_id 
_pdbx_unobs_or_zero_occ_residues.label_comp_id 
_pdbx_unobs_or_zero_occ_residues.label_seq_id 
1  1 Y 1 A GLU 64 ? A GLU 64 
2  1 Y 1 A ALA 65 ? A ALA 65 
3  1 Y 1 A SER 66 ? A SER 66 
4  1 Y 1 A GLU 67 ? A GLU 67 
5  1 Y 1 A ARG 68 ? A ARG 68 
6  1 Y 1 A TYR 69 ? A TYR 69 
7  1 Y 1 A PRO 70 ? A PRO 70 
8  1 Y 1 A GLU 71 ? A GLU 71 
9  1 Y 1 A ALA 72 ? A ALA 72 
10 1 Y 1 A PRO 73 ? A PRO 73 
# 
loop_
_chem_comp_atom.comp_id 
_chem_comp_atom.atom_id 
_chem_comp_atom.type_symbol 
_chem_comp_atom.pdbx_aromatic_flag 
_chem_comp_atom.pdbx_stereo_config 
_chem_comp_atom.pdbx_ordinal 
ALA N    N  N N 1   
ALA CA   C  N S 2   
ALA C    C  N N 3   
ALA O    O  N N 4   
ALA CB   C  N N 5   
ALA OXT  O  N N 6   
ALA H    H  N N 7   
ALA H2   H  N N 8   
ALA HA   H  N N 9   
ALA HB1  H  N N 10  
ALA HB2  H  N N 11  
ALA HB3  H  N N 12  
ALA HXT  H  N N 13  
ARG N    N  N N 14  
ARG CA   C  N S 15  
ARG C    C  N N 16  
ARG O    O  N N 17  
ARG CB   C  N N 18  
ARG CG   C  N N 19  
ARG CD   C  N N 20  
ARG NE   N  N N 21  
ARG CZ   C  N N 22  
ARG NH1  N  N N 23  
ARG NH2  N  N N 24  
ARG OXT  O  N N 25  
ARG H    H  N N 26  
ARG H2   H  N N 27  
ARG HA   H  N N 28  
ARG HB2  H  N N 29  
ARG HB3  H  N N 30  
ARG HG2  H  N N 31  
ARG HG3  H  N N 32  
ARG HD2  H  N N 33  
ARG HD3  H  N N 34  
ARG HE   H  N N 35  
ARG HH11 H  N N 36  
ARG HH12 H  N N 37  
ARG HH21 H  N N 38  
ARG HH22 H  N N 39  
ARG HXT  H  N N 40  
ASN N    N  N N 41  
ASN CA   C  N S 42  
ASN C    C  N N 43  
ASN O    O  N N 44  
ASN CB   C  N N 45  
ASN CG   C  N N 46  
ASN OD1  O  N N 47  
ASN ND2  N  N N 48  
ASN OXT  O  N N 49  
ASN H    H  N N 50  
ASN H2   H  N N 51  
ASN HA   H  N N 52  
ASN HB2  H  N N 53  
ASN HB3  H  N N 54  
ASN HD21 H  N N 55  
ASN HD22 H  N N 56  
ASN HXT  H  N N 57  
ASP N    N  N N 58  
ASP CA   C  N S 59  
ASP C    C  N N 60  
ASP O    O  N N 61  
ASP CB   C  N N 62  
ASP CG   C  N N 63  
ASP OD1  O  N N 64  
ASP OD2  O  N N 65  
ASP OXT  O  N N 66  
ASP H    H  N N 67  
ASP H2   H  N N 68  
ASP HA   H  N N 69  
ASP HB2  H  N N 70  
ASP HB3  H  N N 71  
ASP HD2  H  N N 72  
ASP HXT  H  N N 73  
CD  CD   CD N N 74  
CSD N    N  N N 75  
CSD CA   C  N R 76  
CSD CB   C  N N 77  
CSD SG   S  N N 78  
CSD C    C  N N 79  
CSD O    O  N N 80  
CSD OXT  O  N N 81  
CSD OD1  O  N N 82  
CSD OD2  O  N N 83  
CSD H    H  N N 84  
CSD H2   H  N N 85  
CSD HA   H  N N 86  
CSD HB2  H  N N 87  
CSD HB3  H  N N 88  
CSD HXT  H  N N 89  
CSD HD2  H  N N 90  
GLN N    N  N N 91  
GLN CA   C  N S 92  
GLN C    C  N N 93  
GLN O    O  N N 94  
GLN CB   C  N N 95  
GLN CG   C  N N 96  
GLN CD   C  N N 97  
GLN OE1  O  N N 98  
GLN NE2  N  N N 99  
GLN OXT  O  N N 100 
GLN H    H  N N 101 
GLN H2   H  N N 102 
GLN HA   H  N N 103 
GLN HB2  H  N N 104 
GLN HB3  H  N N 105 
GLN HG2  H  N N 106 
GLN HG3  H  N N 107 
GLN HE21 H  N N 108 
GLN HE22 H  N N 109 
GLN HXT  H  N N 110 
GLU N    N  N N 111 
GLU CA   C  N S 112 
GLU C    C  N N 113 
GLU O    O  N N 114 
GLU CB   C  N N 115 
GLU CG   C  N N 116 
GLU CD   C  N N 117 
GLU OE1  O  N N 118 
GLU OE2  O  N N 119 
GLU OXT  O  N N 120 
GLU H    H  N N 121 
GLU H2   H  N N 122 
GLU HA   H  N N 123 
GLU HB2  H  N N 124 
GLU HB3  H  N N 125 
GLU HG2  H  N N 126 
GLU HG3  H  N N 127 
GLU HE2  H  N N 128 
GLU HXT  H  N N 129 
GLY N    N  N N 130 
GLY CA   C  N N 131 
GLY C    C  N N 132 
GLY O    O  N N 133 
GLY OXT  O  N N 134 
GLY H    H  N N 135 
GLY H2   H  N N 136 
GLY HA2  H  N N 137 
GLY HA3  H  N N 138 
GLY HXT  H  N N 139 
HIS N    N  N N 140 
HIS CA   C  N S 141 
HIS C    C  N N 142 
HIS O    O  N N 143 
HIS CB   C  N N 144 
HIS CG   C  Y N 145 
HIS ND1  N  Y N 146 
HIS CD2  C  Y N 147 
HIS CE1  C  Y N 148 
HIS NE2  N  Y N 149 
HIS OXT  O  N N 150 
HIS H    H  N N 151 
HIS H2   H  N N 152 
HIS HA   H  N N 153 
HIS HB2  H  N N 154 
HIS HB3  H  N N 155 
HIS HD1  H  N N 156 
HIS HD2  H  N N 157 
HIS HE1  H  N N 158 
HIS HE2  H  N N 159 
HIS HXT  H  N N 160 
HOH O    O  N N 161 
HOH H1   H  N N 162 
HOH H2   H  N N 163 
ILE N    N  N N 164 
ILE CA   C  N S 165 
ILE C    C  N N 166 
ILE O    O  N N 167 
ILE CB   C  N S 168 
ILE CG1  C  N N 169 
ILE CG2  C  N N 170 
ILE CD1  C  N N 171 
ILE OXT  O  N N 172 
ILE H    H  N N 173 
ILE H2   H  N N 174 
ILE HA   H  N N 175 
ILE HB   H  N N 176 
ILE HG12 H  N N 177 
ILE HG13 H  N N 178 
ILE HG21 H  N N 179 
ILE HG22 H  N N 180 
ILE HG23 H  N N 181 
ILE HD11 H  N N 182 
ILE HD12 H  N N 183 
ILE HD13 H  N N 184 
ILE HXT  H  N N 185 
K1U O1   O  N N 186 
K1U C8   C  N N 187 
K1U O2   O  N N 188 
K1U C24  C  N N 189 
K1U C9   C  N R 190 
K1U C1   C  N N 191 
K1U C2   C  Y N 192 
K1U C3   C  Y N 193 
K1U C4   C  Y N 194 
K1U C5   C  Y N 195 
K1U C6   C  Y N 196 
K1U C7   C  Y N 197 
K1U C10  C  N N 198 
K1U O3   O  N N 199 
K1U S1   S  N N 200 
K1U C11  C  N N 201 
K1U C12  C  N N 202 
K1U O4   O  N N 203 
K1U C13  C  Y N 204 
K1U C14  C  Y N 205 
K1U C15  C  Y N 206 
K1U C16  C  Y N 207 
K1U C17  C  Y N 208 
K1U C18  C  Y N 209 
K1U H1   H  N N 210 
K1U H2   H  N N 211 
K1U H3   H  N N 212 
K1U H4   H  N N 213 
K1U H5   H  N N 214 
K1U H6   H  N N 215 
K1U H7   H  N N 216 
K1U H8   H  N N 217 
K1U H9   H  N N 218 
K1U H10  H  N N 219 
K1U H11  H  N N 220 
K1U H12  H  N N 221 
K1U H13  H  N N 222 
K1U H14  H  N N 223 
K1U H15  H  N N 224 
K1U H16  H  N N 225 
K1U H17  H  N N 226 
K1U H18  H  N N 227 
LEU N    N  N N 228 
LEU CA   C  N S 229 
LEU C    C  N N 230 
LEU O    O  N N 231 
LEU CB   C  N N 232 
LEU CG   C  N N 233 
LEU CD1  C  N N 234 
LEU CD2  C  N N 235 
LEU OXT  O  N N 236 
LEU H    H  N N 237 
LEU H2   H  N N 238 
LEU HA   H  N N 239 
LEU HB2  H  N N 240 
LEU HB3  H  N N 241 
LEU HG   H  N N 242 
LEU HD11 H  N N 243 
LEU HD12 H  N N 244 
LEU HD13 H  N N 245 
LEU HD21 H  N N 246 
LEU HD22 H  N N 247 
LEU HD23 H  N N 248 
LEU HXT  H  N N 249 
LYS N    N  N N 250 
LYS CA   C  N S 251 
LYS C    C  N N 252 
LYS O    O  N N 253 
LYS CB   C  N N 254 
LYS CG   C  N N 255 
LYS CD   C  N N 256 
LYS CE   C  N N 257 
LYS NZ   N  N N 258 
LYS OXT  O  N N 259 
LYS H    H  N N 260 
LYS H2   H  N N 261 
LYS HA   H  N N 262 
LYS HB2  H  N N 263 
LYS HB3  H  N N 264 
LYS HG2  H  N N 265 
LYS HG3  H  N N 266 
LYS HD2  H  N N 267 
LYS HD3  H  N N 268 
LYS HE2  H  N N 269 
LYS HE3  H  N N 270 
LYS HZ1  H  N N 271 
LYS HZ2  H  N N 272 
LYS HZ3  H  N N 273 
LYS HXT  H  N N 274 
MET N    N  N N 275 
MET CA   C  N S 276 
MET C    C  N N 277 
MET O    O  N N 278 
MET CB   C  N N 279 
MET CG   C  N N 280 
MET SD   S  N N 281 
MET CE   C  N N 282 
MET OXT  O  N N 283 
MET H    H  N N 284 
MET H2   H  N N 285 
MET HA   H  N N 286 
MET HB2  H  N N 287 
MET HB3  H  N N 288 
MET HG2  H  N N 289 
MET HG3  H  N N 290 
MET HE1  H  N N 291 
MET HE2  H  N N 292 
MET HE3  H  N N 293 
MET HXT  H  N N 294 
NI  NI   NI N N 295 
PHE N    N  N N 296 
PHE CA   C  N S 297 
PHE C    C  N N 298 
PHE O    O  N N 299 
PHE CB   C  N N 300 
PHE CG   C  Y N 301 
PHE CD1  C  Y N 302 
PHE CD2  C  Y N 303 
PHE CE1  C  Y N 304 
PHE CE2  C  Y N 305 
PHE CZ   C  Y N 306 
PHE OXT  O  N N 307 
PHE H    H  N N 308 
PHE H2   H  N N 309 
PHE HA   H  N N 310 
PHE HB2  H  N N 311 
PHE HB3  H  N N 312 
PHE HD1  H  N N 313 
PHE HD2  H  N N 314 
PHE HE1  H  N N 315 
PHE HE2  H  N N 316 
PHE HZ   H  N N 317 
PHE HXT  H  N N 318 
PRO N    N  N N 319 
PRO CA   C  N S 320 
PRO C    C  N N 321 
PRO O    O  N N 322 
PRO CB   C  N N 323 
PRO CG   C  N N 324 
PRO CD   C  N N 325 
PRO OXT  O  N N 326 
PRO H    H  N N 327 
PRO HA   H  N N 328 
PRO HB2  H  N N 329 
PRO HB3  H  N N 330 
PRO HG2  H  N N 331 
PRO HG3  H  N N 332 
PRO HD2  H  N N 333 
PRO HD3  H  N N 334 
PRO HXT  H  N N 335 
SER N    N  N N 336 
SER CA   C  N S 337 
SER C    C  N N 338 
SER O    O  N N 339 
SER CB   C  N N 340 
SER OG   O  N N 341 
SER OXT  O  N N 342 
SER H    H  N N 343 
SER H2   H  N N 344 
SER HA   H  N N 345 
SER HB2  H  N N 346 
SER HB3  H  N N 347 
SER HG   H  N N 348 
SER HXT  H  N N 349 
THR N    N  N N 350 
THR CA   C  N S 351 
THR C    C  N N 352 
THR O    O  N N 353 
THR CB   C  N R 354 
THR OG1  O  N N 355 
THR CG2  C  N N 356 
THR OXT  O  N N 357 
THR H    H  N N 358 
THR H2   H  N N 359 
THR HA   H  N N 360 
THR HB   H  N N 361 
THR HG1  H  N N 362 
THR HG21 H  N N 363 
THR HG22 H  N N 364 
THR HG23 H  N N 365 
THR HXT  H  N N 366 
TRP N    N  N N 367 
TRP CA   C  N S 368 
TRP C    C  N N 369 
TRP O    O  N N 370 
TRP CB   C  N N 371 
TRP CG   C  Y N 372 
TRP CD1  C  Y N 373 
TRP CD2  C  Y N 374 
TRP NE1  N  Y N 375 
TRP CE2  C  Y N 376 
TRP CE3  C  Y N 377 
TRP CZ2  C  Y N 378 
TRP CZ3  C  Y N 379 
TRP CH2  C  Y N 380 
TRP OXT  O  N N 381 
TRP H    H  N N 382 
TRP H2   H  N N 383 
TRP HA   H  N N 384 
TRP HB2  H  N N 385 
TRP HB3  H  N N 386 
TRP HD1  H  N N 387 
TRP HE1  H  N N 388 
TRP HE3  H  N N 389 
TRP HZ2  H  N N 390 
TRP HZ3  H  N N 391 
TRP HH2  H  N N 392 
TRP HXT  H  N N 393 
TYR N    N  N N 394 
TYR CA   C  N S 395 
TYR C    C  N N 396 
TYR O    O  N N 397 
TYR CB   C  N N 398 
TYR CG   C  Y N 399 
TYR CD1  C  Y N 400 
TYR CD2  C  Y N 401 
TYR CE1  C  Y N 402 
TYR CE2  C  Y N 403 
TYR CZ   C  Y N 404 
TYR OH   O  N N 405 
TYR OXT  O  N N 406 
TYR H    H  N N 407 
TYR H2   H  N N 408 
TYR HA   H  N N 409 
TYR HB2  H  N N 410 
TYR HB3  H  N N 411 
TYR HD1  H  N N 412 
TYR HD2  H  N N 413 
TYR HE1  H  N N 414 
TYR HE2  H  N N 415 
TYR HH   H  N N 416 
TYR HXT  H  N N 417 
VAL N    N  N N 418 
VAL CA   C  N S 419 
VAL C    C  N N 420 
VAL O    O  N N 421 
VAL CB   C  N N 422 
VAL CG1  C  N N 423 
VAL CG2  C  N N 424 
VAL OXT  O  N N 425 
VAL H    H  N N 426 
VAL H2   H  N N 427 
VAL HA   H  N N 428 
VAL HB   H  N N 429 
VAL HG11 H  N N 430 
VAL HG12 H  N N 431 
VAL HG13 H  N N 432 
VAL HG21 H  N N 433 
VAL HG22 H  N N 434 
VAL HG23 H  N N 435 
VAL HXT  H  N N 436 
# 
loop_
_chem_comp_bond.comp_id 
_chem_comp_bond.atom_id_1 
_chem_comp_bond.atom_id_2 
_chem_comp_bond.value_order 
_chem_comp_bond.pdbx_aromatic_flag 
_chem_comp_bond.pdbx_stereo_config 
_chem_comp_bond.pdbx_ordinal 
ALA N   CA   sing N N 1   
ALA N   H    sing N N 2   
ALA N   H2   sing N N 3   
ALA CA  C    sing N N 4   
ALA CA  CB   sing N N 5   
ALA CA  HA   sing N N 6   
ALA C   O    doub N N 7   
ALA C   OXT  sing N N 8   
ALA CB  HB1  sing N N 9   
ALA CB  HB2  sing N N 10  
ALA CB  HB3  sing N N 11  
ALA OXT HXT  sing N N 12  
ARG N   CA   sing N N 13  
ARG N   H    sing N N 14  
ARG N   H2   sing N N 15  
ARG CA  C    sing N N 16  
ARG CA  CB   sing N N 17  
ARG CA  HA   sing N N 18  
ARG C   O    doub N N 19  
ARG C   OXT  sing N N 20  
ARG CB  CG   sing N N 21  
ARG CB  HB2  sing N N 22  
ARG CB  HB3  sing N N 23  
ARG CG  CD   sing N N 24  
ARG CG  HG2  sing N N 25  
ARG CG  HG3  sing N N 26  
ARG CD  NE   sing N N 27  
ARG CD  HD2  sing N N 28  
ARG CD  HD3  sing N N 29  
ARG NE  CZ   sing N N 30  
ARG NE  HE   sing N N 31  
ARG CZ  NH1  sing N N 32  
ARG CZ  NH2  doub N N 33  
ARG NH1 HH11 sing N N 34  
ARG NH1 HH12 sing N N 35  
ARG NH2 HH21 sing N N 36  
ARG NH2 HH22 sing N N 37  
ARG OXT HXT  sing N N 38  
ASN N   CA   sing N N 39  
ASN N   H    sing N N 40  
ASN N   H2   sing N N 41  
ASN CA  C    sing N N 42  
ASN CA  CB   sing N N 43  
ASN CA  HA   sing N N 44  
ASN C   O    doub N N 45  
ASN C   OXT  sing N N 46  
ASN CB  CG   sing N N 47  
ASN CB  HB2  sing N N 48  
ASN CB  HB3  sing N N 49  
ASN CG  OD1  doub N N 50  
ASN CG  ND2  sing N N 51  
ASN ND2 HD21 sing N N 52  
ASN ND2 HD22 sing N N 53  
ASN OXT HXT  sing N N 54  
ASP N   CA   sing N N 55  
ASP N   H    sing N N 56  
ASP N   H2   sing N N 57  
ASP CA  C    sing N N 58  
ASP CA  CB   sing N N 59  
ASP CA  HA   sing N N 60  
ASP C   O    doub N N 61  
ASP C   OXT  sing N N 62  
ASP CB  CG   sing N N 63  
ASP CB  HB2  sing N N 64  
ASP CB  HB3  sing N N 65  
ASP CG  OD1  doub N N 66  
ASP CG  OD2  sing N N 67  
ASP OD2 HD2  sing N N 68  
ASP OXT HXT  sing N N 69  
CSD N   CA   sing N N 70  
CSD N   H    sing N N 71  
CSD N   H2   sing N N 72  
CSD CA  CB   sing N N 73  
CSD CA  C    sing N N 74  
CSD CA  HA   sing N N 75  
CSD CB  SG   sing N N 76  
CSD CB  HB2  sing N N 77  
CSD CB  HB3  sing N N 78  
CSD SG  OD1  doub N N 79  
CSD SG  OD2  sing N N 80  
CSD C   O    doub N N 81  
CSD C   OXT  sing N N 82  
CSD OXT HXT  sing N N 83  
CSD OD2 HD2  sing N N 84  
GLN N   CA   sing N N 85  
GLN N   H    sing N N 86  
GLN N   H2   sing N N 87  
GLN CA  C    sing N N 88  
GLN CA  CB   sing N N 89  
GLN CA  HA   sing N N 90  
GLN C   O    doub N N 91  
GLN C   OXT  sing N N 92  
GLN CB  CG   sing N N 93  
GLN CB  HB2  sing N N 94  
GLN CB  HB3  sing N N 95  
GLN CG  CD   sing N N 96  
GLN CG  HG2  sing N N 97  
GLN CG  HG3  sing N N 98  
GLN CD  OE1  doub N N 99  
GLN CD  NE2  sing N N 100 
GLN NE2 HE21 sing N N 101 
GLN NE2 HE22 sing N N 102 
GLN OXT HXT  sing N N 103 
GLU N   CA   sing N N 104 
GLU N   H    sing N N 105 
GLU N   H2   sing N N 106 
GLU CA  C    sing N N 107 
GLU CA  CB   sing N N 108 
GLU CA  HA   sing N N 109 
GLU C   O    doub N N 110 
GLU C   OXT  sing N N 111 
GLU CB  CG   sing N N 112 
GLU CB  HB2  sing N N 113 
GLU CB  HB3  sing N N 114 
GLU CG  CD   sing N N 115 
GLU CG  HG2  sing N N 116 
GLU CG  HG3  sing N N 117 
GLU CD  OE1  doub N N 118 
GLU CD  OE2  sing N N 119 
GLU OE2 HE2  sing N N 120 
GLU OXT HXT  sing N N 121 
GLY N   CA   sing N N 122 
GLY N   H    sing N N 123 
GLY N   H2   sing N N 124 
GLY CA  C    sing N N 125 
GLY CA  HA2  sing N N 126 
GLY CA  HA3  sing N N 127 
GLY C   O    doub N N 128 
GLY C   OXT  sing N N 129 
GLY OXT HXT  sing N N 130 
HIS N   CA   sing N N 131 
HIS N   H    sing N N 132 
HIS N   H2   sing N N 133 
HIS CA  C    sing N N 134 
HIS CA  CB   sing N N 135 
HIS CA  HA   sing N N 136 
HIS C   O    doub N N 137 
HIS C   OXT  sing N N 138 
HIS CB  CG   sing N N 139 
HIS CB  HB2  sing N N 140 
HIS CB  HB3  sing N N 141 
HIS CG  ND1  sing Y N 142 
HIS CG  CD2  doub Y N 143 
HIS ND1 CE1  doub Y N 144 
HIS ND1 HD1  sing N N 145 
HIS CD2 NE2  sing Y N 146 
HIS CD2 HD2  sing N N 147 
HIS CE1 NE2  sing Y N 148 
HIS CE1 HE1  sing N N 149 
HIS NE2 HE2  sing N N 150 
HIS OXT HXT  sing N N 151 
HOH O   H1   sing N N 152 
HOH O   H2   sing N N 153 
ILE N   CA   sing N N 154 
ILE N   H    sing N N 155 
ILE N   H2   sing N N 156 
ILE CA  C    sing N N 157 
ILE CA  CB   sing N N 158 
ILE CA  HA   sing N N 159 
ILE C   O    doub N N 160 
ILE C   OXT  sing N N 161 
ILE CB  CG1  sing N N 162 
ILE CB  CG2  sing N N 163 
ILE CB  HB   sing N N 164 
ILE CG1 CD1  sing N N 165 
ILE CG1 HG12 sing N N 166 
ILE CG1 HG13 sing N N 167 
ILE CG2 HG21 sing N N 168 
ILE CG2 HG22 sing N N 169 
ILE CG2 HG23 sing N N 170 
ILE CD1 HD11 sing N N 171 
ILE CD1 HD12 sing N N 172 
ILE CD1 HD13 sing N N 173 
ILE OXT HXT  sing N N 174 
K1U O2  C8   doub N N 175 
K1U C8  O1   sing N N 176 
K1U C8  C24  sing N N 177 
K1U C24 C9   sing N N 178 
K1U C9  C1   sing N N 179 
K1U C9  C10  sing N N 180 
K1U C1  C2   sing N N 181 
K1U C10 O3   doub N N 182 
K1U C10 S1   sing N N 183 
K1U C3  C2   doub Y N 184 
K1U C3  C4   sing Y N 185 
K1U C2  C7   sing Y N 186 
K1U S1  C11  sing N N 187 
K1U C11 C12  sing N N 188 
K1U C4  C5   doub Y N 189 
K1U C7  C6   doub Y N 190 
K1U C12 O4   doub N N 191 
K1U C12 C13  sing N N 192 
K1U C5  C6   sing Y N 193 
K1U C13 C18  doub Y N 194 
K1U C13 C14  sing Y N 195 
K1U C18 C17  sing Y N 196 
K1U C14 C15  doub Y N 197 
K1U C17 C16  doub Y N 198 
K1U C15 C16  sing Y N 199 
K1U O1  H1   sing N N 200 
K1U C24 H2   sing N N 201 
K1U C24 H3   sing N N 202 
K1U C9  H4   sing N N 203 
K1U C1  H5   sing N N 204 
K1U C1  H6   sing N N 205 
K1U C3  H7   sing N N 206 
K1U C4  H8   sing N N 207 
K1U C5  H9   sing N N 208 
K1U C6  H10  sing N N 209 
K1U C7  H11  sing N N 210 
K1U C11 H12  sing N N 211 
K1U C11 H13  sing N N 212 
K1U C14 H14  sing N N 213 
K1U C15 H15  sing N N 214 
K1U C16 H16  sing N N 215 
K1U C17 H17  sing N N 216 
K1U C18 H18  sing N N 217 
LEU N   CA   sing N N 218 
LEU N   H    sing N N 219 
LEU N   H2   sing N N 220 
LEU CA  C    sing N N 221 
LEU CA  CB   sing N N 222 
LEU CA  HA   sing N N 223 
LEU C   O    doub N N 224 
LEU C   OXT  sing N N 225 
LEU CB  CG   sing N N 226 
LEU CB  HB2  sing N N 227 
LEU CB  HB3  sing N N 228 
LEU CG  CD1  sing N N 229 
LEU CG  CD2  sing N N 230 
LEU CG  HG   sing N N 231 
LEU CD1 HD11 sing N N 232 
LEU CD1 HD12 sing N N 233 
LEU CD1 HD13 sing N N 234 
LEU CD2 HD21 sing N N 235 
LEU CD2 HD22 sing N N 236 
LEU CD2 HD23 sing N N 237 
LEU OXT HXT  sing N N 238 
LYS N   CA   sing N N 239 
LYS N   H    sing N N 240 
LYS N   H2   sing N N 241 
LYS CA  C    sing N N 242 
LYS CA  CB   sing N N 243 
LYS CA  HA   sing N N 244 
LYS C   O    doub N N 245 
LYS C   OXT  sing N N 246 
LYS CB  CG   sing N N 247 
LYS CB  HB2  sing N N 248 
LYS CB  HB3  sing N N 249 
LYS CG  CD   sing N N 250 
LYS CG  HG2  sing N N 251 
LYS CG  HG3  sing N N 252 
LYS CD  CE   sing N N 253 
LYS CD  HD2  sing N N 254 
LYS CD  HD3  sing N N 255 
LYS CE  NZ   sing N N 256 
LYS CE  HE2  sing N N 257 
LYS CE  HE3  sing N N 258 
LYS NZ  HZ1  sing N N 259 
LYS NZ  HZ2  sing N N 260 
LYS NZ  HZ3  sing N N 261 
LYS OXT HXT  sing N N 262 
MET N   CA   sing N N 263 
MET N   H    sing N N 264 
MET N   H2   sing N N 265 
MET CA  C    sing N N 266 
MET CA  CB   sing N N 267 
MET CA  HA   sing N N 268 
MET C   O    doub N N 269 
MET C   OXT  sing N N 270 
MET CB  CG   sing N N 271 
MET CB  HB2  sing N N 272 
MET CB  HB3  sing N N 273 
MET CG  SD   sing N N 274 
MET CG  HG2  sing N N 275 
MET CG  HG3  sing N N 276 
MET SD  CE   sing N N 277 
MET CE  HE1  sing N N 278 
MET CE  HE2  sing N N 279 
MET CE  HE3  sing N N 280 
MET OXT HXT  sing N N 281 
PHE N   CA   sing N N 282 
PHE N   H    sing N N 283 
PHE N   H2   sing N N 284 
PHE CA  C    sing N N 285 
PHE CA  CB   sing N N 286 
PHE CA  HA   sing N N 287 
PHE C   O    doub N N 288 
PHE C   OXT  sing N N 289 
PHE CB  CG   sing N N 290 
PHE CB  HB2  sing N N 291 
PHE CB  HB3  sing N N 292 
PHE CG  CD1  doub Y N 293 
PHE CG  CD2  sing Y N 294 
PHE CD1 CE1  sing Y N 295 
PHE CD1 HD1  sing N N 296 
PHE CD2 CE2  doub Y N 297 
PHE CD2 HD2  sing N N 298 
PHE CE1 CZ   doub Y N 299 
PHE CE1 HE1  sing N N 300 
PHE CE2 CZ   sing Y N 301 
PHE CE2 HE2  sing N N 302 
PHE CZ  HZ   sing N N 303 
PHE OXT HXT  sing N N 304 
PRO N   CA   sing N N 305 
PRO N   CD   sing N N 306 
PRO N   H    sing N N 307 
PRO CA  C    sing N N 308 
PRO CA  CB   sing N N 309 
PRO CA  HA   sing N N 310 
PRO C   O    doub N N 311 
PRO C   OXT  sing N N 312 
PRO CB  CG   sing N N 313 
PRO CB  HB2  sing N N 314 
PRO CB  HB3  sing N N 315 
PRO CG  CD   sing N N 316 
PRO CG  HG2  sing N N 317 
PRO CG  HG3  sing N N 318 
PRO CD  HD2  sing N N 319 
PRO CD  HD3  sing N N 320 
PRO OXT HXT  sing N N 321 
SER N   CA   sing N N 322 
SER N   H    sing N N 323 
SER N   H2   sing N N 324 
SER CA  C    sing N N 325 
SER CA  CB   sing N N 326 
SER CA  HA   sing N N 327 
SER C   O    doub N N 328 
SER C   OXT  sing N N 329 
SER CB  OG   sing N N 330 
SER CB  HB2  sing N N 331 
SER CB  HB3  sing N N 332 
SER OG  HG   sing N N 333 
SER OXT HXT  sing N N 334 
THR N   CA   sing N N 335 
THR N   H    sing N N 336 
THR N   H2   sing N N 337 
THR CA  C    sing N N 338 
THR CA  CB   sing N N 339 
THR CA  HA   sing N N 340 
THR C   O    doub N N 341 
THR C   OXT  sing N N 342 
THR CB  OG1  sing N N 343 
THR CB  CG2  sing N N 344 
THR CB  HB   sing N N 345 
THR OG1 HG1  sing N N 346 
THR CG2 HG21 sing N N 347 
THR CG2 HG22 sing N N 348 
THR CG2 HG23 sing N N 349 
THR OXT HXT  sing N N 350 
TRP N   CA   sing N N 351 
TRP N   H    sing N N 352 
TRP N   H2   sing N N 353 
TRP CA  C    sing N N 354 
TRP CA  CB   sing N N 355 
TRP CA  HA   sing N N 356 
TRP C   O    doub N N 357 
TRP C   OXT  sing N N 358 
TRP CB  CG   sing N N 359 
TRP CB  HB2  sing N N 360 
TRP CB  HB3  sing N N 361 
TRP CG  CD1  doub Y N 362 
TRP CG  CD2  sing Y N 363 
TRP CD1 NE1  sing Y N 364 
TRP CD1 HD1  sing N N 365 
TRP CD2 CE2  doub Y N 366 
TRP CD2 CE3  sing Y N 367 
TRP NE1 CE2  sing Y N 368 
TRP NE1 HE1  sing N N 369 
TRP CE2 CZ2  sing Y N 370 
TRP CE3 CZ3  doub Y N 371 
TRP CE3 HE3  sing N N 372 
TRP CZ2 CH2  doub Y N 373 
TRP CZ2 HZ2  sing N N 374 
TRP CZ3 CH2  sing Y N 375 
TRP CZ3 HZ3  sing N N 376 
TRP CH2 HH2  sing N N 377 
TRP OXT HXT  sing N N 378 
TYR N   CA   sing N N 379 
TYR N   H    sing N N 380 
TYR N   H2   sing N N 381 
TYR CA  C    sing N N 382 
TYR CA  CB   sing N N 383 
TYR CA  HA   sing N N 384 
TYR C   O    doub N N 385 
TYR C   OXT  sing N N 386 
TYR CB  CG   sing N N 387 
TYR CB  HB2  sing N N 388 
TYR CB  HB3  sing N N 389 
TYR CG  CD1  doub Y N 390 
TYR CG  CD2  sing Y N 391 
TYR CD1 CE1  sing Y N 392 
TYR CD1 HD1  sing N N 393 
TYR CD2 CE2  doub Y N 394 
TYR CD2 HD2  sing N N 395 
TYR CE1 CZ   doub Y N 396 
TYR CE1 HE1  sing N N 397 
TYR CE2 CZ   sing Y N 398 
TYR CE2 HE2  sing N N 399 
TYR CZ  OH   sing N N 400 
TYR OH  HH   sing N N 401 
TYR OXT HXT  sing N N 402 
VAL N   CA   sing N N 403 
VAL N   H    sing N N 404 
VAL N   H2   sing N N 405 
VAL CA  C    sing N N 406 
VAL CA  CB   sing N N 407 
VAL CA  HA   sing N N 408 
VAL C   O    doub N N 409 
VAL C   OXT  sing N N 410 
VAL CB  CG1  sing N N 411 
VAL CB  CG2  sing N N 412 
VAL CB  HB   sing N N 413 
VAL CG1 HG11 sing N N 414 
VAL CG1 HG12 sing N N 415 
VAL CG1 HG13 sing N N 416 
VAL CG2 HG21 sing N N 417 
VAL CG2 HG22 sing N N 418 
VAL CG2 HG23 sing N N 419 
VAL OXT HXT  sing N N 420 
# 
_pdbx_initial_refinement_model.id               1 
_pdbx_initial_refinement_model.entity_id_list   ? 
_pdbx_initial_refinement_model.type             'experimental model' 
_pdbx_initial_refinement_model.source_name      PDB 
_pdbx_initial_refinement_model.accession_code   5E5D 
_pdbx_initial_refinement_model.details          ? 
# 
_atom_sites.entry_id                    6IKT 
_atom_sites.fract_transf_matrix[1][1]   0.01497746 
_atom_sites.fract_transf_matrix[1][2]   -0.01187404 
_atom_sites.fract_transf_matrix[1][3]   -0.00439279 
_atom_sites.fract_transf_matrix[2][1]   -0.00049547 
_atom_sites.fract_transf_matrix[2][2]   -0.01883402 
_atom_sites.fract_transf_matrix[2][3]   0.00544292 
_atom_sites.fract_transf_matrix[3][1]   -0.00166754 
_atom_sites.fract_transf_matrix[3][2]   -0.00089785 
_atom_sites.fract_transf_matrix[3][3]   -0.00325861 
_atom_sites.fract_transf_vector[1]      0.304133 
_atom_sites.fract_transf_vector[2]      0.335654 
_atom_sites.fract_transf_vector[3]      -0.017414 
# 
loop_
_atom_type.symbol 
C  
CD 
N  
NI 
O  
S  
# 
loop_
_atom_site.group_PDB 
_atom_site.id 
_atom_site.type_symbol 
_atom_site.label_atom_id 
_atom_site.label_alt_id 
_atom_site.label_comp_id 
_atom_site.label_asym_id 
_atom_site.label_entity_id 
_atom_site.label_seq_id 
_atom_site.pdbx_PDB_ins_code 
_atom_site.Cartn_x 
_atom_site.Cartn_y 
_atom_site.Cartn_z 
_atom_site.occupancy 
_atom_site.B_iso_or_equiv 
_atom_site.pdbx_formal_charge 
_atom_site.auth_seq_id 
_atom_site.auth_comp_id 
_atom_site.auth_asym_id 
_atom_site.auth_atom_id 
_atom_site.pdbx_PDB_model_num 
ATOM   1    N  N   . MET A 1 1   ? -11.803 0.443   15.424  1.00 34.39 ? 1   MET A N   1 
ATOM   2    C  CA  . MET A 1 1   ? -12.070 1.888   15.333  1.00 33.78 ? 1   MET A CA  1 
ATOM   3    C  C   . MET A 1 1   ? -11.564 2.334   13.951  1.00 29.68 ? 1   MET A C   1 
ATOM   4    O  O   . MET A 1 1   ? -10.433 1.956   13.526  1.00 26.21 ? 1   MET A O   1 
ATOM   5    C  CB  . MET A 1 1   ? -11.414 2.575   16.514  1.00 43.00 ? 1   MET A CB  1 
ATOM   6    C  CG  . MET A 1 1   ? -11.534 4.089   16.556  1.00 55.16 ? 1   MET A CG  1 
ATOM   7    S  SD  . MET A 1 1   ? -9.987  4.761   17.251  1.00 72.20 ? 1   MET A SD  1 
ATOM   8    C  CE  . MET A 1 1   ? -9.823  6.340   16.369  1.00 71.11 ? 1   MET A CE  1 
ATOM   9    N  N   . ILE A 1 2   ? -12.422 3.049   13.218  1.00 22.92 ? 2   ILE A N   1 
ATOM   10   C  CA  . ILE A 1 2   ? -12.103 3.614   11.948  1.00 23.78 ? 2   ILE A CA  1 
ATOM   11   C  C   . ILE A 1 2   ? -11.186 4.808   12.215  1.00 23.75 ? 2   ILE A C   1 
ATOM   12   O  O   . ILE A 1 2   ? -11.501 5.657   13.003  1.00 23.53 ? 2   ILE A O   1 
ATOM   13   C  CB  . ILE A 1 2   ? -13.369 4.080   11.163  1.00 28.35 ? 2   ILE A CB  1 
ATOM   14   C  CG1 . ILE A 1 2   ? -14.202 2.843   10.737  1.00 29.06 ? 2   ILE A CG1 1 
ATOM   15   C  CG2 . ILE A 1 2   ? -12.943 4.844   9.889   1.00 28.22 ? 2   ILE A CG2 1 
ATOM   16   C  CD1 . ILE A 1 2   ? -15.540 3.133   10.030  1.00 29.00 ? 2   ILE A CD1 1 
ATOM   17   N  N   . ARG A 1 3   ? -10.054 4.892   11.523  1.00 22.14 ? 3   ARG A N   1 
ATOM   18   C  CA  . ARG A 1 3   ? -9.080  5.977   11.744  1.00 21.50 ? 3   ARG A CA  1 
ATOM   19   C  C   . ARG A 1 3   ? -9.128  6.990   10.613  1.00 20.68 ? 3   ARG A C   1 
ATOM   20   O  O   . ARG A 1 3   ? -9.413  6.638   9.495   1.00 20.61 ? 3   ARG A O   1 
ATOM   21   C  CB  . ARG A 1 3   ? -7.690  5.399   11.775  1.00 24.54 ? 3   ARG A CB  1 
ATOM   22   C  CG  . ARG A 1 3   ? -7.472  4.291   12.795  1.00 27.52 ? 3   ARG A CG  1 
ATOM   23   C  CD  . ARG A 1 3   ? -7.257  4.886   14.162  1.00 30.18 ? 3   ARG A CD  1 
ATOM   24   N  NE  . ARG A 1 3   ? -6.708  3.810   14.972  1.00 36.20 ? 3   ARG A NE  1 
ATOM   25   C  CZ  . ARG A 1 3   ? -5.437  3.640   15.339  1.00 31.77 ? 3   ARG A CZ  1 
ATOM   26   N  NH1 . ARG A 1 3   ? -4.475  4.524   15.083  1.00 32.12 ? 3   ARG A NH1 1 
ATOM   27   N  NH2 . ARG A 1 3   ? -5.170  2.562   16.044  1.00 36.08 ? 3   ARG A NH2 1 
ATOM   28   N  N   . ASP A 1 4   ? -8.781  8.224   10.887  1.00 21.50 ? 4   ASP A N   1 
ATOM   29   C  CA  . ASP A 1 4   ? -8.677  9.232   9.829   1.00 24.02 ? 4   ASP A CA  1 
ATOM   30   C  C   . ASP A 1 4   ? -7.527  8.921   8.864   1.00 22.64 ? 4   ASP A C   1 
ATOM   31   O  O   . ASP A 1 4   ? -6.434  8.633   9.292   1.00 20.54 ? 4   ASP A O   1 
ATOM   32   C  CB  . ASP A 1 4   ? -8.451  10.615  10.441  1.00 29.91 ? 4   ASP A CB  1 
ATOM   33   C  CG  . ASP A 1 4   ? -9.698  11.149  11.236  1.00 34.28 ? 4   ASP A CG  1 
ATOM   34   O  OD1 . ASP A 1 4   ? -10.879 10.773  10.964  1.00 39.20 ? 4   ASP A OD1 1 
ATOM   35   O  OD2 . ASP A 1 4   ? -9.469  11.958  12.138  1.00 42.17 ? 4   ASP A OD2 1 
ATOM   36   N  N   . ILE A 1 5   ? -7.782  8.992   7.554   1.00 23.57 ? 5   ILE A N   1 
ATOM   37   C  CA  . ILE A 1 5   ? -6.750  8.860   6.550   1.00 21.68 ? 5   ILE A CA  1 
ATOM   38   C  C   . ILE A 1 5   ? -6.179  10.238  6.249   1.00 22.78 ? 5   ILE A C   1 
ATOM   39   O  O   . ILE A 1 5   ? -6.913  11.142  5.895   1.00 23.91 ? 5   ILE A O   1 
ATOM   40   C  CB  . ILE A 1 5   ? -7.326  8.187   5.262   1.00 23.33 ? 5   ILE A CB  1 
ATOM   41   C  CG1 . ILE A 1 5   ? -7.787  6.773   5.633   1.00 21.55 ? 5   ILE A CG1 1 
ATOM   42   C  CG2 . ILE A 1 5   ? -6.251  8.076   4.178   1.00 22.80 ? 5   ILE A CG2 1 
ATOM   43   C  CD1 . ILE A 1 5   ? -8.600  6.085   4.586   1.00 22.99 ? 5   ILE A CD1 1 
ATOM   44   N  N   . ILE A 1 6   ? -4.875  10.416  6.373   1.00 18.14 ? 6   ILE A N   1 
ATOM   45   C  CA  . ILE A 1 6   ? -4.300  11.700  6.135   1.00 18.97 ? 6   ILE A CA  1 
ATOM   46   C  C   . ILE A 1 6   ? -4.095  11.904  4.604   1.00 18.46 ? 6   ILE A C   1 
ATOM   47   O  O   . ILE A 1 6   ? -3.875  10.955  3.864   1.00 18.16 ? 6   ILE A O   1 
ATOM   48   C  CB  . ILE A 1 6   ? -3.031  11.957  6.998   1.00 19.14 ? 6   ILE A CB  1 
ATOM   49   C  CG1 . ILE A 1 6   ? -1.917  10.965  6.638   1.00 19.29 ? 6   ILE A CG1 1 
ATOM   50   C  CG2 . ILE A 1 6   ? -3.443  11.870  8.465   1.00 18.73 ? 6   ILE A CG2 1 
ATOM   51   C  CD1 . ILE A 1 6   ? -0.632  11.235  7.330   1.00 20.34 ? 6   ILE A CD1 1 
ATOM   52   N  N   . ARG A 1 7   ? -4.160  13.163  4.176   1.00 17.32 ? 7   ARG A N   1 
ATOM   53   C  CA  . ARG A 1 7   ? -4.120  13.517  2.769   1.00 20.24 ? 7   ARG A CA  1 
ATOM   54   C  C   . ARG A 1 7   ? -2.759  13.998  2.350   1.00 18.29 ? 7   ARG A C   1 
ATOM   55   O  O   . ARG A 1 7   ? -1.957  14.508  3.152   1.00 19.59 ? 7   ARG A O   1 
ATOM   56   C  CB  . ARG A 1 7   ? -5.232  14.516  2.507   1.00 24.33 ? 7   ARG A CB  1 
ATOM   57   C  CG  . ARG A 1 7   ? -6.587  13.796  2.580   1.00 29.10 ? 7   ARG A CG  1 
ATOM   58   C  CD  . ARG A 1 7   ? -7.727  14.717  2.216   1.00 36.64 ? 7   ARG A CD  1 
ATOM   59   N  NE  . ARG A 1 7   ? -7.729  15.836  3.149   1.00 38.90 ? 7   ARG A NE  1 
ATOM   60   C  CZ  . ARG A 1 7   ? -7.923  17.116  2.840   1.00 43.23 ? 7   ARG A CZ  1 
ATOM   61   N  NH1 . ARG A 1 7   ? -8.166  17.545  1.588   1.00 43.74 ? 7   ARG A NH1 1 
ATOM   62   N  NH2 . ARG A 1 7   ? -7.879  17.987  3.832   1.00 48.33 ? 7   ARG A NH2 1 
ATOM   63   N  N   . MET A 1 8   ? -2.494  13.797  1.095   1.00 18.09 ? 8   MET A N   1 
ATOM   64   C  CA  . MET A 1 8   ? -1.247  14.197  0.458   1.00 18.59 ? 8   MET A CA  1 
ATOM   65   C  C   . MET A 1 8   ? -0.977  15.644  0.721   1.00 17.81 ? 8   MET A C   1 
ATOM   66   O  O   . MET A 1 8   ? -1.897  16.441  0.748   1.00 17.61 ? 8   MET A O   1 
ATOM   67   C  CB  . MET A 1 8   ? -1.279  13.972  -1.044  1.00 19.63 ? 8   MET A CB  1 
ATOM   68   C  CG  . MET A 1 8   ? 0.056   14.367  -1.709  1.00 21.40 ? 8   MET A CG  1 
ATOM   69   S  SD  . MET A 1 8   ? 0.110   13.818  -3.414  1.00 24.56 ? 8   MET A SD  1 
ATOM   70   C  CE  . MET A 1 8   ? -1.057  14.955  -4.141  1.00 22.13 ? 8   MET A CE  1 
ATOM   71   N  N   . GLY A 1 9   ? 0.284   15.926  1.033   1.00 18.53 ? 9   GLY A N   1 
ATOM   72   C  CA  . GLY A 1 9   ? 0.626   17.179  1.654   1.00 21.33 ? 9   GLY A CA  1 
ATOM   73   C  C   . GLY A 1 9   ? 0.966   17.077  3.118   1.00 21.95 ? 9   GLY A C   1 
ATOM   74   O  O   . GLY A 1 9   ? 1.671   17.904  3.601   1.00 21.18 ? 9   GLY A O   1 
ATOM   75   N  N   . ASP A 1 10  ? 0.421   16.096  3.833   1.00 20.03 ? 10  ASP A N   1 
ATOM   76   C  CA  . ASP A 1 10  ? 0.844   15.860  5.204   1.00 21.68 ? 10  ASP A CA  1 
ATOM   77   C  C   . ASP A 1 10  ? 2.266   15.279  5.170   1.00 21.83 ? 10  ASP A C   1 
ATOM   78   O  O   . ASP A 1 10  ? 2.576   14.334  4.450   1.00 20.96 ? 10  ASP A O   1 
ATOM   79   C  CB  . ASP A 1 10  ? -0.131  14.934  5.891   1.00 20.73 ? 10  ASP A CB  1 
ATOM   80   C  CG  . ASP A 1 10  ? 0.061   14.893  7.401   1.00 22.37 ? 10  ASP A CG  1 
ATOM   81   O  OD1 . ASP A 1 10  ? 1.196   14.704  7.932   1.00 19.21 ? 10  ASP A OD1 1 
ATOM   82   O  OD2 . ASP A 1 10  ? -0.987  14.939  8.046   1.00 26.73 ? 10  ASP A OD2 1 
ATOM   83   N  N   . LYS A 1 11  ? 3.145   15.936  5.893   1.00 23.12 ? 11  LYS A N   1 
ATOM   84   C  CA  . LYS A 1 11  ? 4.535   15.536  6.041   1.00 25.13 ? 11  LYS A CA  1 
ATOM   85   C  C   . LYS A 1 11  ? 4.699   14.129  6.548   1.00 20.44 ? 11  LYS A C   1 
ATOM   86   O  O   . LYS A 1 11  ? 5.668   13.497  6.276   1.00 17.74 ? 11  LYS A O   1 
ATOM   87   C  CB  . LYS A 1 11  ? 5.275   16.485  7.002   1.00 30.23 ? 11  LYS A CB  1 
ATOM   88   C  CG  . LYS A 1 11  ? 5.903   17.658  6.261   1.00 38.10 ? 11  LYS A CG  1 
ATOM   89   C  CD  . LYS A 1 11  ? 6.066   18.870  7.181   1.00 46.69 ? 11  LYS A CD  1 
ATOM   90   C  CE  . LYS A 1 11  ? 6.242   20.186  6.414   1.00 49.27 ? 11  LYS A CE  1 
ATOM   91   N  NZ  . LYS A 1 11  ? 7.577   20.336  5.785   1.00 51.40 ? 11  LYS A NZ  1 
ATOM   92   N  N   . ARG A 1 12  ? 3.718   13.651  7.259   1.00 21.28 ? 12  ARG A N   1 
ATOM   93   C  CA  . ARG A 1 12  ? 3.796   12.333  7.827   1.00 20.42 ? 12  ARG A CA  1 
ATOM   94   C  C   . ARG A 1 12  ? 3.740   11.263  6.780   1.00 22.55 ? 12  ARG A C   1 
ATOM   95   O  O   . ARG A 1 12  ? 4.180   10.174  7.044   1.00 21.18 ? 12  ARG A O   1 
ATOM   96   C  CB  . ARG A 1 12  ? 2.745   12.174  8.882   1.00 19.05 ? 12  ARG A CB  1 
ATOM   97   C  CG  . ARG A 1 12  ? 3.062   13.070  10.082  1.00 21.84 ? 12  ARG A CG  1 
ATOM   98   C  CD  . ARG A 1 12  ? 1.967   12.953  11.114  1.00 23.25 ? 12  ARG A CD  1 
ATOM   99   N  NE  . ARG A 1 12  ? 0.743   13.516  10.589  1.00 24.39 ? 12  ARG A NE  1 
ATOM   100  C  CZ  . ARG A 1 12  ? -0.387  13.643  11.263  1.00 26.10 ? 12  ARG A CZ  1 
ATOM   101  N  NH1 . ARG A 1 12  ? -0.489  13.184  12.488  1.00 29.25 ? 12  ARG A NH1 1 
ATOM   102  N  NH2 . ARG A 1 12  ? -1.434  14.210  10.676  1.00 26.76 ? 12  ARG A NH2 1 
ATOM   103  N  N   . LEU A 1 13  ? 3.229   11.548  5.583   1.00 20.60 ? 13  LEU A N   1 
ATOM   104  C  CA  . LEU A 1 13  ? 3.346   10.575  4.483   1.00 20.29 ? 13  LEU A CA  1 
ATOM   105  C  C   . LEU A 1 13  ? 4.706   10.537  3.805   1.00 18.65 ? 13  LEU A C   1 
ATOM   106  O  O   . LEU A 1 13  ? 4.931   9.777   2.863   1.00 20.66 ? 13  LEU A O   1 
ATOM   107  C  CB  . LEU A 1 13  ? 2.293   10.942  3.442   1.00 21.79 ? 13  LEU A CB  1 
ATOM   108  C  CG  . LEU A 1 13  ? 0.852   10.713  3.840   1.00 21.82 ? 13  LEU A CG  1 
ATOM   109  C  CD1 . LEU A 1 13  ? 0.013   11.409  2.792   1.00 22.63 ? 13  LEU A CD1 1 
ATOM   110  C  CD2 . LEU A 1 13  ? 0.552   9.237   3.841   1.00 22.38 ? 13  LEU A CD2 1 
ATOM   111  N  N   . LEU A 1 14  ? 5.583   11.453  4.148   1.00 19.33 ? 14  LEU A N   1 
ATOM   112  C  CA  . LEU A 1 14  ? 6.913   11.545  3.524   1.00 20.19 ? 14  LEU A CA  1 
ATOM   113  C  C   . LEU A 1 14  ? 8.006   10.896  4.352   1.00 20.95 ? 14  LEU A C   1 
ATOM   114  O  O   . LEU A 1 14  ? 9.156   10.963  3.966   1.00 19.23 ? 14  LEU A O   1 
ATOM   115  C  CB  . LEU A 1 14  ? 7.301   13.010  3.202   1.00 20.34 ? 14  LEU A CB  1 
ATOM   116  C  CG  . LEU A 1 14  ? 6.227   13.776  2.350   1.00 24.23 ? 14  LEU A CG  1 
ATOM   117  C  CD1 . LEU A 1 14  ? 6.595   15.287  2.175   1.00 24.24 ? 14  LEU A CD1 1 
ATOM   118  C  CD2 . LEU A 1 14  ? 5.980   13.069  1.015   1.00 21.82 ? 14  LEU A CD2 1 
ATOM   119  N  N   . ARG A 1 15  ? 7.668   10.273  5.468   1.00 22.01 ? 15  ARG A N   1 
ATOM   120  C  CA  . ARG A 1 15  ? 8.705   9.705   6.386   1.00 22.82 ? 15  ARG A CA  1 
ATOM   121  C  C   . ARG A 1 15  ? 9.123   8.329   5.936   1.00 20.91 ? 15  ARG A C   1 
ATOM   122  O  O   . ARG A 1 15  ? 8.402   7.672   5.216   1.00 18.73 ? 15  ARG A O   1 
ATOM   123  C  CB  . ARG A 1 15  ? 8.123   9.532   7.778   1.00 27.23 ? 15  ARG A CB  1 
ATOM   124  C  CG  . ARG A 1 15  ? 7.743   10.816  8.395   1.00 30.39 ? 15  ARG A CG  1 
ATOM   125  C  CD  . ARG A 1 15  ? 7.331   10.644  9.843   1.00 29.70 ? 15  ARG A CD  1 
ATOM   126  N  NE  . ARG A 1 15  ? 6.007   10.055  10.000  1.00 29.06 ? 15  ARG A NE  1 
ATOM   127  C  CZ  . ARG A 1 15  ? 5.289   10.111  11.130  1.00 29.41 ? 15  ARG A CZ  1 
ATOM   128  N  NH1 . ARG A 1 15  ? 5.757   10.756  12.182  1.00 29.70 ? 15  ARG A NH1 1 
ATOM   129  N  NH2 . ARG A 1 15  ? 4.106   9.527   11.225  1.00 25.27 ? 15  ARG A NH2 1 
ATOM   130  N  N   . VAL A 1 16  ? 10.312  7.886   6.338   1.00 20.09 ? 16  VAL A N   1 
ATOM   131  C  CA  . VAL A 1 16  ? 10.681  6.501   6.116   1.00 24.72 ? 16  VAL A CA  1 
ATOM   132  C  C   . VAL A 1 16  ? 10.320  5.768   7.447   1.00 21.96 ? 16  VAL A C   1 
ATOM   133  O  O   . VAL A 1 16  ? 10.859  6.087   8.501   1.00 20.24 ? 16  VAL A O   1 
ATOM   134  C  CB  . VAL A 1 16  ? 12.152  6.321   5.626   1.00 27.87 ? 16  VAL A CB  1 
ATOM   135  C  CG1 . VAL A 1 16  ? 13.089  7.262   6.349   1.00 37.27 ? 16  VAL A CG1 1 
ATOM   136  C  CG2 . VAL A 1 16  ? 12.602  4.876   5.785   1.00 28.35 ? 16  VAL A CG2 1 
ATOM   137  N  N   . ALA A 1 17  ? 9.397   4.821   7.394   1.00 18.16 ? 17  ALA A N   1 
ATOM   138  C  CA  . ALA A 1 17  ? 8.856   4.226   8.625   1.00 18.95 ? 17  ALA A CA  1 
ATOM   139  C  C   . ALA A 1 17  ? 9.830   3.229   9.263   1.00 17.44 ? 17  ALA A C   1 
ATOM   140  O  O   . ALA A 1 17  ? 10.470  2.453   8.541   1.00 19.16 ? 17  ALA A O   1 
ATOM   141  C  CB  . ALA A 1 17  ? 7.553   3.509   8.322   1.00 18.18 ? 17  ALA A CB  1 
ATOM   142  N  N   . PRO A 1 18  ? 9.886   3.188   10.615  1.00 18.38 ? 18  PRO A N   1 
ATOM   143  C  CA  . PRO A 1 18  ? 10.669  2.153   11.260  1.00 17.92 ? 18  PRO A CA  1 
ATOM   144  C  C   . PRO A 1 18  ? 9.959   0.807   11.299  1.00 17.42 ? 18  PRO A C   1 
ATOM   145  O  O   . PRO A 1 18  ? 8.720   0.712   11.080  1.00 15.77 ? 18  PRO A O   1 
ATOM   146  C  CB  . PRO A 1 18  ? 10.808  2.704   12.690  1.00 18.66 ? 18  PRO A CB  1 
ATOM   147  C  CG  . PRO A 1 18  ? 9.560   3.438   12.940  1.00 18.78 ? 18  PRO A CG  1 
ATOM   148  C  CD  . PRO A 1 18  ? 9.407   4.159   11.610  1.00 18.29 ? 18  PRO A CD  1 
ATOM   149  N  N   . GLN A 1 19  ? 10.714  -0.219  11.600  1.00 15.75 ? 19  GLN A N   1 
ATOM   150  C  CA  . GLN A 1 19  ? 10.186  -1.578  11.739  1.00 18.42 ? 19  GLN A CA  1 
ATOM   151  C  C   . GLN A 1 19  ? 9.199   -1.795  12.856  1.00 16.19 ? 19  GLN A C   1 
ATOM   152  O  O   . GLN A 1 19  ? 9.243   -1.150  13.847  1.00 17.63 ? 19  GLN A O   1 
ATOM   153  C  CB  . GLN A 1 19  ? 11.337  -2.527  11.985  1.00 21.33 ? 19  GLN A CB  1 
ATOM   154  C  CG  . GLN A 1 19  ? 12.117  -2.823  10.738  1.00 26.71 ? 19  GLN A CG  1 
ATOM   155  C  CD  . GLN A 1 19  ? 13.166  -3.903  11.049  1.00 35.50 ? 19  GLN A CD  1 
ATOM   156  O  OE1 . GLN A 1 19  ? 13.897  -3.757  12.018  1.00 39.36 ? 19  GLN A OE1 1 
ATOM   157  N  NE2 . GLN A 1 19  ? 13.207  -4.979  10.266  1.00 32.04 ? 19  GLN A NE2 1 
ATOM   158  N  N   . VAL A 1 20  ? 8.338   -2.770  12.685  1.00 16.51 ? 20  VAL A N   1 
ATOM   159  C  CA  . VAL A 1 20  ? 7.448   -3.281  13.706  1.00 15.64 ? 20  VAL A CA  1 
ATOM   160  C  C   . VAL A 1 20  ? 8.269   -4.195  14.601  1.00 15.88 ? 20  VAL A C   1 
ATOM   161  O  O   . VAL A 1 20  ? 8.963   -5.105  14.112  1.00 14.89 ? 20  VAL A O   1 
ATOM   162  C  CB  . VAL A 1 20  ? 6.330   -4.115  13.027  1.00 16.99 ? 20  VAL A CB  1 
ATOM   163  C  CG1 . VAL A 1 20  ? 5.492   -4.889  14.042  1.00 18.16 ? 20  VAL A CG1 1 
ATOM   164  C  CG2 . VAL A 1 20  ? 5.402   -3.232  12.187  1.00 19.18 ? 20  VAL A CG2 1 
ATOM   165  N  N   . THR A 1 21  ? 8.181   -3.990  15.901  1.00 15.18 ? 21  THR A N   1 
ATOM   166  C  CA  . THR A 1 21  ? 8.942   -4.823  16.846  1.00 17.33 ? 21  THR A CA  1 
ATOM   167  C  C   . THR A 1 21  ? 8.023   -5.416  17.915  1.00 17.13 ? 21  THR A C   1 
ATOM   168  O  O   . THR A 1 21  ? 8.487   -5.968  18.931  1.00 13.43 ? 21  THR A O   1 
ATOM   169  C  CB  . THR A 1 21  ? 10.076  -3.984  17.493  1.00 18.62 ? 21  THR A CB  1 
ATOM   170  O  OG1 . THR A 1 21  ? 9.463   -2.852  18.059  1.00 18.55 ? 21  THR A OG1 1 
ATOM   171  C  CG2 . THR A 1 21  ? 11.055  -3.474  16.403  1.00 21.79 ? 21  THR A CG2 1 
ATOM   172  N  N   . ASN A 1 22  ? 6.727   -5.413  17.635  1.00 14.11 ? 22  ASN A N   1 
ATOM   173  C  CA  . ASN A 1 22  ? 5.723   -5.976  18.542  1.00 15.03 ? 22  ASN A CA  1 
ATOM   174  C  C   . ASN A 1 22  ? 4.840   -7.012  17.892  1.00 13.71 ? 22  ASN A C   1 
ATOM   175  O  O   . ASN A 1 22  ? 3.669   -7.153  18.207  1.00 14.00 ? 22  ASN A O   1 
ATOM   176  C  CB  . ASN A 1 22  ? 4.942   -4.880  19.294  1.00 15.33 ? 22  ASN A CB  1 
ATOM   177  C  CG  . ASN A 1 22  ? 4.113   -3.972  18.381  1.00 16.26 ? 22  ASN A CG  1 
ATOM   178  O  OD1 . ASN A 1 22  ? 3.303   -3.206  18.873  1.00 18.78 ? 22  ASN A OD1 1 
ATOM   179  N  ND2 . ASN A 1 22  ? 4.228   -4.131  17.118  1.00 13.78 ? 22  ASN A ND2 1 
ATOM   180  N  N   . LEU A 1 23  ? 5.442   -7.796  17.009  1.00 13.99 ? 23  LEU A N   1 
ATOM   181  C  CA  . LEU A 1 23  ? 4.758   -8.982  16.496  1.00 14.43 ? 23  LEU A CA  1 
ATOM   182  C  C   . LEU A 1 23  ? 4.181   -9.869  17.637  1.00 16.33 ? 23  LEU A C   1 
ATOM   183  O  O   . LEU A 1 23  ? 4.832   -10.094 18.687  1.00 16.03 ? 23  LEU A O   1 
ATOM   184  C  CB  . LEU A 1 23  ? 5.672   -9.765  15.617  1.00 14.69 ? 23  LEU A CB  1 
ATOM   185  C  CG  . LEU A 1 23  ? 6.245   -9.007  14.400  1.00 16.45 ? 23  LEU A CG  1 
ATOM   186  C  CD1 . LEU A 1 23  ? 7.392   -9.776  13.794  1.00 18.05 ? 23  LEU A CD1 1 
ATOM   187  C  CD2 . LEU A 1 23  ? 5.126   -8.699  13.391  1.00 15.71 ? 23  LEU A CD2 1 
ATOM   188  N  N   . GLY A 1 24  ? 2.924   -10.279 17.470  1.00 15.51 ? 24  GLY A N   1 
ATOM   189  C  CA  . GLY A 1 24  ? 2.223   -11.159 18.423  1.00 16.06 ? 24  GLY A CA  1 
ATOM   190  C  C   . GLY A 1 24  ? 1.531   -10.413 19.553  1.00 15.25 ? 24  GLY A C   1 
ATOM   191  O  O   . GLY A 1 24  ? 0.917   -11.023 20.395  1.00 16.03 ? 24  GLY A O   1 
ATOM   192  N  N   . SER A 1 25  ? 1.683   -9.102  19.612  1.00 16.54 ? 25  SER A N   1 
ATOM   193  C  CA  . SER A 1 25  ? 1.187   -8.329  20.733  1.00 17.55 ? 25  SER A CA  1 
ATOM   194  C  C   . SER A 1 25  ? -0.278  -7.986  20.535  1.00 19.05 ? 25  SER A C   1 
ATOM   195  O  O   . SER A 1 25  ? -0.718  -8.007  19.380  1.00 16.33 ? 25  SER A O   1 
ATOM   196  C  CB  . SER A 1 25  ? 1.978   -7.017  20.873  1.00 17.36 ? 25  SER A CB  1 
ATOM   197  O  OG  . SER A 1 25  ? 1.771   -6.073  19.852  1.00 17.40 ? 25  SER A OG  1 
ATOM   198  N  N   . ALA A 1 26  ? -1.004  -7.691  21.638  1.00 19.06 ? 26  ALA A N   1 
ATOM   199  C  CA  . ALA A 1 26  ? -2.378  -7.155  21.584  1.00 17.02 ? 26  ALA A CA  1 
ATOM   200  C  C   . ALA A 1 26  ? -2.400  -5.797  20.905  1.00 16.80 ? 26  ALA A C   1 
ATOM   201  O  O   . ALA A 1 26  ? -3.304  -5.566  20.134  1.00 15.76 ? 26  ALA A O   1 
ATOM   202  C  CB  . ALA A 1 26  ? -3.043  -7.081  22.956  1.00 16.93 ? 26  ALA A CB  1 
ATOM   203  N  N   . GLU A 1 27  ? -1.432  -4.916  21.172  1.00 15.16 ? 27  GLU A N   1 
ATOM   204  C  CA  . GLU A 1 27  ? -1.336  -3.633  20.564  1.00 16.97 ? 27  GLU A CA  1 
ATOM   205  C  C   . GLU A 1 27  ? -1.282  -3.679  19.009  1.00 17.11 ? 27  GLU A C   1 
ATOM   206  O  O   . GLU A 1 27  ? -2.020  -2.976  18.352  1.00 16.74 ? 27  GLU A O   1 
ATOM   207  C  CB  . GLU A 1 27  ? -0.144  -2.802  21.068  1.00 18.41 ? 27  GLU A CB  1 
ATOM   208  N  N   . LEU A 1 28  ? -0.422  -4.506  18.457  1.00 16.01 ? 28  LEU A N   1 
ATOM   209  C  CA  . LEU A 1 28  ? -0.352  -4.674  17.038  1.00 17.09 ? 28  LEU A CA  1 
ATOM   210  C  C   . LEU A 1 28  ? -1.658  -5.246  16.453  1.00 17.75 ? 28  LEU A C   1 
ATOM   211  O  O   . LEU A 1 28  ? -2.098  -4.805  15.381  1.00 14.24 ? 28  LEU A O   1 
ATOM   212  C  CB  . LEU A 1 28  ? 0.799   -5.594  16.683  1.00 15.54 ? 28  LEU A CB  1 
ATOM   213  C  CG  . LEU A 1 28  ? 1.021   -5.792  15.192  1.00 17.08 ? 28  LEU A CG  1 
ATOM   214  C  CD1 . LEU A 1 28  ? 1.278   -4.431  14.537  1.00 16.78 ? 28  LEU A CD1 1 
ATOM   215  C  CD2 . LEU A 1 28  ? 2.173   -6.716  14.910  1.00 17.07 ? 28  LEU A CD2 1 
ATOM   216  N  N   . HIS A 1 29  ? -2.215  -6.270  17.111  1.00 18.78 ? 29  HIS A N   1 
ATOM   217  C  CA  . HIS A 1 29  ? -3.513  -6.897  16.648  1.00 21.53 ? 29  HIS A CA  1 
ATOM   218  C  C   . HIS A 1 29  ? -4.630  -5.816  16.597  1.00 19.72 ? 29  HIS A C   1 
ATOM   219  O  O   . HIS A 1 29  ? -5.401  -5.791  15.691  1.00 17.24 ? 29  HIS A O   1 
ATOM   220  C  CB  . HIS A 1 29  ? -3.969  -8.167  17.451  1.00 24.44 ? 29  HIS A CB  1 
ATOM   221  C  CG  . HIS A 1 29  ? -3.142  -9.416  17.155  1.00 34.60 ? 29  HIS A CG  1 
ATOM   222  N  ND1 . HIS A 1 29  ? -3.144  -10.060 15.923  1.00 34.66 ? 29  HIS A ND1 1 
ATOM   223  C  CD2 . HIS A 1 29  ? -2.284  -10.142 17.941  1.00 38.95 ? 29  HIS A CD2 1 
ATOM   224  C  CE1 . HIS A 1 29  ? -2.325  -11.103 15.960  1.00 37.33 ? 29  HIS A CE1 1 
ATOM   225  N  NE2 . HIS A 1 29  ? -1.794  -11.178 17.174  1.00 39.73 ? 29  HIS A NE2 1 
ATOM   226  N  N   . ALA A 1 30  ? -4.700  -4.933  17.566  1.00 19.09 ? 30  ALA A N   1 
ATOM   227  C  CA  . ALA A 1 30  ? -5.721  -3.896  17.566  1.00 19.38 ? 30  ALA A CA  1 
ATOM   228  C  C   . ALA A 1 30  ? -5.433  -2.889  16.436  1.00 20.00 ? 30  ALA A C   1 
ATOM   229  O  O   . ALA A 1 30  ? -6.367  -2.430  15.843  1.00 18.88 ? 30  ALA A O   1 
ATOM   230  C  CB  . ALA A 1 30  ? -5.764  -3.143  18.906  1.00 17.80 ? 30  ALA A CB  1 
ATOM   231  N  N   . LEU A 1 31  ? -4.172  -2.471  16.238  1.00 16.87 ? 31  LEU A N   1 
ATOM   232  C  CA  . LEU A 1 31  ? -3.849  -1.585  15.126  1.00 16.07 ? 31  LEU A CA  1 
ATOM   233  C  C   . LEU A 1 31  ? -4.229  -2.233  13.748  1.00 15.34 ? 31  LEU A C   1 
ATOM   234  O  O   . LEU A 1 31  ? -4.832  -1.572  12.873  1.00 15.62 ? 31  LEU A O   1 
ATOM   235  C  CB  . LEU A 1 31  ? -2.371  -1.241  15.159  1.00 17.01 ? 31  LEU A CB  1 
ATOM   236  C  CG  . LEU A 1 31  ? -1.802  -0.515  13.931  1.00 18.36 ? 31  LEU A CG  1 
ATOM   237  C  CD1 . LEU A 1 31  ? -2.567  0.790   13.714  1.00 17.80 ? 31  LEU A CD1 1 
ATOM   238  C  CD2 . LEU A 1 31  ? -0.324  -0.253  14.112  1.00 20.13 ? 31  LEU A CD2 1 
ATOM   239  N  N   . VAL A 1 32  ? -3.888  -3.484  13.546  1.00 13.46 ? 32  VAL A N   1 
ATOM   240  C  CA  . VAL A 1 32  ? -4.218  -4.171  12.315  1.00 13.89 ? 32  VAL A CA  1 
ATOM   241  C  C   . VAL A 1 32  ? -5.733  -4.239  12.095  1.00 15.78 ? 32  VAL A C   1 
ATOM   242  O  O   . VAL A 1 32  ? -6.235  -3.964  10.984  1.00 13.71 ? 32  VAL A O   1 
ATOM   243  C  CB  . VAL A 1 32  ? -3.621  -5.573  12.315  1.00 14.17 ? 32  VAL A CB  1 
ATOM   244  C  CG1 . VAL A 1 32  ? -4.129  -6.457  11.216  1.00 13.86 ? 32  VAL A CG1 1 
ATOM   245  C  CG2 . VAL A 1 32  ? -2.089  -5.448  12.161  1.00 15.96 ? 32  VAL A CG2 1 
ATOM   246  N  N   . SER A 1 33  ? -6.452  -4.607  13.154  1.00 16.62 ? 33  SER A N   1 
ATOM   247  C  CA  . SER A 1 33  ? -7.929  -4.637  13.114  1.00 18.13 ? 33  SER A CA  1 
ATOM   248  C  C   . SER A 1 33  ? -8.482  -3.264  12.689  1.00 15.83 ? 33  SER A C   1 
ATOM   249  O  O   . SER A 1 33  ? -9.381  -3.168  11.843  1.00 15.77 ? 33  SER A O   1 
ATOM   250  C  CB  . SER A 1 33  ? -8.494  -5.098  14.495  1.00 19.54 ? 33  SER A CB  1 
ATOM   251  O  OG  . SER A 1 33  ? -9.925  -5.027  14.419  1.00 23.92 ? 33  SER A OG  1 
ATOM   252  N  N   . ASP A 1 34  ? -7.946  -2.205  13.276  1.00 16.46 ? 34  ASP A N   1 
ATOM   253  C  CA  . ASP A 1 34  ? -8.272  -0.830  12.883  1.00 17.24 ? 34  ASP A CA  1 
ATOM   254  C  C   . ASP A 1 34  ? -7.983  -0.523  11.439  1.00 16.70 ? 34  ASP A C   1 
ATOM   255  O  O   . ASP A 1 34  ? -8.782  0.169   10.779  1.00 15.02 ? 34  ASP A O   1 
ATOM   256  C  CB  . ASP A 1 34  ? -7.535  0.211   13.695  1.00 20.16 ? 34  ASP A CB  1 
ATOM   257  C  CG  . ASP A 1 34  ? -7.993  0.273   15.161  1.00 24.95 ? 34  ASP A CG  1 
ATOM   258  O  OD1 . ASP A 1 34  ? -8.983  -0.408  15.541  1.00 24.22 ? 34  ASP A OD1 1 
ATOM   259  O  OD2 . ASP A 1 34  ? -7.371  1.103   15.877  1.00 27.77 ? 34  ASP A OD2 1 
ATOM   260  N  N   . MET A 1 35  ? -6.834  -1.007  10.938  1.00 14.61 ? 35  MET A N   1 
ATOM   261  C  CA  . MET A 1 35  ? -6.469  -0.821  9.549   1.00 14.27 ? 35  MET A CA  1 
ATOM   262  C  C   . MET A 1 35  ? -7.427  -1.528  8.555   1.00 14.17 ? 35  MET A C   1 
ATOM   263  O  O   . MET A 1 35  ? -7.842  -0.926  7.550   1.00 13.32 ? 35  MET A O   1 
ATOM   264  C  CB  . MET A 1 35  ? -5.014  -1.241  9.358   1.00 14.65 ? 35  MET A CB  1 
ATOM   265  C  CG  . MET A 1 35  ? -4.046  -0.281  9.992   1.00 15.84 ? 35  MET A CG  1 
ATOM   266  S  SD  . MET A 1 35  ? -2.335  -0.776  9.750   1.00 17.63 ? 35  MET A SD  1 
ATOM   267  C  CE  . MET A 1 35  ? -2.243  -0.544  7.962   1.00 16.02 ? 35  MET A CE  1 
ATOM   268  N  N   . PHE A 1 36  ? -7.777  -2.777  8.820   1.00 14.94 ? 36  PHE A N   1 
ATOM   269  C  CA  . PHE A 1 36  ? -8.767  -3.443  8.018   1.00 15.50 ? 36  PHE A CA  1 
ATOM   270  C  C   . PHE A 1 36  ? -10.122 -2.711  8.038   1.00 17.13 ? 36  PHE A C   1 
ATOM   271  O  O   . PHE A 1 36  ? -10.753 -2.616  7.002   1.00 16.42 ? 36  PHE A O   1 
ATOM   272  C  CB  . PHE A 1 36  ? -8.959  -4.889  8.404   1.00 15.59 ? 36  PHE A CB  1 
ATOM   273  C  CG  . PHE A 1 36  ? -7.871  -5.821  7.916   1.00 15.17 ? 36  PHE A CG  1 
ATOM   274  C  CD1 . PHE A 1 36  ? -7.717  -6.099  6.543   1.00 16.25 ? 36  PHE A CD1 1 
ATOM   275  C  CD2 . PHE A 1 36  ? -7.095  -6.536  8.833   1.00 15.75 ? 36  PHE A CD2 1 
ATOM   276  C  CE1 . PHE A 1 36  ? -6.712  -6.959  6.094   1.00 15.74 ? 36  PHE A CE1 1 
ATOM   277  C  CE2 . PHE A 1 36  ? -6.112  -7.400  8.391   1.00 15.51 ? 36  PHE A CE2 1 
ATOM   278  C  CZ  . PHE A 1 36  ? -5.948  -7.641  7.036   1.00 15.17 ? 36  PHE A CZ  1 
ATOM   279  N  N   . GLU A 1 37  ? -10.513 -2.156  9.181   1.00 17.90 ? 37  GLU A N   1 
ATOM   280  C  CA  . GLU A 1 37  ? -11.783 -1.474  9.290   1.00 19.65 ? 37  GLU A CA  1 
ATOM   281  C  C   . GLU A 1 37  ? -11.776 -0.191  8.505   1.00 18.55 ? 37  GLU A C   1 
ATOM   282  O  O   . GLU A 1 37  ? -12.741 0.138   7.787   1.00 16.67 ? 37  GLU A O   1 
ATOM   283  C  CB  . GLU A 1 37  ? -12.116 -1.219  10.758  1.00 22.10 ? 37  GLU A CB  1 
ATOM   284  C  CG  . GLU A 1 37  ? -13.556 -1.345  11.038  1.00 27.99 ? 37  GLU A CG  1 
ATOM   285  C  CD  . GLU A 1 37  ? -13.980 -0.842  12.424  1.00 28.68 ? 37  GLU A CD  1 
ATOM   286  O  OE1 . GLU A 1 37  ? -13.133 -0.810  13.359  1.00 23.85 ? 37  GLU A OE1 1 
ATOM   287  O  OE2 . GLU A 1 37  ? -15.181 -0.454  12.529  1.00 35.61 ? 37  GLU A OE2 1 
ATOM   288  N  N   . THR A 1 38  ? -10.701 0.555   8.670   1.00 16.65 ? 38  THR A N   1 
ATOM   289  C  CA  . THR A 1 38  ? -10.464 1.744   7.947   1.00 16.04 ? 38  THR A CA  1 
ATOM   290  C  C   . THR A 1 38  ? -10.429 1.570   6.436   1.00 17.05 ? 38  THR A C   1 
ATOM   291  O  O   . THR A 1 38  ? -11.060 2.380   5.704   1.00 14.86 ? 38  THR A O   1 
ATOM   292  C  CB  . THR A 1 38  ? -9.204  2.424   8.411   1.00 16.35 ? 38  THR A CB  1 
ATOM   293  O  OG1 . THR A 1 38  ? -9.321  2.733   9.817   1.00 16.73 ? 38  THR A OG1 1 
ATOM   294  C  CG2 . THR A 1 38  ? -8.984  3.741   7.706   1.00 17.19 ? 38  THR A CG2 1 
ATOM   295  N  N   . MET A 1 39  ? -9.668  0.582   5.975   1.00 15.87 ? 39  MET A N   1 
ATOM   296  C  CA  . MET A 1 39  ? -9.550  0.265   4.565   1.00 18.32 ? 39  MET A CA  1 
ATOM   297  C  C   . MET A 1 39  ? -10.927 -0.093  3.999   1.00 18.98 ? 39  MET A C   1 
ATOM   298  O  O   . MET A 1 39  ? -11.313 0.392   2.925   1.00 16.92 ? 39  MET A O   1 
ATOM   299  C  CB  . MET A 1 39  ? -8.588  -0.908  4.340   1.00 17.30 ? 39  MET A CB  1 
ATOM   300  C  CG  . MET A 1 39  ? -8.405  -1.246  2.886   1.00 18.27 ? 39  MET A CG  1 
ATOM   301  S  SD  . MET A 1 39  ? -7.224  -2.564  2.593   1.00 20.26 ? 39  MET A SD  1 
ATOM   302  C  CE  . MET A 1 39  ? -8.120  -4.085  2.865   1.00 18.58 ? 39  MET A CE  1 
ATOM   303  N  N   . GLY A 1 40  ? -11.667 -0.901  4.779   1.00 18.70 ? 40  GLY A N   1 
ATOM   304  C  CA  . GLY A 1 40  ? -13.034 -1.302  4.463   1.00 18.78 ? 40  GLY A CA  1 
ATOM   305  C  C   . GLY A 1 40  ? -14.052 -0.172  4.344   1.00 16.61 ? 40  GLY A C   1 
ATOM   306  O  O   . GLY A 1 40  ? -14.803 -0.155  3.347   1.00 17.31 ? 40  GLY A O   1 
ATOM   307  N  N   . ALA A 1 41  ? -14.038 0.748   5.286   1.00 14.91 ? 41  ALA A N   1 
ATOM   308  C  CA  . ALA A 1 41  ? -14.900 1.929   5.230   1.00 17.16 ? 41  ALA A CA  1 
ATOM   309  C  C   . ALA A 1 41  ? -14.549 2.864   4.036   1.00 19.20 ? 41  ALA A C   1 
ATOM   310  O  O   . ALA A 1 41  ? -15.458 3.484   3.476   1.00 22.02 ? 41  ALA A O   1 
ATOM   311  C  CB  . ALA A 1 41  ? -14.882 2.737   6.513   1.00 17.07 ? 41  ALA A CB  1 
ATOM   312  N  N   . ALA A 1 42  ? -13.285 2.926   3.622   1.00 18.69 ? 42  ALA A N   1 
ATOM   313  C  CA  . ALA A 1 42  ? -12.900 3.775   2.499   1.00 19.58 ? 42  ALA A CA  1 
ATOM   314  C  C   . ALA A 1 42  ? -13.000 3.015   1.187   1.00 19.11 ? 42  ALA A C   1 
ATOM   315  O  O   . ALA A 1 42  ? -12.707 3.569   0.191   1.00 16.18 ? 42  ALA A O   1 
ATOM   316  C  CB  . ALA A 1 42  ? -11.475 4.279   2.708   1.00 20.28 ? 42  ALA A CB  1 
ATOM   317  N  N   . HIS A 1 43  ? -13.357 1.739   1.181   1.00 17.72 ? 43  HIS A N   1 
ATOM   318  C  CA  . HIS A 1 43  ? -13.440 0.920   -0.021  1.00 20.41 ? 43  HIS A CA  1 
ATOM   319  C  C   . HIS A 1 43  ? -12.086 0.786   -0.716  1.00 20.56 ? 43  HIS A C   1 
ATOM   320  O  O   . HIS A 1 43  ? -11.977 0.801   -1.919  1.00 19.25 ? 43  HIS A O   1 
ATOM   321  C  CB  . HIS A 1 43  ? -14.501 1.452   -0.984  1.00 23.95 ? 43  HIS A CB  1 
ATOM   322  C  CG  . HIS A 1 43  ? -15.898 1.336   -0.460  1.00 28.26 ? 43  HIS A CG  1 
ATOM   323  N  ND1 . HIS A 1 43  ? -16.861 0.614   -1.128  1.00 33.61 ? 43  HIS A ND1 1 
ATOM   324  C  CD2 . HIS A 1 43  ? -16.478 1.775   0.680   1.00 26.38 ? 43  HIS A CD2 1 
ATOM   325  C  CE1 . HIS A 1 43  ? -17.981 0.650   -0.440  1.00 33.36 ? 43  HIS A CE1 1 
ATOM   326  N  NE2 . HIS A 1 43  ? -17.785 1.390   0.637   1.00 27.65 ? 43  HIS A NE2 1 
ATOM   327  N  N   . GLY A 1 44  ? -11.021 0.684   0.048   1.00 18.98 ? 44  GLY A N   1 
ATOM   328  C  CA  . GLY A 1 44  ? -9.718  0.446   -0.539  1.00 17.48 ? 44  GLY A CA  1 
ATOM   329  C  C   . GLY A 1 44  ? -9.413  -0.995  -0.722  1.00 18.20 ? 44  GLY A C   1 
ATOM   330  O  O   . GLY A 1 44  ? -10.105 -1.828  -0.177  1.00 15.84 ? 44  GLY A O   1 
ATOM   331  N  N   . VAL A 1 45  ? -8.349  -1.276  -1.485  1.00 17.32 ? 45  VAL A N   1 
ATOM   332  C  CA  . VAL A 1 45  ? -7.796  -2.591  -1.568  1.00 18.42 ? 45  VAL A CA  1 
ATOM   333  C  C   . VAL A 1 45  ? -6.413  -2.721  -0.877  1.00 17.02 ? 45  VAL A C   1 
ATOM   334  O  O   . VAL A 1 45  ? -5.811  -3.798  -0.892  1.00 16.38 ? 45  VAL A O   1 
ATOM   335  C  CB  . VAL A 1 45  ? -7.663  -3.041  -3.042  1.00 21.28 ? 45  VAL A CB  1 
ATOM   336  C  CG1 . VAL A 1 45  ? -9.043  -2.995  -3.730  1.00 25.10 ? 45  VAL A CG1 1 
ATOM   337  C  CG2 . VAL A 1 45  ? -6.610  -2.239  -3.795  1.00 22.01 ? 45  VAL A CG2 1 
ATOM   338  N  N   . GLY A 1 46  ? -5.915  -1.632  -0.338  1.00 15.14 ? 46  GLY A N   1 
ATOM   339  C  CA  . GLY A 1 46  ? -4.685  -1.645  0.420   1.00 15.62 ? 46  GLY A CA  1 
ATOM   340  C  C   . GLY A 1 46  ? -4.695  -0.418  1.292   1.00 15.25 ? 46  GLY A C   1 
ATOM   341  O  O   . GLY A 1 46  ? -5.437  0.552   1.011   1.00 16.27 ? 46  GLY A O   1 
ATOM   342  N  N   . LEU A 1 47  ? -3.951  -0.464  2.383   1.00 13.66 ? 47  LEU A N   1 
ATOM   343  C  CA  . LEU A 1 47  ? -3.794  0.699   3.261   1.00 13.37 ? 47  LEU A CA  1 
ATOM   344  C  C   . LEU A 1 47  ? -2.466  0.520   4.013   1.00 13.00 ? 47  LEU A C   1 
ATOM   345  O  O   . LEU A 1 47  ? -2.203  -0.578  4.490   1.00 14.30 ? 47  LEU A O   1 
ATOM   346  C  CB  . LEU A 1 47  ? -4.949  0.767   4.222   1.00 14.76 ? 47  LEU A CB  1 
ATOM   347  C  CG  . LEU A 1 47  ? -4.889  1.947   5.200   1.00 17.50 ? 47  LEU A CG  1 
ATOM   348  C  CD1 . LEU A 1 47  ? -5.322  3.243   4.496   1.00 18.90 ? 47  LEU A CD1 1 
ATOM   349  C  CD2 . LEU A 1 47  ? -5.774  1.686   6.395   1.00 19.16 ? 47  LEU A CD2 1 
ATOM   350  N  N   . ALA A 1 48  ? -1.615  1.536   4.049   1.00 12.07 ? 48  ALA A N   1 
ATOM   351  C  CA  . ALA A 1 48  ? -0.317  1.430   4.753   1.00 13.64 ? 48  ALA A CA  1 
ATOM   352  C  C   . ALA A 1 48  ? -0.465  2.227   6.030   1.00 12.89 ? 48  ALA A C   1 
ATOM   353  O  O   . ALA A 1 48  ? -1.189  3.188   6.044   1.00 13.80 ? 48  ALA A O   1 
ATOM   354  C  CB  . ALA A 1 48  ? 0.823   1.989   3.904   1.00 13.33 ? 48  ALA A CB  1 
ATOM   355  N  N   . ALA A 1 49  ? 0.239   1.849   7.080   1.00 12.61 ? 49  ALA A N   1 
ATOM   356  C  CA  . ALA A 1 49  ? 0.115   2.509   8.374   1.00 12.98 ? 49  ALA A CA  1 
ATOM   357  C  C   . ALA A 1 49  ? 0.413   4.006   8.324   1.00 13.92 ? 49  ALA A C   1 
ATOM   358  O  O   . ALA A 1 49  ? -0.220  4.763   9.014   1.00 13.00 ? 49  ALA A O   1 
ATOM   359  C  CB  . ALA A 1 49  ? 1.010   1.823   9.443   1.00 12.79 ? 49  ALA A CB  1 
ATOM   360  N  N   . PRO A 1 50  ? 1.374   4.458   7.499   1.00 13.93 ? 50  PRO A N   1 
ATOM   361  C  CA  . PRO A 1 50  ? 1.576   5.910   7.454   1.00 14.21 ? 50  PRO A CA  1 
ATOM   362  C  C   . PRO A 1 50  ? 0.371   6.722   7.014   1.00 14.88 ? 50  PRO A C   1 
ATOM   363  O  O   . PRO A 1 50  ? 0.223   7.895   7.445   1.00 15.67 ? 50  PRO A O   1 
ATOM   364  C  CB  . PRO A 1 50  ? 2.750   6.081   6.460   1.00 14.40 ? 50  PRO A CB  1 
ATOM   365  C  CG  . PRO A 1 50  ? 3.548   4.852   6.674   1.00 14.35 ? 50  PRO A CG  1 
ATOM   366  C  CD  . PRO A 1 50  ? 2.485   3.743   6.856   1.00 14.58 ? 50  PRO A CD  1 
ATOM   367  N  N   . GLN A 1 51  ? -0.506  6.117   6.230   1.00 14.29 ? 51  GLN A N   1 
ATOM   368  C  CA  . GLN A 1 51  ? -1.711  6.785   5.847   1.00 15.24 ? 51  GLN A CA  1 
ATOM   369  C  C   . GLN A 1 51  ? -2.722  7.075   6.974   1.00 16.50 ? 51  GLN A C   1 
ATOM   370  O  O   . GLN A 1 51  ? -3.660  7.846   6.736   1.00 17.00 ? 51  GLN A O   1 
ATOM   371  C  CB  . GLN A 1 51  ? -2.432  5.983   4.769   1.00 15.46 ? 51  GLN A CB  1 
ATOM   372  C  CG  . GLN A 1 51  ? -1.675  5.820   3.460   1.00 15.22 ? 51  GLN A CG  1 
ATOM   373  C  CD  . GLN A 1 51  ? -2.481  5.044   2.403   1.00 16.08 ? 51  GLN A CD  1 
ATOM   374  O  OE1 . GLN A 1 51  ? -2.440  3.801   2.350   1.00 16.62 ? 51  GLN A OE1 1 
ATOM   375  N  NE2 . GLN A 1 51  ? -3.219  5.771   1.549   1.00 15.05 ? 51  GLN A NE2 1 
ATOM   376  N  N   . ILE A 1 52  ? -2.604  6.431   8.139   1.00 14.88 ? 52  ILE A N   1 
ATOM   377  C  CA  . ILE A 1 52  ? -3.390  6.761   9.282   1.00 15.23 ? 52  ILE A CA  1 
ATOM   378  C  C   . ILE A 1 52  ? -2.456  7.340   10.302  1.00 16.05 ? 52  ILE A C   1 
ATOM   379  O  O   . ILE A 1 52  ? -2.715  7.270   11.476  1.00 15.26 ? 52  ILE A O   1 
ATOM   380  C  CB  . ILE A 1 52  ? -4.183  5.553   9.833   1.00 16.78 ? 52  ILE A CB  1 
ATOM   381  C  CG1 . ILE A 1 52  ? -3.262  4.356   10.121  1.00 17.77 ? 52  ILE A CG1 1 
ATOM   382  C  CG2 . ILE A 1 52  ? -5.329  5.160   8.869   1.00 15.65 ? 52  ILE A CG2 1 
ATOM   383  C  CD1 . ILE A 1 52  ? -3.851  3.268   10.982  1.00 18.76 ? 52  ILE A CD1 1 
ATOM   384  N  N   . ALA A 1 53  ? -1.360  7.938   9.850   1.00 15.71 ? 53  ALA A N   1 
ATOM   385  C  CA  . ALA A 1 53  ? -0.363  8.636   10.702  1.00 18.63 ? 53  ALA A CA  1 
ATOM   386  C  C   . ALA A 1 53  ? 0.267   7.707   11.723  1.00 19.53 ? 53  ALA A C   1 
ATOM   387  O  O   . ALA A 1 53  ? 0.610   8.136   12.781  1.00 21.62 ? 53  ALA A O   1 
ATOM   388  C  CB  . ALA A 1 53  ? -0.897  9.909   11.390  1.00 17.88 ? 53  ALA A CB  1 
ATOM   389  N  N   . VAL A 1 54  ? 0.446   6.442   11.370  1.00 18.49 ? 54  VAL A N   1 
ATOM   390  C  CA  . VAL A 1 54  ? 1.188   5.551   12.222  1.00 18.97 ? 54  VAL A CA  1 
ATOM   391  C  C   . VAL A 1 54  ? 2.470   5.222   11.479  1.00 18.77 ? 54  VAL A C   1 
ATOM   392  O  O   . VAL A 1 54  ? 2.444   4.600   10.398  1.00 17.32 ? 54  VAL A O   1 
ATOM   393  C  CB  . VAL A 1 54  ? 0.372   4.302   12.540  1.00 18.53 ? 54  VAL A CB  1 
ATOM   394  C  CG1 . VAL A 1 54  ? 1.273   3.250   13.168  1.00 18.93 ? 54  VAL A CG1 1 
ATOM   395  C  CG2 . VAL A 1 54  ? -0.782  4.686   13.425  1.00 20.13 ? 54  VAL A CG2 1 
ATOM   396  N  N   . ASP A 1 55  ? 3.582   5.616   12.097  1.00 16.29 ? 55  ASP A N   1 
ATOM   397  C  CA  . ASP A 1 55  ? 4.928   5.493   11.522  1.00 19.34 ? 55  ASP A CA  1 
ATOM   398  C  C   . ASP A 1 55  ? 5.520   4.062   11.797  1.00 18.50 ? 55  ASP A C   1 
ATOM   399  O  O   . ASP A 1 55  ? 6.373   3.837   12.662  1.00 17.36 ? 55  ASP A O   1 
ATOM   400  C  CB  . ASP A 1 55  ? 5.797   6.600   12.168  1.00 22.33 ? 55  ASP A CB  1 
ATOM   401  C  CG  . ASP A 1 55  ? 7.149   6.864   11.445  1.00 27.56 ? 55  ASP A CG  1 
ATOM   402  O  OD1 . ASP A 1 55  ? 7.340   6.519   10.232  1.00 25.72 ? 55  ASP A OD1 1 
ATOM   403  O  OD2 . ASP A 1 55  ? 8.037   7.475   12.129  1.00 32.43 ? 55  ASP A OD2 1 
ATOM   404  N  N   . LEU A 1 56  ? 5.062   3.106   11.012  1.00 16.55 ? 56  LEU A N   1 
ATOM   405  C  CA  . LEU A 1 56  ? 5.477   1.715   11.122  1.00 15.73 ? 56  LEU A CA  1 
ATOM   406  C  C   . LEU A 1 56  ? 5.405   1.077   9.768   1.00 15.15 ? 56  LEU A C   1 
ATOM   407  O  O   . LEU A 1 56  ? 4.499   1.398   8.956   1.00 14.76 ? 56  LEU A O   1 
ATOM   408  C  CB  . LEU A 1 56  ? 4.484   0.959   12.024  1.00 17.34 ? 56  LEU A CB  1 
ATOM   409  C  CG  . LEU A 1 56  ? 4.565   1.258   13.537  1.00 18.74 ? 56  LEU A CG  1 
ATOM   410  C  CD1 . LEU A 1 56  ? 3.456   0.405   14.171  1.00 19.49 ? 56  LEU A CD1 1 
ATOM   411  C  CD2 . LEU A 1 56  ? 5.914   0.888   14.168  1.00 17.34 ? 56  LEU A CD2 1 
ATOM   412  N  N   . GLN A 1 57  ? 6.295   0.118   9.568   1.00 13.74 ? 57  GLN A N   1 
ATOM   413  C  CA  . GLN A 1 57  ? 6.308   -0.764  8.370   1.00 13.99 ? 57  GLN A CA  1 
ATOM   414  C  C   . GLN A 1 57  ? 5.221   -1.813  8.412   1.00 13.29 ? 57  GLN A C   1 
ATOM   415  O  O   . GLN A 1 57  ? 5.440   -2.987  8.685   1.00 13.19 ? 57  GLN A O   1 
ATOM   416  C  CB  . GLN A 1 57  ? 7.692   -1.411  8.155   1.00 12.61 ? 57  GLN A CB  1 
ATOM   417  C  CG  . GLN A 1 57  ? 8.811   -0.450  7.804   1.00 12.96 ? 57  GLN A CG  1 
ATOM   418  C  CD  . GLN A 1 57  ? 10.163  -1.116  7.832   1.00 14.39 ? 57  GLN A CD  1 
ATOM   419  O  OE1 . GLN A 1 57  ? 10.286  -2.318  7.571   1.00 16.69 ? 57  GLN A OE1 1 
ATOM   420  N  NE2 . GLN A 1 57  ? 11.185  -0.370  8.185   1.00 16.03 ? 57  GLN A NE2 1 
ATOM   421  N  N   . LEU A 1 58  ? 4.006   -1.391  8.099   1.00 13.06 ? 58  LEU A N   1 
ATOM   422  C  CA  . LEU A 1 58  ? 2.880   -2.227  8.202   1.00 12.46 ? 58  LEU A CA  1 
ATOM   423  C  C   . LEU A 1 58  ? 1.861   -1.832  7.116   1.00 12.21 ? 58  LEU A C   1 
ATOM   424  O  O   . LEU A 1 58  ? 1.558   -0.659  6.927   1.00 11.70 ? 58  LEU A O   1 
ATOM   425  C  CB  . LEU A 1 58  ? 2.257   -2.003  9.559   1.00 12.78 ? 58  LEU A CB  1 
ATOM   426  C  CG  . LEU A 1 58  ? 0.990   -2.817  9.965   1.00 13.79 ? 58  LEU A CG  1 
ATOM   427  C  CD1 . LEU A 1 58  ? 1.313   -4.312  10.033  1.00 14.90 ? 58  LEU A CD1 1 
ATOM   428  C  CD2 . LEU A 1 58  ? 0.603   -2.326  11.338  1.00 14.52 ? 58  LEU A CD2 1 
ATOM   429  N  N   . MET A 1 59  ? 1.359   -2.823  6.432   1.00 12.02 ? 59  MET A N   1 
ATOM   430  C  CA  . MET A 1 59  ? 0.295   -2.626  5.453   1.00 13.26 ? 59  MET A CA  1 
ATOM   431  C  C   . MET A 1 59  ? -0.759  -3.734  5.605   1.00 12.50 ? 59  MET A C   1 
ATOM   432  O  O   . MET A 1 59  ? -0.476  -4.827  6.119   1.00 11.44 ? 59  MET A O   1 
ATOM   433  C  CB  . MET A 1 59  ? 0.860   -2.625  4.055   1.00 14.68 ? 59  MET A CB  1 
ATOM   434  C  CG  . MET A 1 59  ? 1.524   -3.942  3.684   1.00 14.82 ? 59  MET A CG  1 
ATOM   435  S  SD  . MET A 1 59  ? 2.146   -4.108  2.011   1.00 18.94 ? 59  MET A SD  1 
ATOM   436  C  CE  . MET A 1 59  ? 3.599   -3.069  2.159   1.00 17.45 ? 59  MET A CE  1 
ATOM   437  N  N   . VAL A 1 60  ? -1.958  -3.430  5.132   1.00 12.68 ? 60  VAL A N   1 
ATOM   438  C  CA  . VAL A 1 60  ? -3.021  -4.412  4.933   1.00 12.43 ? 60  VAL A CA  1 
ATOM   439  C  C   . VAL A 1 60  ? -3.510  -4.317  3.493   1.00 12.42 ? 60  VAL A C   1 
ATOM   440  O  O   . VAL A 1 60  ? -3.377  -3.264  2.914   1.00 11.37 ? 60  VAL A O   1 
ATOM   441  C  CB  . VAL A 1 60  ? -4.177  -4.239  5.881   1.00 13.22 ? 60  VAL A CB  1 
ATOM   442  C  CG1 . VAL A 1 60  ? -3.702  -4.459  7.323   1.00 13.10 ? 60  VAL A CG1 1 
ATOM   443  C  CG2 . VAL A 1 60  ? -4.897  -2.888  5.764   1.00 14.42 ? 60  VAL A CG2 1 
ATOM   444  N  N   . PHE A 1 61  ? -3.986  -5.413  2.928   1.00 12.09 ? 61  PHE A N   1 
ATOM   445  C  CA  . PHE A 1 61  ? -4.452  -5.413  1.579   1.00 13.52 ? 61  PHE A CA  1 
ATOM   446  C  C   . PHE A 1 61  ? -5.312  -6.623  1.303   1.00 16.81 ? 61  PHE A C   1 
ATOM   447  O  O   . PHE A 1 61  ? -5.301  -7.591  2.076   1.00 15.69 ? 61  PHE A O   1 
ATOM   448  C  CB  . PHE A 1 61  ? -3.318  -5.269  0.539   1.00 13.89 ? 61  PHE A CB  1 
ATOM   449  C  CG  . PHE A 1 61  ? -2.255  -6.325  0.615   1.00 12.92 ? 61  PHE A CG  1 
ATOM   450  C  CD1 . PHE A 1 61  ? -1.136  -6.148  1.452   1.00 13.04 ? 61  PHE A CD1 1 
ATOM   451  C  CD2 . PHE A 1 61  ? -2.385  -7.484  -0.080  1.00 12.55 ? 61  PHE A CD2 1 
ATOM   452  C  CE1 . PHE A 1 61  ? -0.165  -7.101  1.536   1.00 12.73 ? 61  PHE A CE1 1 
ATOM   453  C  CE2 . PHE A 1 61  ? -1.415  -8.451  -0.002  1.00 13.96 ? 61  PHE A CE2 1 
ATOM   454  C  CZ  . PHE A 1 61  ? -0.308  -8.256  0.784   1.00 12.97 ? 61  PHE A CZ  1 
ATOM   455  N  N   . GLY A 1 62  ? -6.114  -6.523  0.239   1.00 16.48 ? 62  GLY A N   1 
ATOM   456  C  CA  . GLY A 1 62  ? -6.799  -7.672  -0.363  1.00 19.75 ? 62  GLY A CA  1 
ATOM   457  C  C   . GLY A 1 62  ? -8.277  -7.370  -0.577  1.00 25.40 ? 62  GLY A C   1 
ATOM   458  O  O   . GLY A 1 62  ? -8.845  -6.476  0.088   1.00 29.82 ? 62  GLY A O   1 
ATOM   459  N  N   . PHE A 1 63  ? -8.932  -8.219  -1.344  1.00 27.71 ? 63  PHE A N   1 
ATOM   460  C  CA  . PHE A 1 63  ? -10.126 -7.831  -2.159  1.00 35.51 ? 63  PHE A CA  1 
ATOM   461  C  C   . PHE A 1 63  ? -10.915 -9.110  -2.386  1.00 36.41 ? 63  PHE A C   1 
ATOM   462  O  O   . PHE A 1 63  ? -10.329 -9.982  -3.047  1.00 36.11 ? 63  PHE A O   1 
ATOM   463  C  CB  . PHE A 1 63  ? -9.634  -7.289  -3.548  1.00 34.69 ? 63  PHE A CB  1 
ATOM   464  N  N   . ALA A 1 74  ? -7.927  -12.115 -7.731  1.00 52.13 ? 74  ALA A N   1 
ATOM   465  C  CA  . ALA A 1 74  ? -8.455  -11.707 -6.438  1.00 54.29 ? 74  ALA A CA  1 
ATOM   466  C  C   . ALA A 1 74  ? -7.409  -12.014 -5.394  1.00 53.60 ? 74  ALA A C   1 
ATOM   467  O  O   . ALA A 1 74  ? -6.786  -13.067 -5.416  1.00 54.49 ? 74  ALA A O   1 
ATOM   468  C  CB  . ALA A 1 74  ? -9.760  -12.406 -6.089  1.00 49.03 ? 74  ALA A CB  1 
ATOM   469  N  N   . VAL A 1 75  ? -7.268  -11.086 -4.461  1.00 47.91 ? 75  VAL A N   1 
ATOM   470  C  CA  . VAL A 1 75  ? -6.071  -10.964 -3.623  1.00 43.98 ? 75  VAL A CA  1 
ATOM   471  C  C   . VAL A 1 75  ? -6.424  -11.292 -2.159  1.00 33.12 ? 75  VAL A C   1 
ATOM   472  O  O   . VAL A 1 75  ? -7.257  -10.643 -1.558  1.00 26.01 ? 75  VAL A O   1 
ATOM   473  C  CB  . VAL A 1 75  ? -5.544  -9.508  -3.701  1.00 44.91 ? 75  VAL A CB  1 
ATOM   474  C  CG1 . VAL A 1 75  ? -4.274  -9.342  -2.873  1.00 47.06 ? 75  VAL A CG1 1 
ATOM   475  C  CG2 . VAL A 1 75  ? -5.344  -9.056  -5.157  1.00 44.57 ? 75  VAL A CG2 1 
ATOM   476  N  N   . PRO A 1 76  ? -5.796  -12.279 -1.590  1.00 31.21 ? 76  PRO A N   1 
ATOM   477  C  CA  . PRO A 1 76  ? -6.096  -12.706 -0.222  1.00 31.28 ? 76  PRO A CA  1 
ATOM   478  C  C   . PRO A 1 76  ? -5.860  -11.595 0.817   1.00 25.21 ? 76  PRO A C   1 
ATOM   479  O  O   . PRO A 1 76  ? -4.916  -10.798 0.685   1.00 23.25 ? 76  PRO A O   1 
ATOM   480  C  CB  . PRO A 1 76  ? -5.109  -13.850 0.007   1.00 36.54 ? 76  PRO A CB  1 
ATOM   481  C  CG  . PRO A 1 76  ? -3.956  -13.562 -0.898  1.00 37.67 ? 76  PRO A CG  1 
ATOM   482  C  CD  . PRO A 1 76  ? -4.473  -12.751 -2.053  1.00 38.89 ? 76  PRO A CD  1 
ATOM   483  N  N   . LEU A 1 77  ? -6.770  -11.511 1.779   1.00 21.14 ? 77  LEU A N   1 
ATOM   484  C  CA  . LEU A 1 77  ? -6.719  -10.498 2.785   1.00 19.01 ? 77  LEU A CA  1 
ATOM   485  C  C   . LEU A 1 77  ? -5.467  -10.774 3.624   1.00 16.61 ? 77  LEU A C   1 
ATOM   486  O  O   . LEU A 1 77  ? -5.284  -11.880 4.116   1.00 13.92 ? 77  LEU A O   1 
ATOM   487  C  CB  . LEU A 1 77  ? -7.959  -10.492 3.657   1.00 22.02 ? 77  LEU A CB  1 
ATOM   488  C  CG  . LEU A 1 77  ? -9.228  -9.730  3.161   1.00 27.85 ? 77  LEU A CG  1 
ATOM   489  C  CD1 . LEU A 1 77  ? -10.473 -10.200 3.924   1.00 27.78 ? 77  LEU A CD1 1 
ATOM   490  C  CD2 . LEU A 1 77  ? -9.119  -8.194  3.232   1.00 26.94 ? 77  LEU A CD2 1 
ATOM   491  N  N   . THR A 1 78  ? -4.603  -9.766  3.760   1.00 14.06 ? 78  THR A N   1 
ATOM   492  C  CA  . THR A 1 78  ? -3.290  -9.958  4.338   1.00 13.01 ? 78  THR A CA  1 
ATOM   493  C  C   . THR A 1 78  ? -2.903  -8.780  5.137   1.00 12.51 ? 78  THR A C   1 
ATOM   494  O  O   . THR A 1 78  ? -3.065  -7.588  4.678   1.00 12.21 ? 78  THR A O   1 
ATOM   495  C  CB  . THR A 1 78  ? -2.265  -10.082 3.202   1.00 13.44 ? 78  THR A CB  1 
ATOM   496  O  OG1 . THR A 1 78  ? -2.683  -11.091 2.313   1.00 13.50 ? 78  THR A OG1 1 
ATOM   497  C  CG2 . THR A 1 78  ? -0.864  -10.456 3.687   1.00 12.94 ? 78  THR A CG2 1 
ATOM   498  N  N   . ALA A 1 79  ? -2.307  -9.034  6.294   1.00 11.20 ? 79  ALA A N   1 
ATOM   499  C  CA  . ALA A 1 79  ? -1.610  -7.978  7.039   1.00 11.36 ? 79  ALA A CA  1 
ATOM   500  C  C   . ALA A 1 79  ? -0.097  -8.302  7.013   1.00 11.43 ? 79  ALA A C   1 
ATOM   501  O  O   . ALA A 1 79  ? 0.268   -9.445  7.288   1.00 11.70 ? 79  ALA A O   1 
ATOM   502  C  CB  . ALA A 1 79  ? -2.125  -7.962  8.450   1.00 12.65 ? 79  ALA A CB  1 
ATOM   503  N  N   . LEU A 1 80  ? 0.738   -7.362  6.586   1.00 12.29 ? 80  LEU A N   1 
ATOM   504  C  CA  . LEU A 1 80  ? 2.146   -7.587  6.338   1.00 12.64 ? 80  LEU A CA  1 
ATOM   505  C  C   . LEU A 1 80  ? 2.973   -6.559  7.070   1.00 12.64 ? 80  LEU A C   1 
ATOM   506  O  O   . LEU A 1 80  ? 2.896   -5.364  6.827   1.00 13.19 ? 80  LEU A O   1 
ATOM   507  C  CB  . LEU A 1 80  ? 2.430   -7.543  4.849   1.00 14.20 ? 80  LEU A CB  1 
ATOM   508  C  CG  . LEU A 1 80  ? 3.840   -7.924  4.362   1.00 15.18 ? 80  LEU A CG  1 
ATOM   509  C  CD1 . LEU A 1 80  ? 4.192   -9.369  4.682   1.00 14.53 ? 80  LEU A CD1 1 
ATOM   510  C  CD2 . LEU A 1 80  ? 3.963   -7.674  2.878   1.00 16.51 ? 80  LEU A CD2 1 
ATOM   511  N  N   . ALA A 1 81  ? 3.786   -7.024  8.012   1.00 12.94 ? 81  ALA A N   1 
ATOM   512  C  CA  . ALA A 1 81  ? 4.802   -6.209  8.693   1.00 13.40 ? 81  ALA A CA  1 
ATOM   513  C  C   . ALA A 1 81  ? 6.202   -6.394  8.081   1.00 13.32 ? 81  ALA A C   1 
ATOM   514  O  O   . ALA A 1 81  ? 6.548   -7.490  7.667   1.00 14.07 ? 81  ALA A O   1 
ATOM   515  C  CB  . ALA A 1 81  ? 4.875   -6.592  10.164  1.00 14.05 ? 81  ALA A CB  1 
ATOM   516  N  N   . ASN A 1 82  ? 6.986   -5.320  8.109   1.00 14.38 ? 82  ASN A N   1 
ATOM   517  C  CA  . ASN A 1 82  ? 8.441   -5.337  7.759   1.00 16.21 ? 82  ASN A CA  1 
ATOM   518  C  C   . ASN A 1 82  ? 8.688   -5.869  6.344   1.00 16.52 ? 82  ASN A C   1 
ATOM   519  O  O   . ASN A 1 82  ? 9.555   -6.653  6.089   1.00 16.27 ? 82  ASN A O   1 
ATOM   520  C  CB  . ASN A 1 82  ? 9.232   -6.054  8.858   1.00 15.42 ? 82  ASN A CB  1 
ATOM   521  C  CG  . ASN A 1 82  ? 9.015   -5.426  10.187  1.00 16.10 ? 82  ASN A CG  1 
ATOM   522  O  OD1 . ASN A 1 82  ? 8.603   -4.254  10.271  1.00 17.08 ? 82  ASN A OD1 1 
ATOM   523  N  ND2 . ASN A 1 82  ? 9.262   -6.185  11.273  1.00 16.02 ? 82  ASN A ND2 1 
ATOM   524  N  N   . ALA A 1 83  ? 7.853   -5.409  5.420   1.00 16.60 ? 83  ALA A N   1 
ATOM   525  C  CA  . ALA A 1 83  ? 7.856   -5.950  4.090   1.00 16.87 ? 83  ALA A CA  1 
ATOM   526  C  C   . ALA A 1 83  ? 9.193   -5.642  3.372   1.00 18.71 ? 83  ALA A C   1 
ATOM   527  O  O   . ALA A 1 83  ? 9.745   -4.545  3.518   1.00 16.73 ? 83  ALA A O   1 
ATOM   528  C  CB  . ALA A 1 83  ? 6.715   -5.383  3.288   1.00 17.28 ? 83  ALA A CB  1 
ATOM   529  N  N   . GLN A 1 84  ? 9.632   -6.620  2.592   1.00 18.41 ? 84  GLN A N   1 
ATOM   530  C  CA  . GLN A 1 84  ? 10.734  -6.506  1.651   1.00 23.13 ? 84  GLN A CA  1 
ATOM   531  C  C   . GLN A 1 84  ? 10.246  -7.004  0.339   1.00 19.48 ? 84  GLN A C   1 
ATOM   532  O  O   . GLN A 1 84  ? 9.545   -8.005  0.287   1.00 19.18 ? 84  GLN A O   1 
ATOM   533  C  CB  . GLN A 1 84  ? 11.881  -7.388  2.099   1.00 25.88 ? 84  GLN A CB  1 
ATOM   534  C  CG  . GLN A 1 84  ? 12.676  -6.764  3.216   1.00 30.95 ? 84  GLN A CG  1 
ATOM   535  C  CD  . GLN A 1 84  ? 13.605  -7.820  3.856   1.00 41.81 ? 84  GLN A CD  1 
ATOM   536  O  OE1 . GLN A 1 84  ? 14.042  -7.651  4.978   1.00 42.99 ? 84  GLN A OE1 1 
ATOM   537  N  NE2 . GLN A 1 84  ? 13.846  -8.946  3.152   1.00 43.28 ? 84  GLN A NE2 1 
ATOM   538  N  N   . ILE A 1 85  ? 10.564  -6.278  -0.724  1.00 19.47 ? 85  ILE A N   1 
ATOM   539  C  CA  . ILE A 1 85  ? 10.160  -6.663  -2.070  1.00 20.32 ? 85  ILE A CA  1 
ATOM   540  C  C   . ILE A 1 85  ? 11.389  -6.817  -2.973  1.00 21.33 ? 85  ILE A C   1 
ATOM   541  O  O   . ILE A 1 85  ? 12.380  -6.083  -2.831  1.00 19.93 ? 85  ILE A O   1 
ATOM   542  C  CB  . ILE A 1 85  ? 9.248   -5.579  -2.663  1.00 23.65 ? 85  ILE A CB  1 
ATOM   543  C  CG1 . ILE A 1 85  ? 7.955   -5.555  -1.871  1.00 24.97 ? 85  ILE A CG1 1 
ATOM   544  C  CG2 . ILE A 1 85  ? 8.902   -5.867  -4.150  1.00 25.53 ? 85  ILE A CG2 1 
ATOM   545  C  CD1 . ILE A 1 85  ? 7.122   -4.370  -2.281  1.00 31.73 ? 85  ILE A CD1 1 
ATOM   546  N  N   . GLU A 1 86  ? 11.281  -7.732  -3.920  1.00 21.96 ? 86  GLU A N   1 
ATOM   547  C  CA  . GLU A 1 86  ? 12.306  -7.944  -4.933  1.00 26.53 ? 86  GLU A CA  1 
ATOM   548  C  C   . GLU A 1 86  ? 11.612  -8.286  -6.211  1.00 23.57 ? 86  GLU A C   1 
ATOM   549  O  O   . GLU A 1 86  ? 10.734  -9.160  -6.232  1.00 21.20 ? 86  GLU A O   1 
ATOM   550  C  CB  . GLU A 1 86  ? 13.346  -9.024  -4.525  1.00 31.32 ? 86  GLU A CB  1 
ATOM   551  C  CG  . GLU A 1 86  ? 12.831  -10.398 -4.091  1.00 38.53 ? 86  GLU A CG  1 
ATOM   552  C  CD  . GLU A 1 86  ? 13.933  -11.380 -3.532  1.00 46.47 ? 86  GLU A CD  1 
ATOM   553  O  OE1 . GLU A 1 86  ? 13.616  -12.371 -2.770  1.00 41.32 ? 86  GLU A OE1 1 
ATOM   554  O  OE2 . GLU A 1 86  ? 15.134  -11.159 -3.862  1.00 48.75 ? 86  GLU A OE2 1 
ATOM   555  N  N   . PRO A 1 87  ? 11.983  -7.587  -7.296  1.00 24.46 ? 87  PRO A N   1 
ATOM   556  C  CA  . PRO A 1 87  ? 11.403  -7.952  -8.573  1.00 24.03 ? 87  PRO A CA  1 
ATOM   557  C  C   . PRO A 1 87  ? 11.918  -9.313  -9.017  1.00 21.72 ? 87  PRO A C   1 
ATOM   558  O  O   . PRO A 1 87  ? 13.029  -9.659  -8.697  1.00 20.14 ? 87  PRO A O   1 
ATOM   559  C  CB  . PRO A 1 87  ? 11.923  -6.855  -9.516  1.00 26.04 ? 87  PRO A CB  1 
ATOM   560  C  CG  . PRO A 1 87  ? 13.245  -6.493  -8.927  1.00 28.00 ? 87  PRO A CG  1 
ATOM   561  C  CD  . PRO A 1 87  ? 13.021  -6.536  -7.427  1.00 26.14 ? 87  PRO A CD  1 
ATOM   562  N  N   . LEU A 1 88  ? 11.081  -10.082 -9.674  1.00 21.93 ? 88  LEU A N   1 
ATOM   563  C  CA  . LEU A 1 88  ? 11.457  -11.413 -10.236 1.00 24.15 ? 88  LEU A CA  1 
ATOM   564  C  C   . LEU A 1 88  ? 11.720  -11.365 -11.746 1.00 25.97 ? 88  LEU A C   1 
ATOM   565  O  O   . LEU A 1 88  ? 12.109  -12.399 -12.320 1.00 24.57 ? 88  LEU A O   1 
ATOM   566  C  CB  . LEU A 1 88  ? 10.381  -12.504 -9.962  1.00 23.58 ? 88  LEU A CB  1 
ATOM   567  C  CG  . LEU A 1 88  ? 10.181  -12.709 -8.436  1.00 24.68 ? 88  LEU A CG  1 
ATOM   568  C  CD1 . LEU A 1 88  ? 9.209   -13.831 -8.197  1.00 26.40 ? 88  LEU A CD1 1 
ATOM   569  C  CD2 . LEU A 1 88  ? 11.488  -12.955 -7.694  1.00 24.68 ? 88  LEU A CD2 1 
ATOM   570  N  N   . SER A 1 89  ? 11.434  -10.222 -12.382 1.00 24.96 ? 89  SER A N   1 
ATOM   571  C  CA  . SER A 1 89  ? 12.039  -9.896  -13.661 1.00 26.57 ? 89  SER A CA  1 
ATOM   572  C  C   . SER A 1 89  ? 12.029  -8.391  -13.799 1.00 31.04 ? 89  SER A C   1 
ATOM   573  O  O   . SER A 1 89  ? 11.597  -7.679  -12.875 1.00 27.42 ? 89  SER A O   1 
ATOM   574  C  CB  . SER A 1 89  ? 11.356  -10.578 -14.829 1.00 24.43 ? 89  SER A CB  1 
ATOM   575  O  OG  . SER A 1 89  ? 10.184  -9.946  -15.218 1.00 27.86 ? 89  SER A OG  1 
ATOM   576  N  N   . ASP A 1 90  ? 12.524  -7.917  -14.943 1.00 29.92 ? 90  ASP A N   1 
ATOM   577  C  CA  . ASP A 1 90  ? 12.640  -6.494  -15.203 1.00 31.04 ? 90  ASP A CA  1 
ATOM   578  C  C   . ASP A 1 90  ? 11.424  -6.033  -15.965 1.00 26.71 ? 90  ASP A C   1 
ATOM   579  O  O   . ASP A 1 90  ? 11.266  -4.839  -16.178 1.00 28.06 ? 90  ASP A O   1 
ATOM   580  C  CB  . ASP A 1 90  ? 13.951  -6.161  -15.943 1.00 37.28 ? 90  ASP A CB  1 
ATOM   581  C  CG  . ASP A 1 90  ? 15.129  -5.898  -14.969 1.00 49.65 ? 90  ASP A CG  1 
ATOM   582  O  OD1 . ASP A 1 90  ? 14.911  -5.312  -13.874 1.00 59.04 ? 90  ASP A OD1 1 
ATOM   583  O  OD2 . ASP A 1 90  ? 16.278  -6.286  -15.293 1.00 53.67 ? 90  ASP A OD2 1 
ATOM   584  N  N   . GLU A 1 91  ? 10.515  -6.928  -16.317 1.00 23.00 ? 91  GLU A N   1 
ATOM   585  C  CA  . GLU A 1 91  ? 9.315   -6.526  -17.001 1.00 24.25 ? 91  GLU A CA  1 
ATOM   586  C  C   . GLU A 1 91  ? 8.396   -5.568  -16.158 1.00 25.38 ? 91  GLU A C   1 
ATOM   587  O  O   . GLU A 1 91  ? 8.005   -5.879  -15.031 1.00 22.36 ? 91  GLU A O   1 
ATOM   588  C  CB  . GLU A 1 91  ? 8.502   -7.726  -17.423 1.00 25.56 ? 91  GLU A CB  1 
ATOM   589  C  CG  . GLU A 1 91  ? 7.354   -7.276  -18.301 1.00 29.73 ? 91  GLU A CG  1 
ATOM   590  C  CD  . GLU A 1 91  ? 6.577   -8.415  -18.894 1.00 32.20 ? 91  GLU A CD  1 
ATOM   591  O  OE1 . GLU A 1 91  ? 5.796   -8.102  -19.812 1.00 44.06 ? 91  GLU A OE1 1 
ATOM   592  O  OE2 . GLU A 1 91  ? 6.727   -9.591  -18.480 1.00 35.53 ? 91  GLU A OE2 1 
ATOM   593  N  N   . MET A 1 92  ? 8.107   -4.403  -16.758 1.00 26.39 ? 92  MET A N   1 
ATOM   594  C  CA  . MET A 1 92  ? 7.194   -3.415  -16.270 1.00 24.91 ? 92  MET A CA  1 
ATOM   595  C  C   . MET A 1 92  ? 5.865   -3.573  -16.945 1.00 22.76 ? 92  MET A C   1 
ATOM   596  O  O   . MET A 1 92  ? 5.758   -4.057  -18.075 1.00 23.34 ? 92  MET A O   1 
ATOM   597  C  CB  . MET A 1 92  ? 7.739   -1.996  -16.507 1.00 26.60 ? 92  MET A CB  1 
ATOM   598  C  CG  . MET A 1 92  ? 9.139   -1.738  -15.923 1.00 29.58 ? 92  MET A CG  1 
ATOM   599  S  SD  . MET A 1 92  ? 9.293   -2.034  -14.140 1.00 34.07 ? 92  MET A SD  1 
ATOM   600  C  CE  . MET A 1 92  ? 8.519   -0.537  -13.516 1.00 31.99 ? 92  MET A CE  1 
ATOM   601  N  N   . GLU A 1 93  ? 4.842   -3.161  -16.226 1.00 20.01 ? 93  GLU A N   1 
ATOM   602  C  CA  . GLU A 1 93  ? 3.507   -3.117  -16.728 1.00 21.24 ? 93  GLU A CA  1 
ATOM   603  C  C   . GLU A 1 93  ? 2.836   -1.843  -16.248 1.00 21.88 ? 93  GLU A C   1 
ATOM   604  O  O   . GLU A 1 93  ? 2.987   -1.452  -15.094 1.00 18.99 ? 93  GLU A O   1 
ATOM   605  C  CB  . GLU A 1 93  ? 2.746   -4.285  -16.208 1.00 24.96 ? 93  GLU A CB  1 
ATOM   606  C  CG  . GLU A 1 93  ? 1.413   -4.530  -16.890 1.00 28.05 ? 93  GLU A CG  1 
ATOM   607  C  CD  . GLU A 1 93  ? 0.919   -5.919  -16.586 1.00 34.75 ? 93  GLU A CD  1 
ATOM   608  O  OE1 . GLU A 1 93  ? 0.751   -6.246  -15.386 1.00 32.54 ? 93  GLU A OE1 1 
ATOM   609  O  OE2 . GLU A 1 93  ? 0.764   -6.709  -17.536 1.00 43.80 ? 93  GLU A OE2 1 
ATOM   610  N  N   . ASN A 1 94  ? 2.093   -1.200  -17.142 1.00 22.02 ? 94  ASN A N   1 
ATOM   611  C  CA  . ASN A 1 94  ? 1.295   -0.018  -16.795 1.00 21.47 ? 94  ASN A CA  1 
ATOM   612  C  C   . ASN A 1 94  ? -0.085  -0.450  -16.301 1.00 21.53 ? 94  ASN A C   1 
ATOM   613  O  O   . ASN A 1 94  ? -0.629  -1.449  -16.729 1.00 20.27 ? 94  ASN A O   1 
ATOM   614  C  CB  . ASN A 1 94  ? 1.138   0.875   -18.020 1.00 22.28 ? 94  ASN A CB  1 
ATOM   615  C  CG  . ASN A 1 94  ? 2.410   1.548   -18.395 1.00 23.86 ? 94  ASN A CG  1 
ATOM   616  O  OD1 . ASN A 1 94  ? 3.179   2.047   -17.561 1.00 27.15 ? 94  ASN A OD1 1 
ATOM   617  N  ND2 . ASN A 1 94  ? 2.662   1.551   -19.657 1.00 24.86 ? 94  ASN A ND2 1 
ATOM   618  N  N   . GLY A 1 95  ? -0.659  0.323   -15.400 1.00 18.64 ? 95  GLY A N   1 
ATOM   619  C  CA  . GLY A 1 95  ? -1.967  0.051   -14.880 1.00 17.84 ? 95  GLY A CA  1 
ATOM   620  C  C   . GLY A 1 95  ? -2.467  1.231   -14.058 1.00 17.44 ? 95  GLY A C   1 
ATOM   621  O  O   . GLY A 1 95  ? -1.695  2.081   -13.669 1.00 18.32 ? 95  GLY A O   1 
ATOM   622  N  N   . TRP A 1 96  ? -3.767  1.286   -13.848 1.00 18.70 ? 96  TRP A N   1 
ATOM   623  C  CA  . TRP A 1 96  ? -4.386  2.341   -13.080 1.00 18.17 ? 96  TRP A CA  1 
ATOM   624  C  C   . TRP A 1 96  ? -4.114  2.280   -11.576 1.00 18.28 ? 96  TRP A C   1 
ATOM   625  O  O   . TRP A 1 96  ? -4.174  1.200   -10.966 1.00 20.25 ? 96  TRP A O   1 
ATOM   626  C  CB  . TRP A 1 96  ? -5.866  2.318   -13.311 1.00 18.39 ? 96  TRP A CB  1 
ATOM   627  C  CG  . TRP A 1 96  ? -6.232  2.832   -14.709 1.00 22.46 ? 96  TRP A CG  1 
ATOM   628  C  CD1 . TRP A 1 96  ? -6.676  2.083   -15.779 1.00 22.69 ? 96  TRP A CD1 1 
ATOM   629  C  CD2 . TRP A 1 96  ? -6.152  4.200   -15.182 1.00 20.03 ? 96  TRP A CD2 1 
ATOM   630  N  NE1 . TRP A 1 96  ? -6.879  2.905   -16.866 1.00 22.50 ? 96  TRP A NE1 1 
ATOM   631  C  CE2 . TRP A 1 96  ? -6.615  4.201   -16.523 1.00 21.43 ? 96  TRP A CE2 1 
ATOM   632  C  CE3 . TRP A 1 96  ? -5.783  5.402   -14.592 1.00 18.90 ? 96  TRP A CE3 1 
ATOM   633  C  CZ2 . TRP A 1 96  ? -6.667  5.364   -17.303 1.00 20.76 ? 96  TRP A CZ2 1 
ATOM   634  C  CZ3 . TRP A 1 96  ? -5.825  6.558   -15.362 1.00 19.49 ? 96  TRP A CZ3 1 
ATOM   635  C  CH2 . TRP A 1 96  ? -6.275  6.529   -16.710 1.00 20.54 ? 96  TRP A CH2 1 
ATOM   636  N  N   . GLU A 1 97  ? -3.793  3.411   -10.975 1.00 16.25 ? 97  GLU A N   1 
ATOM   637  C  CA  . GLU A 1 97  ? -3.684  3.486   -9.506  1.00 17.79 ? 97  GLU A CA  1 
ATOM   638  C  C   . GLU A 1 97  ? -4.416  4.711   -8.995  1.00 18.86 ? 97  GLU A C   1 
ATOM   639  O  O   . GLU A 1 97  ? -4.418  5.736   -9.662  1.00 19.53 ? 97  GLU A O   1 
ATOM   640  C  CB  . GLU A 1 97  ? -2.246  3.565   -9.070  1.00 18.42 ? 97  GLU A CB  1 
ATOM   641  C  CG  . GLU A 1 97  ? -1.504  2.287   -9.400  1.00 19.45 ? 97  GLU A CG  1 
ATOM   642  C  CD  . GLU A 1 97  ? -0.135  2.154   -8.756  1.00 19.08 ? 97  GLU A CD  1 
ATOM   643  O  OE1 . GLU A 1 97  ? 0.174   2.851   -7.756  1.00 19.45 ? 97  GLU A OE1 1 
ATOM   644  O  OE2 . GLU A 1 97  ? 0.690   1.379   -9.263  1.00 18.49 ? 97  GLU A OE2 1 
ATOM   645  N  N   . GLY A 1 98  ? -4.997  4.588   -7.810  1.00 17.94 ? 98  GLY A N   1 
ATOM   646  C  CA  . GLY A 1 98  ? -5.580  5.683   -7.047  1.00 19.06 ? 98  GLY A CA  1 
ATOM   647  C  C   . GLY A 1 98  ? -4.973  5.653   -5.627  1.00 19.44 ? 98  GLY A C   1 
ATOM   648  O  O   . GLY A 1 98  ? -4.183  4.767   -5.300  1.00 22.22 ? 98  GLY A O   1 
HETATM 649  N  N   . CSD A 1 99  ? -5.351  6.575   -4.764  1.00 19.11 ? 99  CSD A N   1 
HETATM 650  C  CA  . CSD A 1 99  ? -4.810  6.588   -3.419  1.00 20.89 ? 99  CSD A CA  1 
HETATM 651  C  CB  . CSD A 1 99  ? -3.472  7.354   -3.400  1.00 23.98 ? 99  CSD A CB  1 
HETATM 652  S  SG  . CSD A 1 99  ? -2.283  7.168   -2.138  1.00 25.55 ? 99  CSD A SG  1 
HETATM 653  C  C   . CSD A 1 99  ? -5.875  7.190   -2.555  1.00 20.70 ? 99  CSD A C   1 
HETATM 654  O  O   . CSD A 1 99  ? -6.392  8.253   -2.848  1.00 20.81 ? 99  CSD A O   1 
HETATM 655  O  OD1 . CSD A 1 99  ? -3.138  7.471   -0.983  1.00 24.65 ? 99  CSD A OD1 1 
HETATM 656  O  OD2 . CSD A 1 99  ? -1.743  8.700   -1.874  1.00 32.21 ? 99  CSD A OD2 1 
ATOM   657  N  N   . LEU A 1 100 ? -6.152  6.558   -1.422  1.00 21.16 ? 100 LEU A N   1 
ATOM   658  C  CA  . LEU A 1 100 ? -7.081  7.120   -0.452  1.00 24.32 ? 100 LEU A CA  1 
ATOM   659  C  C   . LEU A 1 100 ? -6.591  8.446   0.146   1.00 23.07 ? 100 LEU A C   1 
ATOM   660  O  O   . LEU A 1 100 ? -7.385  9.203   0.646   1.00 23.77 ? 100 LEU A O   1 
ATOM   661  C  CB  . LEU A 1 100 ? -7.324  6.126   0.679   1.00 24.89 ? 100 LEU A CB  1 
ATOM   662  C  CG  . LEU A 1 100 ? -7.947  4.809   0.191   1.00 27.23 ? 100 LEU A CG  1 
ATOM   663  C  CD1 . LEU A 1 100 ? -7.717  3.722   1.218   1.00 29.45 ? 100 LEU A CD1 1 
ATOM   664  C  CD2 . LEU A 1 100 ? -9.410  5.011   -0.158  1.00 26.93 ? 100 LEU A CD2 1 
ATOM   665  N  N   . SER A 1 101 ? -5.287  8.708   0.100   1.00 21.65 ? 101 SER A N   1 
ATOM   666  C  CA  . SER A 1 101 ? -4.770  9.983   0.580   1.00 20.49 ? 101 SER A CA  1 
ATOM   667  C  C   . SER A 1 101 ? -4.847  11.078  -0.568  1.00 22.02 ? 101 SER A C   1 
ATOM   668  O  O   . SER A 1 101 ? -4.446  12.215  -0.371  1.00 20.79 ? 101 SER A O   1 
ATOM   669  C  CB  . SER A 1 101 ? -3.311  9.812   1.106   1.00 20.28 ? 101 SER A CB  1 
ATOM   670  O  OG  . SER A 1 101 ? -3.179  8.899   2.236   1.00 17.96 ? 101 SER A OG  1 
ATOM   671  N  N   . ILE A 1 102 ? -5.264  10.684  -1.777  1.00 24.16 ? 102 ILE A N   1 
ATOM   672  C  CA  . ILE A 1 102 ? -5.359  11.601  -2.911  1.00 25.33 ? 102 ILE A CA  1 
ATOM   673  C  C   . ILE A 1 102 ? -6.748  11.435  -3.506  1.00 22.89 ? 102 ILE A C   1 
ATOM   674  O  O   . ILE A 1 102 ? -6.848  10.953  -4.633  1.00 20.99 ? 102 ILE A O   1 
ATOM   675  C  CB  . ILE A 1 102 ? -4.228  11.359  -3.995  1.00 28.59 ? 102 ILE A CB  1 
ATOM   676  C  CG1 . ILE A 1 102 ? -2.808  11.403  -3.408  1.00 30.08 ? 102 ILE A CG1 1 
ATOM   677  C  CG2 . ILE A 1 102 ? -4.273  12.451  -5.068  1.00 30.16 ? 102 ILE A CG2 1 
ATOM   678  C  CD1 . ILE A 1 102 ? -1.708  10.741  -4.271  1.00 30.20 ? 102 ILE A CD1 1 
ATOM   679  N  N   . PRO A 1 103 ? -7.815  11.800  -2.756  1.00 22.95 ? 103 PRO A N   1 
ATOM   680  C  CA  . PRO A 1 103 ? -9.151  11.291  -3.190  1.00 25.24 ? 103 PRO A CA  1 
ATOM   681  C  C   . PRO A 1 103 ? -9.612  11.922  -4.491  1.00 24.75 ? 103 PRO A C   1 
ATOM   682  O  O   . PRO A 1 103 ? -9.286  13.074  -4.709  1.00 23.14 ? 103 PRO A O   1 
ATOM   683  C  CB  . PRO A 1 103 ? -10.103 11.640  -2.030  1.00 25.79 ? 103 PRO A CB  1 
ATOM   684  C  CG  . PRO A 1 103 ? -9.363  12.605  -1.183  1.00 26.82 ? 103 PRO A CG  1 
ATOM   685  C  CD  . PRO A 1 103 ? -7.887  12.346  -1.395  1.00 27.72 ? 103 PRO A CD  1 
ATOM   686  N  N   . GLY A 1 104 ? -10.300 11.122  -5.316  1.00 21.55 ? 104 GLY A N   1 
ATOM   687  C  CA  . GLY A 1 104 ? -10.832 11.501  -6.584  1.00 23.47 ? 104 GLY A CA  1 
ATOM   688  C  C   . GLY A 1 104 ? -9.893  11.334  -7.745  1.00 24.46 ? 104 GLY A C   1 
ATOM   689  O  O   . GLY A 1 104 ? -10.345 11.348  -8.903  1.00 28.71 ? 104 GLY A O   1 
ATOM   690  N  N   . LEU A 1 105 ? -8.595  11.154  -7.497  1.00 21.64 ? 105 LEU A N   1 
ATOM   691  C  CA  . LEU A 1 105 ? -7.649  11.117  -8.612  1.00 20.51 ? 105 LEU A CA  1 
ATOM   692  C  C   . LEU A 1 105 ? -7.192  9.712   -9.040  1.00 21.20 ? 105 LEU A C   1 
ATOM   693  O  O   . LEU A 1 105 ? -7.240  8.768   -8.245  1.00 21.32 ? 105 LEU A O   1 
ATOM   694  C  CB  . LEU A 1 105 ? -6.467  12.021  -8.307  1.00 21.15 ? 105 LEU A CB  1 
ATOM   695  C  CG  . LEU A 1 105 ? -6.793  13.506  -8.358  1.00 24.20 ? 105 LEU A CG  1 
ATOM   696  C  CD1 . LEU A 1 105 ? -5.660  14.321  -7.804  1.00 26.12 ? 105 LEU A CD1 1 
ATOM   697  C  CD2 . LEU A 1 105 ? -7.031  13.940  -9.784  1.00 27.23 ? 105 LEU A CD2 1 
ATOM   698  N  N   . ARG A 1 106 ? -6.751  9.568   -10.282 1.00 19.31 ? 106 ARG A N   1 
ATOM   699  C  CA  . ARG A 1 106 ? -6.009  8.387   -10.682 1.00 20.46 ? 106 ARG A CA  1 
ATOM   700  C  C   . ARG A 1 106 ? -4.994  8.644   -11.779 1.00 20.13 ? 106 ARG A C   1 
ATOM   701  O  O   . ARG A 1 106 ? -5.025  9.694   -12.392 1.00 18.84 ? 106 ARG A O   1 
ATOM   702  C  CB  . ARG A 1 106 ? -6.928  7.250   -11.027 1.00 24.83 ? 106 ARG A CB  1 
ATOM   703  C  CG  . ARG A 1 106 ? -8.172  7.618   -11.698 1.00 27.46 ? 106 ARG A CG  1 
ATOM   704  C  CD  . ARG A 1 106 ? -9.128  6.432   -11.905 1.00 32.73 ? 106 ARG A CD  1 
ATOM   705  N  NE  . ARG A 1 106 ? -9.072  6.059   -13.288 1.00 35.58 ? 106 ARG A NE  1 
ATOM   706  C  CZ  . ARG A 1 106 ? -9.936  6.308   -14.272 1.00 34.14 ? 106 ARG A CZ  1 
ATOM   707  N  NH1 . ARG A 1 106 ? -9.578  5.937   -15.478 1.00 37.66 ? 106 ARG A NH1 1 
ATOM   708  N  NH2 . ARG A 1 106 ? -11.119 6.849   -14.112 1.00 37.54 ? 106 ARG A NH2 1 
ATOM   709  N  N   . ALA A 1 107 ? -4.022  7.741   -11.937 1.00 16.50 ? 107 ALA A N   1 
ATOM   710  C  CA  . ALA A 1 107 ? -3.047  7.839   -12.991 1.00 16.53 ? 107 ALA A CA  1 
ATOM   711  C  C   . ALA A 1 107 ? -2.606  6.458   -13.396 1.00 17.41 ? 107 ALA A C   1 
ATOM   712  O  O   . ALA A 1 107 ? -2.835  5.463   -12.670 1.00 15.52 ? 107 ALA A O   1 
ATOM   713  C  CB  . ALA A 1 107 ? -1.865  8.682   -12.563 1.00 17.62 ? 107 ALA A CB  1 
ATOM   714  N  N   . VAL A 1 108 ? -1.977  6.394   -14.560 1.00 16.63 ? 108 VAL A N   1 
ATOM   715  C  CA  . VAL A 1 108 ? -1.334  5.190   -15.025 1.00 17.85 ? 108 VAL A CA  1 
ATOM   716  C  C   . VAL A 1 108 ? 0.093   5.164   -14.542 1.00 15.82 ? 108 VAL A C   1 
ATOM   717  O  O   . VAL A 1 108 ? 0.825   6.071   -14.810 1.00 18.91 ? 108 VAL A O   1 
ATOM   718  C  CB  . VAL A 1 108 ? -1.386  5.071   -16.569 1.00 18.65 ? 108 VAL A CB  1 
ATOM   719  C  CG1 . VAL A 1 108 ? -0.449  3.969   -17.050 1.00 20.24 ? 108 VAL A CG1 1 
ATOM   720  C  CG2 . VAL A 1 108 ? -2.781  4.779   -17.026 1.00 18.97 ? 108 VAL A CG2 1 
ATOM   721  N  N   . ILE A 1 109 ? 0.493   4.098   -13.860 1.00 15.14 ? 109 ILE A N   1 
ATOM   722  C  CA  . ILE A 1 109 ? 1.805   3.969   -13.256 1.00 16.38 ? 109 ILE A CA  1 
ATOM   723  C  C   . ILE A 1 109 ? 2.443   2.650   -13.688 1.00 17.23 ? 109 ILE A C   1 
ATOM   724  O  O   . ILE A 1 109 ? 1.788   1.596   -13.668 1.00 16.96 ? 109 ILE A O   1 
ATOM   725  C  CB  . ILE A 1 109 ? 1.636   3.883   -11.715 1.00 16.98 ? 109 ILE A CB  1 
ATOM   726  C  CG1 . ILE A 1 109 ? 0.842   5.076   -11.206 1.00 19.00 ? 109 ILE A CG1 1 
ATOM   727  C  CG2 . ILE A 1 109 ? 2.970   3.710   -11.025 1.00 17.33 ? 109 ILE A CG2 1 
ATOM   728  C  CD1 . ILE A 1 109 ? 1.607   6.375   -11.425 1.00 19.62 ? 109 ILE A CD1 1 
ATOM   729  N  N   . PRO A 1 110 ? 3.699   2.690   -14.084 1.00 19.41 ? 110 PRO A N   1 
ATOM   730  C  CA  . PRO A 1 110 ? 4.410   1.442   -14.361 1.00 19.29 ? 110 PRO A CA  1 
ATOM   731  C  C   . PRO A 1 110 ? 4.875   0.756   -13.064 1.00 18.74 ? 110 PRO A C   1 
ATOM   732  O  O   . PRO A 1 110 ? 5.417   1.410   -12.225 1.00 15.45 ? 110 PRO A O   1 
ATOM   733  C  CB  . PRO A 1 110 ? 5.638   1.896   -15.121 1.00 20.52 ? 110 PRO A CB  1 
ATOM   734  C  CG  . PRO A 1 110 ? 5.770   3.328   -14.857 1.00 20.07 ? 110 PRO A CG  1 
ATOM   735  C  CD  . PRO A 1 110 ? 4.506   3.885   -14.354 1.00 18.66 ? 110 PRO A CD  1 
ATOM   736  N  N   . ARG A 1 111 ? 4.717   -0.559  -12.951 1.00 16.94 ? 111 ARG A N   1 
ATOM   737  C  CA  . ARG A 1 111 ? 5.224   -1.301  -11.773 1.00 15.98 ? 111 ARG A CA  1 
ATOM   738  C  C   . ARG A 1 111 ? 5.822   -2.605  -12.317 1.00 17.57 ? 111 ARG A C   1 
ATOM   739  O  O   . ARG A 1 111 ? 5.510   -3.035  -13.436 1.00 16.27 ? 111 ARG A O   1 
ATOM   740  C  CB  . ARG A 1 111 ? 4.048   -1.650  -10.872 1.00 15.52 ? 111 ARG A CB  1 
ATOM   741  C  CG  . ARG A 1 111 ? 3.309   -0.507  -10.251 1.00 16.59 ? 111 ARG A CG  1 
ATOM   742  C  CD  . ARG A 1 111 ? 4.099   0.126   -9.148  1.00 15.90 ? 111 ARG A CD  1 
ATOM   743  N  NE  . ARG A 1 111 ? 3.233   1.079   -8.441  1.00 17.41 ? 111 ARG A NE  1 
ATOM   744  C  CZ  . ARG A 1 111 ? 3.656   1.889   -7.473  1.00 14.01 ? 111 ARG A CZ  1 
ATOM   745  N  NH1 . ARG A 1 111 ? 4.902   1.873   -7.123  1.00 15.77 ? 111 ARG A NH1 1 
ATOM   746  N  NH2 . ARG A 1 111 ? 2.828   2.743   -6.904  1.00 15.76 ? 111 ARG A NH2 1 
ATOM   747  N  N   . TYR A 1 112 ? 6.639   -3.249  -11.514 1.00 17.91 ? 112 TYR A N   1 
ATOM   748  C  CA  . TYR A 1 112 ? 7.061   -4.585  -11.857 1.00 18.25 ? 112 TYR A CA  1 
ATOM   749  C  C   . TYR A 1 112 ? 5.842   -5.473  -11.956 1.00 19.11 ? 112 TYR A C   1 
ATOM   750  O  O   . TYR A 1 112 ? 4.898   -5.409  -11.155 1.00 19.21 ? 112 TYR A O   1 
ATOM   751  C  CB  . TYR A 1 112 ? 8.050   -5.102  -10.867 1.00 18.45 ? 112 TYR A CB  1 
ATOM   752  C  CG  . TYR A 1 112 ? 9.359   -4.386  -10.803 1.00 20.69 ? 112 TYR A CG  1 
ATOM   753  C  CD1 . TYR A 1 112 ? 10.297  -4.532  -11.834 1.00 22.13 ? 112 TYR A CD1 1 
ATOM   754  C  CD2 . TYR A 1 112 ? 9.694   -3.586  -9.711  1.00 23.79 ? 112 TYR A CD2 1 
ATOM   755  C  CE1 . TYR A 1 112 ? 11.522  -3.884  -11.789 1.00 24.36 ? 112 TYR A CE1 1 
ATOM   756  C  CE2 . TYR A 1 112 ? 10.935  -2.949  -9.637  1.00 28.88 ? 112 TYR A CE2 1 
ATOM   757  C  CZ  . TYR A 1 112 ? 11.838  -3.109  -10.706 1.00 28.76 ? 112 TYR A CZ  1 
ATOM   758  O  OH  . TYR A 1 112 ? 13.063  -2.547  -10.694 1.00 33.63 ? 112 TYR A OH  1 
ATOM   759  N  N   . ARG A 1 113 ? 5.804   -6.254  -13.023 1.00 17.19 ? 113 ARG A N   1 
ATOM   760  C  CA  . ARG A 1 113 ? 4.778   -7.184  -13.173 1.00 19.32 ? 113 ARG A CA  1 
ATOM   761  C  C   . ARG A 1 113 ? 4.878   -8.356  -12.199 1.00 17.45 ? 113 ARG A C   1 
ATOM   762  O  O   . ARG A 1 113 ? 3.832   -8.941  -11.885 1.00 17.07 ? 113 ARG A O   1 
ATOM   763  C  CB  . ARG A 1 113 ? 4.812   -7.765  -14.567 1.00 23.18 ? 113 ARG A CB  1 
ATOM   764  C  CG  . ARG A 1 113 ? 3.530   -8.447  -14.915 1.00 30.97 ? 113 ARG A CG  1 
ATOM   765  C  CD  . ARG A 1 113 ? 3.661   -9.192  -16.198 1.00 39.10 ? 113 ARG A CD  1 
ATOM   766  N  NE  . ARG A 1 113 ? 2.339   -9.474  -16.759 1.00 54.02 ? 113 ARG A NE  1 
ATOM   767  C  CZ  . ARG A 1 113 ? 2.124   -10.260 -17.818 1.00 61.70 ? 113 ARG A CZ  1 
ATOM   768  N  NH1 . ARG A 1 113 ? 0.884   -10.415 -18.249 1.00 64.74 ? 113 ARG A NH1 1 
ATOM   769  N  NH2 . ARG A 1 113 ? 3.133   -10.906 -18.439 1.00 65.27 ? 113 ARG A NH2 1 
ATOM   770  N  N   . TYR A 1 114 ? 6.095   -8.753  -11.836 1.00 17.83 ? 114 TYR A N   1 
ATOM   771  C  CA  . TYR A 1 114 ? 6.371   -9.945  -11.022 1.00 19.33 ? 114 TYR A CA  1 
ATOM   772  C  C   . TYR A 1 114 ? 7.288   -9.638  -9.896  1.00 17.84 ? 114 TYR A C   1 
ATOM   773  O  O   . TYR A 1 114 ? 8.402   -9.119  -10.124 1.00 17.88 ? 114 TYR A O   1 
ATOM   774  C  CB  . TYR A 1 114 ? 7.043   -11.086 -11.813 1.00 23.12 ? 114 TYR A CB  1 
ATOM   775  C  CG  . TYR A 1 114 ? 6.240   -11.559 -12.998 1.00 30.38 ? 114 TYR A CG  1 
ATOM   776  C  CD1 . TYR A 1 114 ? 5.176   -12.450 -12.835 1.00 33.93 ? 114 TYR A CD1 1 
ATOM   777  C  CD2 . TYR A 1 114 ? 6.531   -11.113 -14.307 1.00 38.10 ? 114 TYR A CD2 1 
ATOM   778  C  CE1 . TYR A 1 114 ? 4.415   -12.854 -13.923 1.00 38.10 ? 114 TYR A CE1 1 
ATOM   779  C  CE2 . TYR A 1 114 ? 5.777   -11.543 -15.404 1.00 37.88 ? 114 TYR A CE2 1 
ATOM   780  C  CZ  . TYR A 1 114 ? 4.723   -12.397 -15.186 1.00 38.32 ? 114 TYR A CZ  1 
ATOM   781  O  OH  . TYR A 1 114 ? 3.957   -12.820 -16.214 1.00 47.18 ? 114 TYR A OH  1 
ATOM   782  N  N   . ILE A 1 115 ? 6.884   -10.005 -8.673  1.00 16.35 ? 115 ILE A N   1 
ATOM   783  C  CA  . ILE A 1 115 ? 7.695   -9.765  -7.505  1.00 15.32 ? 115 ILE A CA  1 
ATOM   784  C  C   . ILE A 1 115 ? 7.589   -10.914 -6.508  1.00 14.68 ? 115 ILE A C   1 
ATOM   785  O  O   . ILE A 1 115 ? 6.681   -11.740 -6.566  1.00 14.56 ? 115 ILE A O   1 
ATOM   786  C  CB  . ILE A 1 115 ? 7.316   -8.447  -6.756  1.00 16.50 ? 115 ILE A CB  1 
ATOM   787  C  CG1 . ILE A 1 115 ? 5.933   -8.559  -6.140  1.00 17.17 ? 115 ILE A CG1 1 
ATOM   788  C  CG2 . ILE A 1 115 ? 7.324   -7.202  -7.687  1.00 18.85 ? 115 ILE A CG2 1 
ATOM   789  C  CD1 . ILE A 1 115 ? 5.547   -7.430  -5.182  1.00 16.22 ? 115 ILE A CD1 1 
ATOM   790  N  N   . ARG A 1 116 ? 8.520   -10.904 -5.553  1.00 16.20 ? 116 ARG A N   1 
ATOM   791  C  CA  . ARG A 1 116 ? 8.390   -11.628 -4.321  1.00 16.56 ? 116 ARG A CA  1 
ATOM   792  C  C   . ARG A 1 116 ? 8.393   -10.615 -3.237  1.00 16.73 ? 116 ARG A C   1 
ATOM   793  O  O   . ARG A 1 116 ? 9.202   -9.661  -3.226  1.00 17.60 ? 116 ARG A O   1 
ATOM   794  C  CB  . ARG A 1 116 ? 9.576   -12.584 -4.043  1.00 18.73 ? 116 ARG A CB  1 
ATOM   795  C  CG  . ARG A 1 116 ? 9.467   -13.381 -2.724  1.00 19.89 ? 116 ARG A CG  1 
ATOM   796  C  CD  . ARG A 1 116 ? 10.625  -14.401 -2.542  1.00 19.06 ? 116 ARG A CD  1 
ATOM   797  N  NE  . ARG A 1 116 ? 10.699  -15.374 -3.646  1.00 18.23 ? 116 ARG A NE  1 
ATOM   798  C  CZ  . ARG A 1 116 ? 11.679  -15.416 -4.548  1.00 20.86 ? 116 ARG A CZ  1 
ATOM   799  N  NH1 . ARG A 1 116 ? 11.664  -16.326 -5.514  1.00 25.52 ? 116 ARG A NH1 1 
ATOM   800  N  NH2 . ARG A 1 116 ? 12.694  -14.591 -4.500  1.00 20.00 ? 116 ARG A NH2 1 
ATOM   801  N  N   . TYR A 1 117 ? 7.486   -10.822 -2.302  1.00 16.58 ? 117 TYR A N   1 
ATOM   802  C  CA  . TYR A 1 117 ? 7.498   -10.075 -1.071  1.00 15.17 ? 117 TYR A CA  1 
ATOM   803  C  C   . TYR A 1 117 ? 7.563   -10.987 0.155   1.00 15.39 ? 117 TYR A C   1 
ATOM   804  O  O   . TYR A 1 117 ? 7.067   -12.085 0.108   1.00 14.17 ? 117 TYR A O   1 
ATOM   805  C  CB  . TYR A 1 117 ? 6.324   -9.147  -1.040  1.00 14.46 ? 117 TYR A CB  1 
ATOM   806  C  CG  . TYR A 1 117 ? 4.939   -9.727  -0.995  1.00 14.32 ? 117 TYR A CG  1 
ATOM   807  C  CD1 . TYR A 1 117 ? 4.304   -10.066 0.253   1.00 15.92 ? 117 TYR A CD1 1 
ATOM   808  C  CD2 . TYR A 1 117 ? 4.223   -9.892  -2.128  1.00 13.41 ? 117 TYR A CD2 1 
ATOM   809  C  CE1 . TYR A 1 117 ? 3.000   -10.535 0.305   1.00 15.48 ? 117 TYR A CE1 1 
ATOM   810  C  CE2 . TYR A 1 117 ? 2.902   -10.364 -2.094  1.00 14.93 ? 117 TYR A CE2 1 
ATOM   811  C  CZ  . TYR A 1 117 ? 2.283   -10.655 -0.860  1.00 16.18 ? 117 TYR A CZ  1 
ATOM   812  O  OH  . TYR A 1 117 ? 0.995   -11.074 -0.853  1.00 14.66 ? 117 TYR A OH  1 
ATOM   813  N  N   . ARG A 1 118 ? 8.213   -10.478 1.201   1.00 16.83 ? 118 ARG A N   1 
ATOM   814  C  CA  . ARG A 1 118 ? 8.433   -11.123 2.462   1.00 19.08 ? 118 ARG A CA  1 
ATOM   815  C  C   . ARG A 1 118 ? 8.228   -10.149 3.588   1.00 18.15 ? 118 ARG A C   1 
ATOM   816  O  O   . ARG A 1 118 ? 8.451   -8.924  3.479   1.00 17.40 ? 118 ARG A O   1 
ATOM   817  C  CB  . ARG A 1 118 ? 9.909   -11.544 2.680   1.00 22.88 ? 118 ARG A CB  1 
ATOM   818  C  CG  . ARG A 1 118 ? 10.502  -12.563 1.764   1.00 29.04 ? 118 ARG A CG  1 
ATOM   819  C  CD  . ARG A 1 118 ? 11.983  -12.781 2.148   1.00 33.88 ? 118 ARG A CD  1 
ATOM   820  N  NE  . ARG A 1 118 ? 12.787  -13.174 0.995   1.00 42.03 ? 118 ARG A NE  1 
ATOM   821  C  CZ  . ARG A 1 118 ? 12.942  -14.416 0.506   1.00 52.79 ? 118 ARG A CZ  1 
ATOM   822  N  NH1 . ARG A 1 118 ? 12.358  -15.486 1.070   1.00 50.03 ? 118 ARG A NH1 1 
ATOM   823  N  NH2 . ARG A 1 118 ? 13.714  -14.588 -0.587  1.00 55.89 ? 118 ARG A NH2 1 
ATOM   824  N  N   . GLY A 1 119 ? 7.855   -10.729 4.702   1.00 16.80 ? 119 GLY A N   1 
ATOM   825  C  CA  . GLY A 1 119 ? 7.808   -10.051 5.965   1.00 15.98 ? 119 GLY A CA  1 
ATOM   826  C  C   . GLY A 1 119 ? 7.109   -11.008 6.920   1.00 15.49 ? 119 GLY A C   1 
ATOM   827  O  O   . GLY A 1 119 ? 7.364   -12.203 6.896   1.00 14.15 ? 119 GLY A O   1 
ATOM   828  N  N   . PHE A 1 120 ? 6.247   -10.458 7.749   1.00 15.07 ? 120 PHE A N   1 
ATOM   829  C  CA  . PHE A 1 120 ? 5.636   -11.168 8.838   1.00 15.04 ? 120 PHE A CA  1 
ATOM   830  C  C   . PHE A 1 120 ? 4.167   -10.832 8.974   1.00 14.00 ? 120 PHE A C   1 
ATOM   831  O  O   . PHE A 1 120 ? 3.749   -9.699  8.780   1.00 13.73 ? 120 PHE A O   1 
ATOM   832  C  CB  . PHE A 1 120 ? 6.357   -10.797 10.145  1.00 16.85 ? 120 PHE A CB  1 
ATOM   833  C  CG  . PHE A 1 120 ? 7.799   -11.244 10.138  1.00 19.05 ? 120 PHE A CG  1 
ATOM   834  C  CD1 . PHE A 1 120 ? 8.133   -12.558 10.476  1.00 19.63 ? 120 PHE A CD1 1 
ATOM   835  C  CD2 . PHE A 1 120 ? 8.814   -10.378 9.673   1.00 22.54 ? 120 PHE A CD2 1 
ATOM   836  C  CE1 . PHE A 1 120 ? 9.485   -12.978 10.439  1.00 22.13 ? 120 PHE A CE1 1 
ATOM   837  C  CE2 . PHE A 1 120 ? 10.142  -10.835 9.547   1.00 24.36 ? 120 PHE A CE2 1 
ATOM   838  C  CZ  . PHE A 1 120 ? 10.472  -12.125 9.967   1.00 21.76 ? 120 PHE A CZ  1 
ATOM   839  N  N   . ALA A 1 121 ? 3.382   -11.834 9.323   1.00 14.21 ? 121 ALA A N   1 
ATOM   840  C  CA  . ALA A 1 121 ? 2.003   -11.648 9.707   1.00 14.37 ? 121 ALA A CA  1 
ATOM   841  C  C   . ALA A 1 121 ? 1.997   -11.111 11.131  1.00 15.20 ? 121 ALA A C   1 
ATOM   842  O  O   . ALA A 1 121 ? 2.996   -11.113 11.797  1.00 15.42 ? 121 ALA A O   1 
ATOM   843  C  CB  . ALA A 1 121 ? 1.228   -12.956 9.596   1.00 14.80 ? 121 ALA A CB  1 
ATOM   844  N  N   . PRO A 1 122 ? 0.881   -10.555 11.576  1.00 15.63 ? 122 PRO A N   1 
ATOM   845  C  CA  . PRO A 1 122 ? 0.939   -9.867  12.862  1.00 16.54 ? 122 PRO A CA  1 
ATOM   846  C  C   . PRO A 1 122 ? 1.157   -10.777 14.046  1.00 18.14 ? 122 PRO A C   1 
ATOM   847  O  O   . PRO A 1 122 ? 1.526   -10.289 15.093  1.00 17.03 ? 122 PRO A O   1 
ATOM   848  C  CB  . PRO A 1 122 ? -0.434  -9.291  13.004  1.00 17.35 ? 122 PRO A CB  1 
ATOM   849  C  CG  . PRO A 1 122 ? -0.906  -9.081  11.569  1.00 17.12 ? 122 PRO A CG  1 
ATOM   850  C  CD  . PRO A 1 122 ? -0.346  -10.229 10.823  1.00 17.27 ? 122 PRO A CD  1 
ATOM   851  N  N   . ASP A 1 123 ? 0.865   -12.064 13.892  1.00 18.85 ? 123 ASP A N   1 
ATOM   852  C  CA  . ASP A 1 123 ? 1.200   -13.050 14.915  1.00 20.52 ? 123 ASP A CA  1 
ATOM   853  C  C   . ASP A 1 123 ? 2.674   -13.448 14.946  1.00 20.39 ? 123 ASP A C   1 
ATOM   854  O  O   . ASP A 1 123 ? 3.054   -14.209 15.789  1.00 21.30 ? 123 ASP A O   1 
ATOM   855  C  CB  . ASP A 1 123 ? 0.293   -14.266 14.781  1.00 22.25 ? 123 ASP A CB  1 
ATOM   856  C  CG  . ASP A 1 123 ? 0.657   -15.183 13.583  1.00 26.91 ? 123 ASP A CG  1 
ATOM   857  O  OD1 . ASP A 1 123 ? 1.570   -14.925 12.755  1.00 27.39 ? 123 ASP A OD1 1 
ATOM   858  O  OD2 . ASP A 1 123 ? -0.024  -16.221 13.483  1.00 30.09 ? 123 ASP A OD2 1 
ATOM   859  N  N   . GLY A 1 124 ? 3.509   -12.967 14.025  1.00 18.92 ? 124 GLY A N   1 
ATOM   860  C  CA  . GLY A 1 124 ? 4.940   -13.346 14.014  1.00 20.64 ? 124 GLY A CA  1 
ATOM   861  C  C   . GLY A 1 124 ? 5.354   -14.386 13.020  1.00 18.29 ? 124 GLY A C   1 
ATOM   862  O  O   . GLY A 1 124 ? 6.503   -14.508 12.743  1.00 21.88 ? 124 GLY A O   1 
ATOM   863  N  N   . SER A 1 125 ? 4.421   -15.081 12.411  1.00 18.76 ? 125 SER A N   1 
ATOM   864  C  CA  . SER A 1 125 ? 4.776   -16.045 11.420  1.00 21.78 ? 125 SER A CA  1 
ATOM   865  C  C   . SER A 1 125 ? 5.215   -15.371 10.109  1.00 22.84 ? 125 SER A C   1 
ATOM   866  O  O   . SER A 1 125 ? 4.654   -14.356 9.692   1.00 18.86 ? 125 SER A O   1 
ATOM   867  C  CB  . SER A 1 125 ? 3.627   -17.022 11.105  1.00 22.70 ? 125 SER A CB  1 
ATOM   868  O  OG  . SER A 1 125 ? 2.425   -16.332 10.856  1.00 25.89 ? 125 SER A OG  1 
ATOM   869  N  N   . PRO A 1 126 ? 6.226   -15.942 9.490   1.00 23.64 ? 126 PRO A N   1 
ATOM   870  C  CA  . PRO A 1 126 ? 6.748   -15.368 8.246   1.00 23.88 ? 126 PRO A CA  1 
ATOM   871  C  C   . PRO A 1 126 ? 5.771   -15.478 7.098   1.00 22.02 ? 126 PRO A C   1 
ATOM   872  O  O   . PRO A 1 126 ? 4.999   -16.418 7.052   1.00 18.95 ? 126 PRO A O   1 
ATOM   873  C  CB  . PRO A 1 126 ? 7.999   -16.224 7.965   1.00 26.30 ? 126 PRO A CB  1 
ATOM   874  C  CG  . PRO A 1 126 ? 7.731   -17.530 8.668   1.00 28.49 ? 126 PRO A CG  1 
ATOM   875  C  CD  . PRO A 1 126 ? 6.936   -17.189 9.891   1.00 24.60 ? 126 PRO A CD  1 
ATOM   876  N  N   . ILE A 1 127 ? 5.846   -14.510 6.174   1.00 18.48 ? 127 ILE A N   1 
ATOM   877  C  CA  . ILE A 1 127 ? 5.102   -14.540 4.942   1.00 17.93 ? 127 ILE A CA  1 
ATOM   878  C  C   . ILE A 1 127 ? 6.098   -14.427 3.815   1.00 17.91 ? 127 ILE A C   1 
ATOM   879  O  O   . ILE A 1 127 ? 6.979   -13.574 3.858   1.00 16.28 ? 127 ILE A O   1 
ATOM   880  C  CB  . ILE A 1 127 ? 4.141   -13.307 4.883   1.00 20.03 ? 127 ILE A CB  1 
ATOM   881  C  CG1 . ILE A 1 127 ? 3.058   -13.504 5.943   1.00 20.59 ? 127 ILE A CG1 1 
ATOM   882  C  CG2 . ILE A 1 127 ? 3.526   -13.139 3.472   1.00 20.76 ? 127 ILE A CG2 1 
ATOM   883  C  CD1 . ILE A 1 127 ? 1.979   -12.436 6.018   1.00 22.27 ? 127 ILE A CD1 1 
ATOM   884  N  N   . GLU A 1 128 ? 5.933   -15.232 2.765   1.00 18.49 ? 128 GLU A N   1 
ATOM   885  C  CA  . GLU A 1 128 ? 6.751   -15.042 1.564   1.00 19.91 ? 128 GLU A CA  1 
ATOM   886  C  C   . GLU A 1 128 ? 5.998   -15.542 0.395   1.00 17.86 ? 128 GLU A C   1 
ATOM   887  O  O   . GLU A 1 128 ? 5.535   -16.670 0.402   1.00 17.37 ? 128 GLU A O   1 
ATOM   888  C  CB  . GLU A 1 128 ? 8.230   -15.481 1.647   1.00 25.29 ? 128 GLU A CB  1 
ATOM   889  C  CG  . GLU A 1 128 ? 8.579   -16.924 1.477   1.00 30.98 ? 128 GLU A CG  1 
ATOM   890  C  CD  . GLU A 1 128 ? 8.424   -17.473 0.057   1.00 30.19 ? 128 GLU A CD  1 
ATOM   891  O  OE1 . GLU A 1 128 ? 8.475   -16.742 -0.961  1.00 30.85 ? 128 GLU A OE1 1 
ATOM   892  O  OE2 . GLU A 1 128 ? 8.161   -18.682 -0.026  1.00 28.33 ? 128 GLU A OE2 1 
ATOM   893  N  N   . ARG A 1 129 ? 5.725   -14.637 -0.548  1.00 15.63 ? 129 ARG A N   1 
ATOM   894  C  CA  . ARG A 1 129 ? 4.901   -14.937 -1.693  1.00 16.47 ? 129 ARG A CA  1 
ATOM   895  C  C   . ARG A 1 129 ? 5.473   -14.394 -2.950  1.00 16.58 ? 129 ARG A C   1 
ATOM   896  O  O   . ARG A 1 129 ? 6.031   -13.312 -2.946  1.00 15.59 ? 129 ARG A O   1 
ATOM   897  C  CB  . ARG A 1 129 ? 3.539   -14.325 -1.539  1.00 19.11 ? 129 ARG A CB  1 
ATOM   898  C  CG  . ARG A 1 129 ? 2.806   -14.883 -0.320  1.00 19.20 ? 129 ARG A CG  1 
ATOM   899  C  CD  . ARG A 1 129 ? 1.494   -14.204 -0.253  1.00 21.24 ? 129 ARG A CD  1 
ATOM   900  N  NE  . ARG A 1 129 ? 0.681   -14.605 0.899   1.00 20.15 ? 129 ARG A NE  1 
ATOM   901  C  CZ  . ARG A 1 129 ? -0.349  -13.887 1.357   1.00 23.91 ? 129 ARG A CZ  1 
ATOM   902  N  NH1 . ARG A 1 129 ? -0.682  -12.686 0.869   1.00 21.34 ? 129 ARG A NH1 1 
ATOM   903  N  NH2 . ARG A 1 129 ? -1.012  -14.325 2.396   1.00 25.23 ? 129 ARG A NH2 1 
ATOM   904  N  N   . GLU A 1 130 ? 5.232   -15.116 -4.033  1.00 17.40 ? 130 GLU A N   1 
ATOM   905  C  CA  . GLU A 1 130 ? 5.398   -14.556 -5.374  1.00 18.07 ? 130 GLU A CA  1 
ATOM   906  C  C   . GLU A 1 130 ? 4.078   -13.916 -5.750  1.00 19.31 ? 130 GLU A C   1 
ATOM   907  O  O   . GLU A 1 130 ? 3.034   -14.423 -5.362  1.00 21.57 ? 130 GLU A O   1 
ATOM   908  C  CB  . GLU A 1 130 ? 5.816   -15.593 -6.416  1.00 18.16 ? 130 GLU A CB  1 
ATOM   909  C  CG  . GLU A 1 130 ? 7.258   -16.013 -6.168  1.00 20.28 ? 130 GLU A CG  1 
ATOM   910  C  CD  . GLU A 1 130 ? 7.431   -17.019 -5.011  1.00 20.40 ? 130 GLU A CD  1 
ATOM   911  O  OE1 . GLU A 1 130 ? 8.418   -16.870 -4.240  1.00 22.47 ? 130 GLU A OE1 1 
ATOM   912  O  OE2 . GLU A 1 130 ? 6.632   -17.955 -4.908  1.00 20.67 ? 130 GLU A OE2 1 
ATOM   913  N  N   . ALA A 1 131 ? 4.123   -12.750 -6.403  1.00 17.29 ? 131 ALA A N   1 
ATOM   914  C  CA  . ALA A 1 131 ? 2.920   -12.181 -6.909  1.00 16.87 ? 131 ALA A CA  1 
ATOM   915  C  C   . ALA A 1 131 ? 3.146   -11.561 -8.293  1.00 16.77 ? 131 ALA A C   1 
ATOM   916  O  O   . ALA A 1 131 ? 4.219   -11.113 -8.633  1.00 15.02 ? 131 ALA A O   1 
ATOM   917  C  CB  . ALA A 1 131 ? 2.359   -11.161 -5.921  1.00 17.64 ? 131 ALA A CB  1 
ATOM   918  N  N   . GLU A 1 132 ? 2.073   -11.489 -9.025  1.00 17.32 ? 132 GLU A N   1 
ATOM   919  C  CA  . GLU A 1 132 ? 2.068   -10.872 -10.313 1.00 20.38 ? 132 GLU A CA  1 
ATOM   920  C  C   . GLU A 1 132 ? 0.817   -9.927  -10.510 1.00 17.67 ? 132 GLU A C   1 
ATOM   921  O  O   . GLU A 1 132 ? -0.166  -10.024 -9.814  1.00 17.24 ? 132 GLU A O   1 
ATOM   922  C  CB  . GLU A 1 132 ? 2.080   -11.981 -11.343 1.00 22.22 ? 132 GLU A CB  1 
ATOM   923  C  CG  . GLU A 1 132 ? 0.743   -12.591 -11.652 1.00 30.59 ? 132 GLU A CG  1 
ATOM   924  C  CD  . GLU A 1 132 ? 0.912   -13.874 -12.512 1.00 33.72 ? 132 GLU A CD  1 
ATOM   925  O  OE1 . GLU A 1 132 ? 1.346   -13.826 -13.685 1.00 42.32 ? 132 GLU A OE1 1 
ATOM   926  O  OE2 . GLU A 1 132 ? 0.619   -14.958 -11.978 1.00 43.36 ? 132 GLU A OE2 1 
ATOM   927  N  N   . GLY A 1 133 ? 0.915   -9.054  -11.486 1.00 17.10 ? 133 GLY A N   1 
ATOM   928  C  CA  . GLY A 1 133 ? -0.193  -8.234  -11.907 1.00 15.91 ? 133 GLY A CA  1 
ATOM   929  C  C   . GLY A 1 133 ? -0.671  -7.318  -10.790 1.00 15.68 ? 133 GLY A C   1 
ATOM   930  O  O   . GLY A 1 133 ? 0.127   -6.680  -10.114 1.00 14.32 ? 133 GLY A O   1 
ATOM   931  N  N   . PHE A 1 134 ? -1.998  -7.298  -10.618 1.00 15.50 ? 134 PHE A N   1 
ATOM   932  C  CA  . PHE A 1 134 ? -2.655  -6.420  -9.719  1.00 16.17 ? 134 PHE A CA  1 
ATOM   933  C  C   . PHE A 1 134 ? -2.207  -6.652  -8.253  1.00 15.69 ? 134 PHE A C   1 
ATOM   934  O  O   . PHE A 1 134 ? -1.921  -5.674  -7.503  1.00 13.66 ? 134 PHE A O   1 
ATOM   935  C  CB  . PHE A 1 134 ? -4.156  -6.534  -9.825  1.00 18.03 ? 134 PHE A CB  1 
ATOM   936  C  CG  . PHE A 1 134 ? -4.854  -5.432  -9.092  1.00 20.63 ? 134 PHE A CG  1 
ATOM   937  C  CD1 . PHE A 1 134 ? -4.676  -4.105  -9.491  1.00 21.89 ? 134 PHE A CD1 1 
ATOM   938  C  CD2 . PHE A 1 134 ? -5.627  -5.694  -7.968  1.00 24.51 ? 134 PHE A CD2 1 
ATOM   939  C  CE1 . PHE A 1 134 ? -5.359  -3.067  -8.842  1.00 24.42 ? 134 PHE A CE1 1 
ATOM   940  C  CE2 . PHE A 1 134 ? -6.257  -4.664  -7.278  1.00 24.13 ? 134 PHE A CE2 1 
ATOM   941  C  CZ  . PHE A 1 134 ? -6.132  -3.349  -7.708  1.00 24.38 ? 134 PHE A CZ  1 
ATOM   942  N  N   . HIS A 1 135 ? -2.128  -7.929  -7.872  1.00 15.03 ? 135 HIS A N   1 
ATOM   943  C  CA  . HIS A 1 135 ? -1.566  -8.310  -6.578  1.00 16.94 ? 135 HIS A CA  1 
ATOM   944  C  C   . HIS A 1 135 ? -0.208  -7.636  -6.321  1.00 15.97 ? 135 HIS A C   1 
ATOM   945  O  O   . HIS A 1 135 ? 0.019   -6.956  -5.275  1.00 16.15 ? 135 HIS A O   1 
ATOM   946  C  CB  . HIS A 1 135 ? -1.501  -9.841  -6.510  1.00 19.05 ? 135 HIS A CB  1 
ATOM   947  C  CG  . HIS A 1 135 ? -1.154  -10.410 -5.175  1.00 18.24 ? 135 HIS A CG  1 
ATOM   948  N  ND1 . HIS A 1 135 ? -1.151  -11.777 -4.962  1.00 21.32 ? 135 HIS A ND1 1 
ATOM   949  C  CD2 . HIS A 1 135 ? -0.725  -9.842  -4.018  1.00 17.96 ? 135 HIS A CD2 1 
ATOM   950  C  CE1 . HIS A 1 135 ? -0.743  -12.022 -3.721  1.00 20.58 ? 135 HIS A CE1 1 
ATOM   951  N  NE2 . HIS A 1 135 ? -0.506  -10.863 -3.118  1.00 19.26 ? 135 HIS A NE2 1 
ATOM   952  N  N   . ALA A 1 136 ? 0.714   -7.829  -7.248  1.00 15.91 ? 136 ALA A N   1 
ATOM   953  C  CA  . ALA A 1 136 ? 2.025   -7.253  -7.143  1.00 15.22 ? 136 ALA A CA  1 
ATOM   954  C  C   . ALA A 1 136 ? 1.983   -5.719  -7.091  1.00 15.42 ? 136 ALA A C   1 
ATOM   955  O  O   . ALA A 1 136 ? 2.730   -5.097  -6.378  1.00 12.82 ? 136 ALA A O   1 
ATOM   956  C  CB  . ALA A 1 136 ? 2.869   -7.694  -8.310  1.00 15.95 ? 136 ALA A CB  1 
ATOM   957  N  N   . ARG A 1 137 ? 1.089   -5.130  -7.868  1.00 15.12 ? 137 ARG A N   1 
ATOM   958  C  CA  . ARG A 1 137 ? 0.960   -3.662  -7.946  1.00 14.54 ? 137 ARG A CA  1 
ATOM   959  C  C   . ARG A 1 137 ? 0.543   -3.036  -6.616  1.00 13.31 ? 137 ARG A C   1 
ATOM   960  O  O   . ARG A 1 137 ? 1.113   -2.097  -6.152  1.00 14.06 ? 137 ARG A O   1 
ATOM   961  C  CB  . ARG A 1 137 ? -0.140  -3.335  -9.011  1.00 15.40 ? 137 ARG A CB  1 
ATOM   962  C  CG  . ARG A 1 137 ? -0.472  -1.850  -9.126  1.00 17.16 ? 137 ARG A CG  1 
ATOM   963  C  CD  . ARG A 1 137 ? -1.422  -1.611  -10.296 1.00 16.52 ? 137 ARG A CD  1 
ATOM   964  N  NE  . ARG A 1 137 ? -0.786  -1.963  -11.544 1.00 17.06 ? 137 ARG A NE  1 
ATOM   965  C  CZ  . ARG A 1 137 ? 0.108   -1.225  -12.217 1.00 16.55 ? 137 ARG A CZ  1 
ATOM   966  N  NH1 . ARG A 1 137 ? 0.504   -0.037  -11.778 1.00 18.20 ? 137 ARG A NH1 1 
ATOM   967  N  NH2 . ARG A 1 137 ? 0.629   -1.712  -13.349 1.00 18.00 ? 137 ARG A NH2 1 
ATOM   968  N  N   . VAL A 1 138 ? -0.460  -3.633  -5.995  1.00 12.92 ? 138 VAL A N   1 
ATOM   969  C  CA  . VAL A 1 138 ? -0.920  -3.195  -4.711  1.00 14.42 ? 138 VAL A CA  1 
ATOM   970  C  C   . VAL A 1 138 ? 0.166   -3.238  -3.714  1.00 12.19 ? 138 VAL A C   1 
ATOM   971  O  O   . VAL A 1 138 ? 0.376   -2.232  -3.013  1.00 14.26 ? 138 VAL A O   1 
ATOM   972  C  CB  . VAL A 1 138 ? -2.173  -3.971  -4.209  1.00 15.29 ? 138 VAL A CB  1 
ATOM   973  C  CG1 . VAL A 1 138 ? -2.536  -3.541  -2.775  1.00 16.28 ? 138 VAL A CG1 1 
ATOM   974  C  CG2 . VAL A 1 138 ? -3.340  -3.628  -5.065  1.00 16.44 ? 138 VAL A CG2 1 
ATOM   975  N  N   . VAL A 1 139 ? 0.927   -4.332  -3.677  1.00 12.66 ? 139 VAL A N   1 
ATOM   976  C  CA  . VAL A 1 139 ? 2.015   -4.449  -2.700  1.00 13.33 ? 139 VAL A CA  1 
ATOM   977  C  C   . VAL A 1 139 ? 3.120   -3.418  -2.926  1.00 12.40 ? 139 VAL A C   1 
ATOM   978  O  O   . VAL A 1 139 ? 3.636   -2.771  -1.962  1.00 12.28 ? 139 VAL A O   1 
ATOM   979  C  CB  . VAL A 1 139 ? 2.514   -5.903  -2.657  1.00 14.59 ? 139 VAL A CB  1 
ATOM   980  C  CG1 . VAL A 1 139 ? 3.780   -6.005  -1.846  1.00 15.29 ? 139 VAL A CG1 1 
ATOM   981  C  CG2 . VAL A 1 139 ? 1.384   -6.827  -2.160  1.00 14.17 ? 139 VAL A CG2 1 
ATOM   982  N  N   . GLN A 1 140 ? 3.446   -3.177  -4.203  1.00 12.48 ? 140 GLN A N   1 
ATOM   983  C  CA  . GLN A 1 140 ? 4.432   -2.145  -4.521  1.00 12.79 ? 140 GLN A CA  1 
ATOM   984  C  C   . GLN A 1 140 ? 3.971   -0.748  -4.109  1.00 12.02 ? 140 GLN A C   1 
ATOM   985  O  O   . GLN A 1 140 ? 4.742   0.011   -3.600  1.00 12.60 ? 140 GLN A O   1 
ATOM   986  C  CB  . GLN A 1 140 ? 4.856   -2.130  -5.973  1.00 13.31 ? 140 GLN A CB  1 
ATOM   987  C  CG  . GLN A 1 140 ? 5.597   -3.403  -6.407  1.00 14.15 ? 140 GLN A CG  1 
ATOM   988  C  CD  . GLN A 1 140 ? 5.700   -3.537  -7.931  1.00 14.34 ? 140 GLN A CD  1 
ATOM   989  O  OE1 . GLN A 1 140 ? 6.547   -2.847  -8.559  1.00 15.61 ? 140 GLN A OE1 1 
ATOM   990  N  NE2 . GLN A 1 140 ? 4.885   -4.425  -8.532  1.00 12.98 ? 140 GLN A NE2 1 
ATOM   991  N  N   . HIS A 1 141 ? 2.708   -0.468  -4.311  1.00 13.55 ? 141 HIS A N   1 
ATOM   992  C  CA  . HIS A 1 141 ? 2.088   0.822   -3.996  1.00 13.98 ? 141 HIS A CA  1 
ATOM   993  C  C   . HIS A 1 141 ? 2.145   1.070   -2.489  1.00 14.32 ? 141 HIS A C   1 
ATOM   994  O  O   . HIS A 1 141 ? 2.619   2.103   -2.046  1.00 12.40 ? 141 HIS A O   1 
ATOM   995  C  CB  . HIS A 1 141 ? 0.669   0.817   -4.468  1.00 15.96 ? 141 HIS A CB  1 
ATOM   996  C  CG  . HIS A 1 141 ? -0.080  2.058   -4.145  1.00 17.88 ? 141 HIS A CG  1 
ATOM   997  N  ND1 . HIS A 1 141 ? -0.441  2.974   -5.110  1.00 17.98 ? 141 HIS A ND1 1 
ATOM   998  C  CD2 . HIS A 1 141 ? -0.605  2.504   -2.969  1.00 17.40 ? 141 HIS A CD2 1 
ATOM   999  C  CE1 . HIS A 1 141 ? -1.108  3.959   -4.528  1.00 20.73 ? 141 HIS A CE1 1 
ATOM   1000 N  NE2 . HIS A 1 141 ? -1.208  3.696   -3.239  1.00 17.08 ? 141 HIS A NE2 1 
ATOM   1001 N  N   . GLU A 1 142 ? 1.723   0.069   -1.717  1.00 13.46 ? 142 GLU A N   1 
ATOM   1002 C  CA  . GLU A 1 142 ? 1.798   0.217   -0.266  1.00 14.36 ? 142 GLU A CA  1 
ATOM   1003 C  C   . GLU A 1 142 ? 3.195   0.309   0.277   1.00 12.66 ? 142 GLU A C   1 
ATOM   1004 O  O   . GLU A 1 142 ? 3.465   1.045   1.230   1.00 12.71 ? 142 GLU A O   1 
ATOM   1005 C  CB  . GLU A 1 142 ? 1.054   -0.933  0.409   1.00 15.20 ? 142 GLU A CB  1 
ATOM   1006 C  CG  . GLU A 1 142 ? -0.446  -1.011  0.143   1.00 16.58 ? 142 GLU A CG  1 
ATOM   1007 C  CD  . GLU A 1 142 ? -1.202  0.313   0.112   1.00 17.65 ? 142 GLU A CD  1 
ATOM   1008 O  OE1 . GLU A 1 142 ? -0.958  1.243   0.901   1.00 20.31 ? 142 GLU A OE1 1 
ATOM   1009 O  OE2 . GLU A 1 142 ? -2.135  0.434   -0.703  1.00 19.55 ? 142 GLU A OE2 1 
ATOM   1010 N  N   . TYR A 1 143 ? 4.062   -0.516  -0.254  1.00 14.22 ? 143 TYR A N   1 
ATOM   1011 C  CA  . TYR A 1 143 ? 5.464   -0.468  0.112   1.00 14.96 ? 143 TYR A CA  1 
ATOM   1012 C  C   . TYR A 1 143 ? 6.007   0.954   -0.058  1.00 14.43 ? 143 TYR A C   1 
ATOM   1013 O  O   . TYR A 1 143 ? 6.683   1.475   0.832   1.00 12.08 ? 143 TYR A O   1 
ATOM   1014 C  CB  . TYR A 1 143 ? 6.290   -1.511  -0.673  1.00 16.85 ? 143 TYR A CB  1 
ATOM   1015 C  CG  . TYR A 1 143 ? 7.772   -1.421  -0.350  1.00 20.17 ? 143 TYR A CG  1 
ATOM   1016 C  CD1 . TYR A 1 143 ? 8.276   -1.964  0.863   1.00 21.62 ? 143 TYR A CD1 1 
ATOM   1017 C  CD2 . TYR A 1 143 ? 8.660   -0.707  -1.183  1.00 21.03 ? 143 TYR A CD2 1 
ATOM   1018 C  CE1 . TYR A 1 143 ? 9.628   -1.815  1.212   1.00 24.01 ? 143 TYR A CE1 1 
ATOM   1019 C  CE2 . TYR A 1 143 ? 10.006  -0.572  -0.863  1.00 22.56 ? 143 TYR A CE2 1 
ATOM   1020 C  CZ  . TYR A 1 143 ? 10.484  -1.145  0.329   1.00 26.90 ? 143 TYR A CZ  1 
ATOM   1021 O  OH  . TYR A 1 143 ? 11.780  -1.047  0.673   1.00 33.06 ? 143 TYR A OH  1 
ATOM   1022 N  N   . ASP A 1 144 ? 5.718   1.597   -1.182  1.00 15.13 ? 144 ASP A N   1 
ATOM   1023 C  CA  . ASP A 1 144 ? 6.119   3.005   -1.402  1.00 14.18 ? 144 ASP A CA  1 
ATOM   1024 C  C   . ASP A 1 144 ? 5.776   3.949   -0.277  1.00 14.43 ? 144 ASP A C   1 
ATOM   1025 O  O   . ASP A 1 144 ? 6.581   4.800   0.085   1.00 13.36 ? 144 ASP A O   1 
ATOM   1026 C  CB  . ASP A 1 144 ? 5.503   3.533   -2.719  1.00 15.31 ? 144 ASP A CB  1 
ATOM   1027 C  CG  . ASP A 1 144 ? 6.371   3.285   -3.943  1.00 17.46 ? 144 ASP A CG  1 
ATOM   1028 O  OD1 . ASP A 1 144 ? 7.524   2.861   -3.784  1.00 18.69 ? 144 ASP A OD1 1 
ATOM   1029 O  OD2 . ASP A 1 144 ? 5.925   3.571   -5.097  1.00 20.70 ? 144 ASP A OD2 1 
ATOM   1030 N  N   . HIS A 1 145 ? 4.584   3.767   0.319   1.00 13.83 ? 145 HIS A N   1 
ATOM   1031 C  CA  . HIS A 1 145 ? 4.217   4.549   1.493   1.00 13.20 ? 145 HIS A CA  1 
ATOM   1032 C  C   . HIS A 1 145 ? 5.166   4.406   2.687   1.00 13.88 ? 145 HIS A C   1 
ATOM   1033 O  O   . HIS A 1 145 ? 5.404   5.356   3.414   1.00 12.27 ? 145 HIS A O   1 
ATOM   1034 C  CB  . HIS A 1 145 ? 2.860   4.163   2.014   1.00 13.36 ? 145 HIS A CB  1 
ATOM   1035 C  CG  . HIS A 1 145 ? 1.744   4.694   1.214   1.00 12.96 ? 145 HIS A CG  1 
ATOM   1036 N  ND1 . HIS A 1 145 ? 1.522   6.044   1.079   1.00 14.29 ? 145 HIS A ND1 1 
ATOM   1037 C  CD2 . HIS A 1 145 ? 0.755   4.076   0.537   1.00 12.17 ? 145 HIS A CD2 1 
ATOM   1038 C  CE1 . HIS A 1 145 ? 0.438   6.228   0.345   1.00 15.44 ? 145 HIS A CE1 1 
ATOM   1039 N  NE2 . HIS A 1 145 ? -0.035  5.053   0.025   1.00 12.99 ? 145 HIS A NE2 1 
ATOM   1040 N  N   . LEU A 1 146 ? 5.701   3.222   2.860   1.00 13.26 ? 146 LEU A N   1 
ATOM   1041 C  CA  . LEU A 1 146 ? 6.596   2.966   3.979   1.00 14.41 ? 146 LEU A CA  1 
ATOM   1042 C  C   . LEU A 1 146 ? 7.927   3.659   3.801   1.00 16.91 ? 146 LEU A C   1 
ATOM   1043 O  O   . LEU A 1 146 ? 8.661   3.803   4.771   1.00 15.17 ? 146 LEU A O   1 
ATOM   1044 C  CB  . LEU A 1 146 ? 6.814   1.472   4.104   1.00 12.98 ? 146 LEU A CB  1 
ATOM   1045 C  CG  . LEU A 1 146 ? 5.525   0.649   4.200   1.00 12.74 ? 146 LEU A CG  1 
ATOM   1046 C  CD1 . LEU A 1 146 ? 5.862   -0.796  4.479   1.00 12.48 ? 146 LEU A CD1 1 
ATOM   1047 C  CD2 . LEU A 1 146 ? 4.635   1.178   5.296   1.00 12.76 ? 146 LEU A CD2 1 
ATOM   1048 N  N   . VAL A 1 147 ? 8.263   4.045   2.556   1.00 16.46 ? 147 VAL A N   1 
ATOM   1049 C  CA  . VAL A 1 147 ? 9.440   4.827   2.291   1.00 17.77 ? 147 VAL A CA  1 
ATOM   1050 C  C   . VAL A 1 147 ? 9.181   6.300   1.899   1.00 19.55 ? 147 VAL A C   1 
ATOM   1051 O  O   . VAL A 1 147 ? 10.081  6.991   1.388   1.00 19.00 ? 147 VAL A O   1 
ATOM   1052 C  CB  . VAL A 1 147 ? 10.421  4.054   1.333   1.00 19.86 ? 147 VAL A CB  1 
ATOM   1053 C  CG1 . VAL A 1 147 ? 10.874  2.723   1.966   1.00 21.07 ? 147 VAL A CG1 1 
ATOM   1054 C  CG2 . VAL A 1 147 ? 9.863   3.785   -0.078  1.00 21.21 ? 147 VAL A CG2 1 
ATOM   1055 N  N   . GLY A 1 148 ? 7.995   6.789   2.221   1.00 18.75 ? 148 GLY A N   1 
ATOM   1056 C  CA  . GLY A 1 148 ? 7.602   8.167   2.002   1.00 18.95 ? 148 GLY A CA  1 
ATOM   1057 C  C   . GLY A 1 148 ? 7.434   8.556   0.538   1.00 19.57 ? 148 GLY A C   1 
ATOM   1058 O  O   . GLY A 1 148 ? 7.685   9.689   0.178   1.00 19.05 ? 148 GLY A O   1 
ATOM   1059 N  N   . ARG A 1 149 ? 7.003   7.625   -0.304  1.00 19.03 ? 149 ARG A N   1 
ATOM   1060 C  CA  . ARG A 1 149 ? 6.821   7.865   -1.747  1.00 20.16 ? 149 ARG A CA  1 
ATOM   1061 C  C   . ARG A 1 149 ? 5.334   7.708   -2.135  1.00 19.18 ? 149 ARG A C   1 
ATOM   1062 O  O   . ARG A 1 149 ? 4.642   6.757   -1.673  1.00 17.71 ? 149 ARG A O   1 
ATOM   1063 C  CB  . ARG A 1 149 ? 7.731   6.863   -2.426  1.00 25.48 ? 149 ARG A CB  1 
ATOM   1064 C  CG  . ARG A 1 149 ? 7.817   6.929   -3.934  1.00 33.44 ? 149 ARG A CG  1 
ATOM   1065 C  CD  . ARG A 1 149 ? 9.054   7.726   -4.326  1.00 39.41 ? 149 ARG A CD  1 
ATOM   1066 N  NE  . ARG A 1 149 ? 9.012   7.990   -5.759  1.00 41.87 ? 149 ARG A NE  1 
ATOM   1067 C  CZ  . ARG A 1 149 ? 9.835   7.502   -6.666  1.00 41.92 ? 149 ARG A CZ  1 
ATOM   1068 N  NH1 . ARG A 1 149 ? 10.850  6.721   -6.333  1.00 42.86 ? 149 ARG A NH1 1 
ATOM   1069 N  NH2 . ARG A 1 149 ? 9.665   7.839   -7.934  1.00 39.98 ? 149 ARG A NH2 1 
ATOM   1070 N  N   . LEU A 1 150 ? 4.788   8.675   -2.884  1.00 18.17 ? 150 LEU A N   1 
ATOM   1071 C  CA  . LEU A 1 150 ? 3.453   8.578   -3.465  1.00 19.56 ? 150 LEU A CA  1 
ATOM   1072 C  C   . LEU A 1 150 ? 3.477   8.425   -4.974  1.00 17.20 ? 150 LEU A C   1 
ATOM   1073 O  O   . LEU A 1 150 ? 4.454   8.716   -5.594  1.00 16.35 ? 150 LEU A O   1 
ATOM   1074 C  CB  . LEU A 1 150 ? 2.606   9.765   -3.036  1.00 22.27 ? 150 LEU A CB  1 
ATOM   1075 C  CG  . LEU A 1 150 ? 2.725   10.078  -1.521  1.00 26.85 ? 150 LEU A CG  1 
ATOM   1076 C  CD1 . LEU A 1 150 ? 2.341   11.518  -1.182  1.00 27.72 ? 150 LEU A CD1 1 
ATOM   1077 C  CD2 . LEU A 1 150 ? 1.879   9.078   -0.757  1.00 30.22 ? 150 LEU A CD2 1 
ATOM   1078 N  N   . TYR A 1 151 ? 2.363   7.974   -5.540  1.00 15.65 ? 151 TYR A N   1 
ATOM   1079 C  CA  . TYR A 1 151 ? 2.326   7.620   -6.945  1.00 17.09 ? 151 TYR A CA  1 
ATOM   1080 C  C   . TYR A 1 151 ? 2.558   8.779   -7.962  1.00 15.41 ? 151 TYR A C   1 
ATOM   1081 O  O   . TYR A 1 151 ? 3.068   8.493   -9.036  1.00 15.36 ? 151 TYR A O   1 
ATOM   1082 C  CB  . TYR A 1 151 ? 1.090   6.838   -7.285  1.00 16.23 ? 151 TYR A CB  1 
ATOM   1083 C  CG  . TYR A 1 151 ? -0.168  7.614   -7.470  1.00 17.08 ? 151 TYR A CG  1 
ATOM   1084 C  CD1 . TYR A 1 151 ? -0.374  8.428   -8.590  1.00 18.11 ? 151 TYR A CD1 1 
ATOM   1085 C  CD2 . TYR A 1 151 ? -1.204  7.530   -6.554  1.00 19.07 ? 151 TYR A CD2 1 
ATOM   1086 C  CE1 . TYR A 1 151 ? -1.545  9.174   -8.746  1.00 18.24 ? 151 TYR A CE1 1 
ATOM   1087 C  CE2 . TYR A 1 151 ? -2.375  8.238   -6.727  1.00 19.58 ? 151 TYR A CE2 1 
ATOM   1088 C  CZ  . TYR A 1 151 ? -2.539  9.072   -7.821  1.00 19.32 ? 151 TYR A CZ  1 
ATOM   1089 O  OH  . TYR A 1 151 ? -3.719  9.762   -7.987  1.00 19.20 ? 151 TYR A OH  1 
ATOM   1090 N  N   . PRO A 1 152 ? 2.223   10.029  -7.633  1.00 14.83 ? 152 PRO A N   1 
ATOM   1091 C  CA  . PRO A 1 152 ? 2.563   11.109  -8.629  1.00 16.79 ? 152 PRO A CA  1 
ATOM   1092 C  C   . PRO A 1 152 ? 4.011   11.183  -9.046  1.00 16.04 ? 152 PRO A C   1 
ATOM   1093 O  O   . PRO A 1 152 ? 4.289   11.315  -10.254 1.00 17.93 ? 152 PRO A O   1 
ATOM   1094 C  CB  . PRO A 1 152 ? 2.076   12.389  -7.953  1.00 15.98 ? 152 PRO A CB  1 
ATOM   1095 C  CG  . PRO A 1 152 ? 0.940   11.923  -7.158  1.00 16.84 ? 152 PRO A CG  1 
ATOM   1096 C  CD  . PRO A 1 152 ? 1.324   10.567  -6.599  1.00 15.46 ? 152 PRO A CD  1 
ATOM   1097 N  N   . SER A 1 153 ? 4.913   10.933  -8.108  1.00 15.80 ? 153 SER A N   1 
ATOM   1098 C  CA  . SER A 1 153 ? 6.328   10.857  -8.398  1.00 16.14 ? 153 SER A CA  1 
ATOM   1099 C  C   . SER A 1 153 ? 6.745   9.701   -9.273  1.00 15.90 ? 153 SER A C   1 
ATOM   1100 O  O   . SER A 1 153 ? 7.866   9.672   -9.743  1.00 17.00 ? 153 SER A O   1 
ATOM   1101 C  CB  . SER A 1 153 ? 7.154   10.844  -7.090  1.00 16.52 ? 153 SER A CB  1 
ATOM   1102 O  OG  . SER A 1 153 ? 6.993   9.561   -6.503  1.00 17.48 ? 153 SER A OG  1 
ATOM   1103 N  N   . ARG A 1 154 ? 5.851   8.803   -9.609  1.00 15.84 ? 154 ARG A N   1 
ATOM   1104 C  CA  . ARG A 1 154 ? 6.136   7.756   -10.555 1.00 17.34 ? 154 ARG A CA  1 
ATOM   1105 C  C   . ARG A 1 154 ? 5.390   7.870   -11.888 1.00 17.39 ? 154 ARG A C   1 
ATOM   1106 O  O   . ARG A 1 154 ? 5.568   7.032   -12.744 1.00 18.09 ? 154 ARG A O   1 
ATOM   1107 C  CB  . ARG A 1 154 ? 5.784   6.403   -9.926  1.00 19.21 ? 154 ARG A CB  1 
ATOM   1108 C  CG  . ARG A 1 154 ? 6.705   6.114   -8.774  1.00 20.82 ? 154 ARG A CG  1 
ATOM   1109 C  CD  . ARG A 1 154 ? 6.570   4.667   -8.417  1.00 25.10 ? 154 ARG A CD  1 
ATOM   1110 N  NE  . ARG A 1 154 ? 7.355   4.308   -7.254  1.00 23.92 ? 154 ARG A NE  1 
ATOM   1111 C  CZ  . ARG A 1 154 ? 8.565   3.784   -7.284  1.00 29.19 ? 154 ARG A CZ  1 
ATOM   1112 N  NH1 . ARG A 1 154 ? 9.195   3.555   -8.431  1.00 33.33 ? 154 ARG A NH1 1 
ATOM   1113 N  NH2 . ARG A 1 154 ? 9.152   3.437   -6.146  1.00 25.95 ? 154 ARG A NH2 1 
ATOM   1114 N  N   . ILE A 1 155 ? 4.583   8.897   -12.069 1.00 16.37 ? 155 ILE A N   1 
ATOM   1115 C  CA  . ILE A 1 155 ? 3.828   9.054   -13.343 1.00 18.24 ? 155 ILE A CA  1 
ATOM   1116 C  C   . ILE A 1 155 ? 4.867   9.354   -14.450 1.00 18.73 ? 155 ILE A C   1 
ATOM   1117 O  O   . ILE A 1 155 ? 5.718   10.194  -14.254 1.00 17.55 ? 155 ILE A O   1 
ATOM   1118 C  CB  . ILE A 1 155 ? 2.818   10.234  -13.288 1.00 16.54 ? 155 ILE A CB  1 
ATOM   1119 C  CG1 . ILE A 1 155 ? 1.701   9.970   -12.274 1.00 16.27 ? 155 ILE A CG1 1 
ATOM   1120 C  CG2 . ILE A 1 155 ? 2.215   10.492  -14.688 1.00 18.91 ? 155 ILE A CG2 1 
ATOM   1121 C  CD1 . ILE A 1 155 ? 0.796   11.170  -11.984 1.00 14.71 ? 155 ILE A CD1 1 
ATOM   1122 N  N   . GLU A 1 156 ? 4.742   8.674   -15.584 1.00 21.29 ? 156 GLU A N   1 
ATOM   1123 C  CA  . GLU A 1 156 ? 5.534   8.966   -16.804 1.00 22.57 ? 156 GLU A CA  1 
ATOM   1124 C  C   . GLU A 1 156 ? 4.681   9.696   -17.839 1.00 20.20 ? 156 GLU A C   1 
ATOM   1125 O  O   . GLU A 1 156 ? 5.136   10.645  -18.404 1.00 24.42 ? 156 GLU A O   1 
ATOM   1126 C  CB  . GLU A 1 156 ? 6.118   7.677   -17.406 1.00 25.58 ? 156 GLU A CB  1 
ATOM   1127 C  CG  . GLU A 1 156 ? 7.100   6.989   -16.453 1.00 30.10 ? 156 GLU A CG  1 
ATOM   1128 C  CD  . GLU A 1 156 ? 7.754   5.716   -17.015 1.00 34.64 ? 156 GLU A CD  1 
ATOM   1129 O  OE1 . GLU A 1 156 ? 7.182   5.057   -17.930 1.00 34.62 ? 156 GLU A OE1 1 
ATOM   1130 O  OE2 . GLU A 1 156 ? 8.836   5.338   -16.472 1.00 42.58 ? 156 GLU A OE2 1 
ATOM   1131 N  N   . ASN A 1 157 ? 3.436   9.301   -18.021 1.00 19.55 ? 157 ASN A N   1 
ATOM   1132 C  CA  . ASN A 1 157 ? 2.514   9.930   -18.946 1.00 19.74 ? 157 ASN A CA  1 
ATOM   1133 C  C   . ASN A 1 157 ? 1.463   10.764  -18.197 1.00 18.44 ? 157 ASN A C   1 
ATOM   1134 O  O   . ASN A 1 157 ? 0.431   10.257  -17.691 1.00 14.79 ? 157 ASN A O   1 
ATOM   1135 C  CB  . ASN A 1 157 ? 1.825   8.858   -19.837 1.00 20.95 ? 157 ASN A CB  1 
ATOM   1136 C  CG  . ASN A 1 157 ? 0.964   9.471   -20.929 1.00 22.02 ? 157 ASN A CG  1 
ATOM   1137 O  OD1 . ASN A 1 157 ? 0.904   10.683  -21.072 1.00 23.28 ? 157 ASN A OD1 1 
ATOM   1138 N  ND2 . ASN A 1 157 ? 0.289   8.615   -21.712 1.00 23.06 ? 157 ASN A ND2 1 
ATOM   1139 N  N   . PHE A 1 158 ? 1.700   12.077  -18.162 1.00 18.66 ? 158 PHE A N   1 
ATOM   1140 C  CA  . PHE A 1 158 ? 0.749   12.985  -17.453 1.00 18.94 ? 158 PHE A CA  1 
ATOM   1141 C  C   . PHE A 1 158 ? -0.583  13.184  -18.099 1.00 18.10 ? 158 PHE A C   1 
ATOM   1142 O  O   . PHE A 1 158 ? -1.493  13.678  -17.482 1.00 18.94 ? 158 PHE A O   1 
ATOM   1143 C  CB  . PHE A 1 158 ? 1.422   14.299  -17.139 1.00 18.49 ? 158 PHE A CB  1 
ATOM   1144 C  CG  . PHE A 1 158 ? 2.325   14.197  -15.966 1.00 16.67 ? 158 PHE A CG  1 
ATOM   1145 C  CD1 . PHE A 1 158 ? 1.817   14.334  -14.675 1.00 17.71 ? 158 PHE A CD1 1 
ATOM   1146 C  CD2 . PHE A 1 158 ? 3.676   13.857  -16.130 1.00 16.97 ? 158 PHE A CD2 1 
ATOM   1147 C  CE1 . PHE A 1 158 ? 2.681   14.238  -13.559 1.00 17.53 ? 158 PHE A CE1 1 
ATOM   1148 C  CE2 . PHE A 1 158 ? 4.533   13.712  -15.001 1.00 16.92 ? 158 PHE A CE2 1 
ATOM   1149 C  CZ  . PHE A 1 158 ? 4.031   13.929  -13.715 1.00 15.80 ? 158 PHE A CZ  1 
ATOM   1150 N  N   . ASP A 1 159 ? -0.748  12.719  -19.325 1.00 19.01 ? 159 ASP A N   1 
ATOM   1151 C  CA  . ASP A 1 159 ? -2.065  12.665  -19.918 1.00 20.80 ? 159 ASP A CA  1 
ATOM   1152 C  C   . ASP A 1 159 ? -3.061  11.750  -19.215 1.00 19.86 ? 159 ASP A C   1 
ATOM   1153 O  O   . ASP A 1 159 ? -4.258  11.909  -19.398 1.00 17.85 ? 159 ASP A O   1 
ATOM   1154 C  CB  . ASP A 1 159 ? -1.944  12.207  -21.399 1.00 23.15 ? 159 ASP A CB  1 
ATOM   1155 C  CG  . ASP A 1 159 ? -1.276  13.292  -22.331 1.00 25.70 ? 159 ASP A CG  1 
ATOM   1156 O  OD1 . ASP A 1 159 ? -0.868  14.386  -21.883 1.00 26.02 ? 159 ASP A OD1 1 
ATOM   1157 O  OD2 . ASP A 1 159 ? -1.129  12.997  -23.513 1.00 27.99 ? 159 ASP A OD2 1 
ATOM   1158 N  N   . THR A 1 160 ? -2.564  10.770  -18.449 1.00 19.15 ? 160 THR A N   1 
ATOM   1159 C  CA  . THR A 1 160 ? -3.378  9.783   -17.747 1.00 21.78 ? 160 THR A CA  1 
ATOM   1160 C  C   . THR A 1 160 ? -3.757  10.187  -16.380 1.00 19.85 ? 160 THR A C   1 
ATOM   1161 O  O   . THR A 1 160 ? -4.458  9.471   -15.715 1.00 21.99 ? 160 THR A O   1 
ATOM   1162 C  CB  . THR A 1 160 ? -2.605  8.436   -17.583 1.00 23.81 ? 160 THR A CB  1 
ATOM   1163 O  OG1 . THR A 1 160 ? -1.512  8.583   -16.618 1.00 24.33 ? 160 THR A OG1 1 
ATOM   1164 C  CG2 . THR A 1 160 ? -2.107  8.018   -18.909 1.00 23.38 ? 160 THR A CG2 1 
ATOM   1165 N  N   . PHE A 1 161 ? -3.262  11.308  -15.912 1.00 18.94 ? 161 PHE A N   1 
ATOM   1166 C  CA  . PHE A 1 161 ? -3.499  11.701  -14.527 1.00 17.41 ? 161 PHE A CA  1 
ATOM   1167 C  C   . PHE A 1 161 ? -4.712  12.592  -14.496 1.00 18.86 ? 161 PHE A C   1 
ATOM   1168 O  O   . PHE A 1 161 ? -4.761  13.530  -15.229 1.00 17.31 ? 161 PHE A O   1 
ATOM   1169 C  CB  . PHE A 1 161 ? -2.297  12.498  -14.072 1.00 18.22 ? 161 PHE A CB  1 
ATOM   1170 C  CG  . PHE A 1 161 ? -2.298  12.932  -12.623 1.00 16.67 ? 161 PHE A CG  1 
ATOM   1171 C  CD1 . PHE A 1 161 ? -2.947  12.235  -11.646 1.00 16.62 ? 161 PHE A CD1 1 
ATOM   1172 C  CD2 . PHE A 1 161 ? -1.483  14.026  -12.241 1.00 15.36 ? 161 PHE A CD2 1 
ATOM   1173 C  CE1 . PHE A 1 161 ? -2.866  12.635  -10.310 1.00 15.74 ? 161 PHE A CE1 1 
ATOM   1174 C  CE2 . PHE A 1 161 ? -1.362  14.397  -10.913 1.00 16.03 ? 161 PHE A CE2 1 
ATOM   1175 C  CZ  . PHE A 1 161 ? -2.075  13.687  -9.937  1.00 15.94 ? 161 PHE A CZ  1 
ATOM   1176 N  N   . GLY A 1 162 ? -5.671  12.334  -13.631 1.00 16.00 ? 162 GLY A N   1 
ATOM   1177 C  CA  . GLY A 1 162 ? -6.927  13.056  -13.709 1.00 19.91 ? 162 GLY A CA  1 
ATOM   1178 C  C   . GLY A 1 162 ? -7.944  12.539  -12.708 1.00 19.52 ? 162 GLY A C   1 
ATOM   1179 O  O   . GLY A 1 162 ? -7.638  11.639  -11.929 1.00 17.43 ? 162 GLY A O   1 
ATOM   1180 N  N   . PHE A 1 163 ? -9.127  13.146  -12.720 1.00 20.07 ? 163 PHE A N   1 
ATOM   1181 C  CA  . PHE A 1 163 ? -10.173 12.820  -11.784 1.00 21.46 ? 163 PHE A CA  1 
ATOM   1182 C  C   . PHE A 1 163 ? -10.883 11.616  -12.325 1.00 24.10 ? 163 PHE A C   1 
ATOM   1183 O  O   . PHE A 1 163 ? -11.127 11.549  -13.530 1.00 21.93 ? 163 PHE A O   1 
ATOM   1184 C  CB  . PHE A 1 163 ? -11.124 13.995  -11.552 1.00 21.84 ? 163 PHE A CB  1 
ATOM   1185 C  CG  . PHE A 1 163 ? -10.543 15.009  -10.664 1.00 23.09 ? 163 PHE A CG  1 
ATOM   1186 C  CD1 . PHE A 1 163 ? -10.635 14.873  -9.316  1.00 23.17 ? 163 PHE A CD1 1 
ATOM   1187 C  CD2 . PHE A 1 163 ? -9.789  16.039  -11.177 1.00 25.84 ? 163 PHE A CD2 1 
ATOM   1188 C  CE1 . PHE A 1 163 ? -10.013 15.762  -8.490  1.00 25.50 ? 163 PHE A CE1 1 
ATOM   1189 C  CE2 . PHE A 1 163 ? -9.165  16.961  -10.360 1.00 25.84 ? 163 PHE A CE2 1 
ATOM   1190 C  CZ  . PHE A 1 163 ? -9.268  16.822  -8.997  1.00 27.12 ? 163 PHE A CZ  1 
ATOM   1191 N  N   . ASP A 1 164 ? -11.155 10.649  -11.435 1.00 25.95 ? 164 ASP A N   1 
ATOM   1192 C  CA  . ASP A 1 164 ? -11.790 9.378   -11.792 1.00 30.18 ? 164 ASP A CA  1 
ATOM   1193 C  C   . ASP A 1 164 ? -13.060 9.541   -12.651 1.00 31.31 ? 164 ASP A C   1 
ATOM   1194 O  O   . ASP A 1 164 ? -13.253 8.812   -13.623 1.00 30.97 ? 164 ASP A O   1 
ATOM   1195 C  CB  . ASP A 1 164 ? -12.164 8.567   -10.536 1.00 35.12 ? 164 ASP A CB  1 
ATOM   1196 C  CG  . ASP A 1 164 ? -12.791 7.202   -10.881 1.00 40.73 ? 164 ASP A CG  1 
ATOM   1197 O  OD1 . ASP A 1 164 ? -12.184 6.418   -11.682 1.00 37.84 ? 164 ASP A OD1 1 
ATOM   1198 O  OD2 . ASP A 1 164 ? -13.899 6.900   -10.352 1.00 48.32 ? 164 ASP A OD2 1 
ATOM   1199 N  N   . ASP A 1 165 ? -13.906 10.495  -12.280 1.00 33.25 ? 165 ASP A N   1 
ATOM   1200 C  CA  . ASP A 1 165 ? -15.212 10.649  -12.934 1.00 40.85 ? 165 ASP A CA  1 
ATOM   1201 C  C   . ASP A 1 165 ? -15.116 11.258  -14.330 1.00 40.83 ? 165 ASP A C   1 
ATOM   1202 O  O   . ASP A 1 165 ? -16.024 11.167  -15.095 1.00 41.73 ? 165 ASP A O   1 
ATOM   1203 C  CB  . ASP A 1 165 ? -16.235 11.410  -12.048 1.00 44.83 ? 165 ASP A CB  1 
ATOM   1204 C  CG  . ASP A 1 165 ? -15.669 12.662  -11.373 1.00 53.61 ? 165 ASP A CG  1 
ATOM   1205 O  OD1 . ASP A 1 165 ? -14.693 13.272  -11.877 1.00 58.96 ? 165 ASP A OD1 1 
ATOM   1206 O  OD2 . ASP A 1 165 ? -16.232 13.065  -10.319 1.00 62.38 ? 165 ASP A OD2 1 
ATOM   1207 N  N   . VAL A 1 166 ? -13.981 11.835  -14.667 1.00 39.52 ? 166 VAL A N   1 
ATOM   1208 C  CA  . VAL A 1 166 ? -13.804 12.482  -15.918 1.00 36.50 ? 166 VAL A CA  1 
ATOM   1209 C  C   . VAL A 1 166 ? -12.816 11.760  -16.819 1.00 37.61 ? 166 VAL A C   1 
ATOM   1210 O  O   . VAL A 1 166 ? -12.933 11.898  -18.006 1.00 35.87 ? 166 VAL A O   1 
ATOM   1211 C  CB  . VAL A 1 166 ? -13.441 13.969  -15.611 1.00 39.78 ? 166 VAL A CB  1 
ATOM   1212 C  CG1 . VAL A 1 166 ? -12.118 14.390  -16.195 1.00 38.01 ? 166 VAL A CG1 1 
ATOM   1213 C  CG2 . VAL A 1 166 ? -14.602 14.878  -16.023 1.00 41.52 ? 166 VAL A CG2 1 
ATOM   1214 N  N   . LEU A 1 167 ? -11.839 11.007  -16.298 1.00 34.46 ? 167 LEU A N   1 
ATOM   1215 C  CA  . LEU A 1 167 ? -10.849 10.346  -17.177 1.00 35.92 ? 167 LEU A CA  1 
ATOM   1216 C  C   . LEU A 1 167 ? -11.402 9.426   -18.286 1.00 39.23 ? 167 LEU A C   1 
ATOM   1217 O  O   . LEU A 1 167 ? -12.262 8.608   -18.034 1.00 34.94 ? 167 LEU A O   1 
ATOM   1218 C  CB  . LEU A 1 167 ? -9.864  9.523   -16.366 1.00 32.74 ? 167 LEU A CB  1 
ATOM   1219 C  CG  . LEU A 1 167 ? -8.720  10.364  -15.878 1.00 32.13 ? 167 LEU A CG  1 
ATOM   1220 C  CD1 . LEU A 1 167 ? -8.046  9.642   -14.731 1.00 32.94 ? 167 LEU A CD1 1 
ATOM   1221 C  CD2 . LEU A 1 167 ? -7.708  10.649  -16.978 1.00 34.54 ? 167 LEU A CD2 1 
ATOM   1222 N  N   . SER A 1 168 ? -10.869 9.585   -19.502 1.00 41.16 ? 168 SER A N   1 
ATOM   1223 C  CA  . SER A 1 168 ? -11.285 8.793   -20.702 1.00 48.74 ? 168 SER A CA  1 
ATOM   1224 C  C   . SER A 1 168 ? -10.199 7.892   -21.333 1.00 47.06 ? 168 SER A C   1 
ATOM   1225 O  O   . SER A 1 168 ? -10.539 7.014   -22.122 1.00 48.89 ? 168 SER A O   1 
ATOM   1226 C  CB  . SER A 1 168 ? -11.856 9.737   -21.798 1.00 48.46 ? 168 SER A CB  1 
ATOM   1227 O  OG  . SER A 1 168 ? -13.257 9.785   -21.691 1.00 53.30 ? 168 SER A OG  1 
ATOM   1228 N  N   . TYR A 1 169 ? -8.922  8.095   -20.967 1.00 45.64 ? 169 TYR A N   1 
ATOM   1229 C  CA  . TYR A 1 169 ? -7.757  7.379   -21.564 1.00 52.20 ? 169 TYR A CA  1 
ATOM   1230 C  C   . TYR A 1 169 ? -7.908  5.840   -21.912 1.00 47.74 ? 169 TYR A C   1 
ATOM   1231 O  O   . TYR A 1 169 ? -8.055  5.010   -21.028 1.00 45.30 ? 169 TYR A O   1 
ATOM   1232 C  CB  . TYR A 1 169 ? -6.501  7.639   -20.690 1.00 47.79 ? 169 TYR A CB  1 
ATOM   1233 C  CG  . TYR A 1 169 ? -5.214  7.164   -21.339 1.00 46.99 ? 169 TYR A CG  1 
ATOM   1234 C  CD1 . TYR A 1 169 ? -4.467  8.014   -22.208 1.00 44.81 ? 169 TYR A CD1 1 
ATOM   1235 C  CD2 . TYR A 1 169 ? -4.732  5.857   -21.088 1.00 41.97 ? 169 TYR A CD2 1 
ATOM   1236 C  CE1 . TYR A 1 169 ? -3.271  7.567   -22.795 1.00 45.62 ? 169 TYR A CE1 1 
ATOM   1237 C  CE2 . TYR A 1 169 ? -3.549  5.397   -21.663 1.00 44.71 ? 169 TYR A CE2 1 
ATOM   1238 C  CZ  . TYR A 1 169 ? -2.822  6.240   -22.513 1.00 47.00 ? 169 TYR A CZ  1 
ATOM   1239 O  OH  . TYR A 1 169 ? -1.662  5.747   -23.045 1.00 45.34 ? 169 TYR A OH  1 
HETATM 1240 CD CD  . CD  B 2 .   ? -1.956  4.786   -1.297  1.00 33.10 ? 201 CD  A CD  1 
HETATM 1241 CD CD  . CD  C 2 .   ? -19.267 1.384   2.355   1.00 24.74 ? 202 CD  A CD  1 
HETATM 1242 NI NI  . NI  D 3 .   ? 4.894   -9.790  -20.668 1.00 44.42 ? 203 NI  A NI  1 
HETATM 1243 NI NI  . NI  E 3 .   ? -15.517 -0.401  14.850  1.00 39.29 ? 204 NI  A NI  1 
HETATM 1244 O  O1  . K1U F 4 .   ? -4.351  4.311   -0.980  1.00 27.88 ? 205 K1U A O1  1 
HETATM 1245 C  C8  . K1U F 4 .   ? -3.648  3.256   -0.860  1.00 25.99 ? 205 K1U A C8  1 
HETATM 1246 O  O2  . K1U F 4 .   ? -2.252  3.280   -0.426  1.00 13.19 ? 205 K1U A O2  1 
HETATM 1247 C  C24 . K1U F 4 .   ? -4.731  2.233   -1.202  1.00 33.30 ? 205 K1U A C24 1 
HETATM 1248 C  C9  . K1U F 4 .   ? -5.221  2.159   -2.675  1.00 36.10 ? 205 K1U A C9  1 
HETATM 1249 C  C1  . K1U F 4 .   ? -4.387  1.031   -3.318  1.00 36.43 ? 205 K1U A C1  1 
HETATM 1250 C  C2  . K1U F 4 .   ? -4.257  0.801   -4.816  1.00 34.43 ? 205 K1U A C2  1 
HETATM 1251 C  C3  . K1U F 4 .   ? -2.969  0.574   -5.279  1.00 33.21 ? 205 K1U A C3  1 
HETATM 1252 C  C4  . K1U F 4 .   ? -2.730  0.298   -6.604  1.00 30.60 ? 205 K1U A C4  1 
HETATM 1253 C  C5  . K1U F 4 .   ? -3.771  0.210   -7.498  1.00 30.47 ? 205 K1U A C5  1 
HETATM 1254 C  C6  . K1U F 4 .   ? -5.053  0.382   -7.062  1.00 29.85 ? 205 K1U A C6  1 
HETATM 1255 C  C7  . K1U F 4 .   ? -5.309  0.672   -5.725  1.00 33.13 ? 205 K1U A C7  1 
HETATM 1256 C  C10 . K1U F 4 .   ? -6.686  2.164   -3.089  1.00 42.48 ? 205 K1U A C10 1 
HETATM 1257 O  O3  . K1U F 4 .   ? -7.447  1.265   -2.737  1.00 31.39 ? 205 K1U A O3  1 
HETATM 1258 S  S1  . K1U F 4 .   ? -7.346  3.337   -4.119  1.00 59.12 ? 205 K1U A S1  1 
HETATM 1259 C  C11 . K1U F 4 .   ? -9.113  3.474   -3.953  1.00 68.93 ? 205 K1U A C11 1 
HETATM 1260 C  C12 . K1U F 4 .   ? -9.950  2.603   -4.890  1.00 73.54 ? 205 K1U A C12 1 
HETATM 1261 O  O4  . K1U F 4 .   ? -11.158 2.672   -4.673  1.00 77.71 ? 205 K1U A O4  1 
HETATM 1262 C  C13 . K1U F 4 .   ? -9.425  1.725   -6.052  1.00 73.79 ? 205 K1U A C13 1 
HETATM 1263 C  C14 . K1U F 4 .   ? -9.784  0.347   -6.129  1.00 67.04 ? 205 K1U A C14 1 
HETATM 1264 C  C15 . K1U F 4 .   ? -9.344  -0.468  -7.204  1.00 62.08 ? 205 K1U A C15 1 
HETATM 1265 C  C16 . K1U F 4 .   ? -8.538  0.087   -8.222  1.00 63.00 ? 205 K1U A C16 1 
HETATM 1266 C  C17 . K1U F 4 .   ? -8.164  1.452   -8.167  1.00 66.25 ? 205 K1U A C17 1 
HETATM 1267 C  C18 . K1U F 4 .   ? -8.604  2.268   -7.093  1.00 67.31 ? 205 K1U A C18 1 
HETATM 1268 O  O   . HOH G 5 .   ? 7.715   5.730   -12.932 1.00 26.05 ? 301 HOH A O   1 
HETATM 1269 O  O   . HOH G 5 .   ? -11.088 7.250   7.696   1.00 21.81 ? 302 HOH A O   1 
HETATM 1270 O  O   . HOH G 5 .   ? 2.654   6.902   -16.391 1.00 17.29 ? 303 HOH A O   1 
HETATM 1271 O  O   . HOH G 5 .   ? 2.916   8.520   9.144   1.00 25.14 ? 304 HOH A O   1 
HETATM 1272 O  O   . HOH G 5 .   ? 1.056   -13.412 21.457  1.00 19.87 ? 305 HOH A O   1 
HETATM 1273 O  O   . HOH G 5 .   ? -5.582  9.110   -6.201  1.00 24.60 ? 306 HOH A O   1 
HETATM 1274 O  O   . HOH G 5 .   ? 2.233   -5.261  -11.185 1.00 17.08 ? 307 HOH A O   1 
HETATM 1275 O  O   . HOH G 5 .   ? 7.410   -20.311 -3.872  1.00 18.54 ? 308 HOH A O   1 
HETATM 1276 O  O   . HOH G 5 .   ? 6.274   11.757  -12.022 1.00 15.37 ? 309 HOH A O   1 
HETATM 1277 O  O   . HOH G 5 .   ? 3.656   5.058   -5.194  1.00 17.04 ? 310 HOH A O   1 
HETATM 1278 O  O   . HOH G 5 .   ? 9.138   -2.345  5.026   1.00 20.85 ? 311 HOH A O   1 
HETATM 1279 O  O   . HOH G 5 .   ? 2.379   14.297  1.692   1.00 17.09 ? 312 HOH A O   1 
HETATM 1280 O  O   . HOH G 5 .   ? 10.469  1.979   5.727   1.00 13.72 ? 313 HOH A O   1 
HETATM 1281 O  O   . HOH G 5 .   ? 12.783  -14.855 -11.302 1.00 15.48 ? 314 HOH A O   1 
HETATM 1282 O  O   . HOH G 5 .   ? -3.211  -13.694 3.952   1.00 22.89 ? 315 HOH A O   1 
HETATM 1283 O  O   . HOH G 5 .   ? -5.158  -0.925  -14.763 1.00 24.16 ? 316 HOH A O   1 
HETATM 1284 O  O   . HOH G 5 .   ? -1.514  -11.563 7.297   1.00 20.50 ? 317 HOH A O   1 
HETATM 1285 O  O   . HOH G 5 .   ? -3.044  -10.050 -9.421  1.00 25.21 ? 318 HOH A O   1 
HETATM 1286 O  O   . HOH G 5 .   ? 6.984   -0.205  -7.794  1.00 20.53 ? 319 HOH A O   1 
HETATM 1287 O  O   . HOH G 5 .   ? 3.670   13.105  -19.851 1.00 23.82 ? 320 HOH A O   1 
HETATM 1288 O  O   . HOH G 5 .   ? 10.846  -8.463  11.588  1.00 25.09 ? 321 HOH A O   1 
HETATM 1289 O  O   . HOH G 5 .   ? 8.574   -7.964  -13.250 1.00 18.60 ? 322 HOH A O   1 
HETATM 1290 O  O   . HOH G 5 .   ? -9.666  7.475   -7.580  1.00 19.72 ? 323 HOH A O   1 
HETATM 1291 O  O   . HOH G 5 .   ? -10.479 9.435   6.729   1.00 27.53 ? 324 HOH A O   1 
HETATM 1292 O  O   . HOH G 5 .   ? 5.155   -4.007  5.691   1.00 22.12 ? 325 HOH A O   1 
HETATM 1293 O  O   . HOH G 5 .   ? 2.515   4.934   -2.588  1.00 15.58 ? 326 HOH A O   1 
HETATM 1294 O  O   . HOH G 5 .   ? 3.908   -17.636 -3.447  1.00 27.87 ? 327 HOH A O   1 
HETATM 1295 O  O   . HOH G 5 .   ? -1.791  15.870  -15.538 1.00 23.75 ? 328 HOH A O   1 
HETATM 1296 O  O   . HOH G 5 .   ? 2.184   -2.200  -19.920 1.00 32.30 ? 329 HOH A O   1 
HETATM 1297 O  O   . HOH G 5 .   ? 12.254  9.804   7.518   1.00 29.87 ? 330 HOH A O   1 
HETATM 1298 O  O   . HOH G 5 .   ? 4.378   11.946  -5.347  1.00 28.85 ? 331 HOH A O   1 
HETATM 1299 O  O   . HOH G 5 .   ? 0.493   6.665   -3.594  1.00 19.68 ? 332 HOH A O   1 
HETATM 1300 O  O   . HOH G 5 .   ? 12.437  -4.029  -0.053  1.00 20.02 ? 333 HOH A O   1 
HETATM 1301 O  O   . HOH G 5 .   ? -1.434  -13.025 12.192  1.00 27.57 ? 334 HOH A O   1 
HETATM 1302 O  O   . HOH G 5 .   ? -0.337  -12.984 -7.935  1.00 20.05 ? 335 HOH A O   1 
HETATM 1303 O  O   . HOH G 5 .   ? 5.699   -18.683 -2.057  1.00 18.58 ? 336 HOH A O   1 
HETATM 1304 O  O   . HOH G 5 .   ? -8.756  7.005   -4.461  1.00 42.40 ? 337 HOH A O   1 
HETATM 1305 O  O   . HOH G 5 .   ? -9.767  5.402   -8.831  1.00 36.58 ? 338 HOH A O   1 
# 
